data_6VRW
#
_entry.id   6VRW
#
_cell.length_a   1.00
_cell.length_b   1.00
_cell.length_c   1.00
_cell.angle_alpha   90.00
_cell.angle_beta   90.00
_cell.angle_gamma   90.00
#
_symmetry.space_group_name_H-M   'P 1'
#
loop_
_entity.id
_entity.type
_entity.pdbx_description
1 polymer 'Envelope glycoprotein gp120'
2 polymer 'Envelope glycoprotein gp41'
3 branched 2-acetamido-2-deoxy-beta-D-glucopyranose-(1-4)-2-acetamido-2-deoxy-beta-D-glucopyranose
4 branched alpha-D-mannopyranose-(1-3)-[alpha-D-mannopyranose-(1-6)]beta-D-mannopyranose-(1-4)-2-acetamido-2-deoxy-beta-D-glucopyranose-(1-4)-2-acetamido-2-deoxy-beta-D-glucopyranose
5 non-polymer 2-acetamido-2-deoxy-beta-D-glucopyranose
#
loop_
_entity_poly.entity_id
_entity_poly.type
_entity_poly.pdbx_seq_one_letter_code
_entity_poly.pdbx_strand_id
1 'polypeptide(L)'
;GLWVTVYYGVPVWREAKTTLFCASDAKSYEKEVHNVWATHACVPTDPNPQELVLENVTENFNMWKNDMVDQMHEDIISLW
DQSLKPCVKLTPLCVTLNCSDAKVNATYKGTREEIKNCSFNATTELRDKKRREYALFYRLDIVPLSGEGNNNSEYRLINC
NTSVITQICPKVTFDPIPIHYCAPAGYAILKCNNKTFNGTGPCNNVSTVQCTHGIKPVVSTQLLLNGSLAEEEIIIRSEN
LTDNVKTIIVHLNESVEITCTRPNNMTRKSVRIGPGQTFYALGDIIGDIRQPHCNISEIKWEKTLQRVSEKLREHFNKTI
IFNQSSGGDLEITTHSFNCGGEFFYCNTSDLFFNKTFNETYSTGSNSTNSTITLPCRIKQIINMWQEVGRAMYAPPIAGN
ITCKSNITGLLLTRDGGGNNSTKETFRPGGGNMRDNWRSELYKYKVVEVKPLGIAPTECNRTVVQRRRRRR
;
G,A,D
2 'polypeptide(L)'
;AVVGLGAVFLGFLGAAGSTMGAASNTLTVQARQLLSGIVQQQSNLLRAPEAQQHMLQLGVWGFKQLQARVLAIERYLEVQ
QLLGMWGCSGKLICCTNVPWNSSWSNKTYNEIWDNMTWMQWDREIGNYTDTIYKLLEVSQFQQEINEKDNLTLD
;
B,C,E
#
# COMPACT_ATOMS: atom_id res chain seq x y z
N LEU A 2 -24.04 -27.43 35.49
CA LEU A 2 -25.34 -26.97 35.99
C LEU A 2 -25.56 -25.51 35.61
N TRP A 3 -24.46 -24.76 35.51
CA TRP A 3 -24.50 -23.39 35.03
C TRP A 3 -23.47 -23.22 33.92
N VAL A 4 -23.77 -22.31 33.00
CA VAL A 4 -22.88 -22.03 31.88
C VAL A 4 -21.63 -21.33 32.41
N THR A 5 -20.47 -21.84 32.02
CA THR A 5 -19.22 -21.12 32.24
C THR A 5 -18.42 -21.12 30.95
N VAL A 6 -17.51 -20.16 30.85
CA VAL A 6 -16.69 -20.01 29.66
C VAL A 6 -15.26 -20.39 30.01
N TYR A 7 -14.46 -20.59 28.97
CA TYR A 7 -13.07 -20.99 29.13
C TYR A 7 -12.25 -20.29 28.06
N TYR A 8 -11.22 -19.57 28.48
CA TYR A 8 -10.29 -18.96 27.54
C TYR A 8 -9.17 -19.93 27.25
N GLY A 9 -8.83 -20.07 25.98
CA GLY A 9 -7.76 -20.97 25.61
C GLY A 9 -8.13 -22.44 25.69
N VAL A 10 -8.99 -22.89 24.80
CA VAL A 10 -9.31 -24.31 24.69
C VAL A 10 -8.83 -24.81 23.34
N PRO A 11 -8.42 -26.07 23.22
CA PRO A 11 -7.94 -26.55 21.91
C PRO A 11 -9.06 -26.82 20.91
N VAL A 12 -9.49 -25.76 20.23
CA VAL A 12 -10.54 -25.85 19.22
C VAL A 12 -10.06 -25.06 18.00
N TRP A 13 -9.99 -25.72 16.85
CA TRP A 13 -9.60 -25.08 15.61
C TRP A 13 -10.70 -25.21 14.57
N ARG A 14 -10.49 -24.54 13.45
CA ARG A 14 -11.39 -24.61 12.32
C ARG A 14 -10.60 -24.28 11.06
N GLU A 15 -10.86 -25.03 9.99
CA GLU A 15 -10.14 -24.80 8.74
C GLU A 15 -10.56 -23.49 8.11
N ALA A 16 -9.59 -22.73 7.61
CA ALA A 16 -9.86 -21.39 7.12
C ALA A 16 -8.88 -21.04 6.01
N LYS A 17 -8.99 -19.80 5.51
CA LYS A 17 -8.13 -19.28 4.47
C LYS A 17 -7.59 -17.94 4.93
N THR A 18 -6.27 -17.78 4.93
CA THR A 18 -5.64 -16.57 5.44
C THR A 18 -4.42 -16.24 4.62
N THR A 19 -3.69 -15.21 5.06
CA THR A 19 -2.58 -14.64 4.31
C THR A 19 -1.28 -14.88 5.07
N LEU A 20 -0.38 -15.65 4.48
CA LEU A 20 0.87 -16.03 5.11
C LEU A 20 1.96 -15.04 4.72
N PHE A 21 3.17 -15.22 5.28
CA PHE A 21 4.26 -14.32 4.93
C PHE A 21 5.59 -15.07 4.95
N CYS A 22 6.63 -14.40 4.48
CA CYS A 22 7.95 -14.95 4.27
C CYS A 22 8.78 -14.97 5.55
N ALA A 23 9.76 -15.87 5.56
CA ALA A 23 10.76 -15.91 6.63
C ALA A 23 12.01 -16.59 6.04
N SER A 24 13.06 -15.81 5.83
CA SER A 24 14.31 -16.35 5.30
C SER A 24 15.31 -16.56 6.42
N ASP A 25 16.40 -17.25 6.09
CA ASP A 25 17.43 -17.59 7.08
C ASP A 25 18.55 -16.54 7.09
N ALA A 26 18.13 -15.28 7.22
CA ALA A 26 18.97 -14.08 7.18
C ALA A 26 19.88 -14.01 5.94
N GLU A 32 25.83 -8.25 -0.60
CA GLU A 32 24.41 -8.55 -0.52
C GLU A 32 23.71 -8.19 -1.83
N VAL A 33 23.77 -9.09 -2.80
CA VAL A 33 23.15 -8.84 -4.10
C VAL A 33 21.64 -9.04 -3.98
N HIS A 34 20.90 -8.38 -4.87
CA HIS A 34 19.46 -8.53 -4.89
C HIS A 34 19.07 -9.91 -5.40
N ASN A 35 17.89 -10.35 -4.99
CA ASN A 35 17.39 -11.67 -5.32
C ASN A 35 15.89 -11.60 -5.57
N VAL A 36 15.43 -12.40 -6.52
CA VAL A 36 14.02 -12.35 -6.88
C VAL A 36 13.14 -13.05 -5.86
N TRP A 37 13.64 -14.10 -5.20
CA TRP A 37 12.82 -14.84 -4.25
C TRP A 37 12.72 -14.11 -2.92
N ALA A 38 13.84 -14.02 -2.20
CA ALA A 38 13.91 -13.27 -0.96
C ALA A 38 14.62 -11.97 -1.29
N THR A 39 13.88 -10.87 -1.22
CA THR A 39 14.39 -9.57 -1.62
C THR A 39 15.21 -8.88 -0.53
N HIS A 40 15.73 -9.66 0.43
CA HIS A 40 16.29 -9.18 1.71
C HIS A 40 15.29 -8.34 2.49
N ALA A 41 13.99 -8.60 2.27
CA ALA A 41 12.91 -8.03 3.07
C ALA A 41 12.04 -9.20 3.48
N CYS A 42 12.47 -9.87 4.54
CA CYS A 42 11.78 -11.01 5.13
C CYS A 42 12.18 -11.05 6.59
N VAL A 43 11.31 -11.58 7.43
CA VAL A 43 11.62 -11.66 8.86
C VAL A 43 12.66 -12.77 9.06
N PRO A 44 13.57 -12.64 10.02
CA PRO A 44 14.49 -13.74 10.29
C PRO A 44 13.77 -14.88 10.98
N THR A 45 14.18 -16.10 10.65
CA THR A 45 13.53 -17.29 11.16
C THR A 45 13.91 -17.53 12.61
N ASP A 46 13.19 -18.46 13.22
CA ASP A 46 13.60 -18.98 14.51
C ASP A 46 14.84 -19.85 14.33
N PRO A 47 15.89 -19.66 15.14
CA PRO A 47 17.01 -20.60 15.11
C PRO A 47 16.63 -22.00 15.57
N ASN A 48 15.61 -22.13 16.41
CA ASN A 48 15.07 -23.43 16.81
C ASN A 48 13.55 -23.32 16.79
N PRO A 49 12.89 -23.83 15.76
CA PRO A 49 11.43 -23.72 15.69
C PRO A 49 10.76 -24.63 16.71
N GLN A 50 9.68 -24.13 17.29
CA GLN A 50 8.95 -24.84 18.33
C GLN A 50 7.77 -25.56 17.70
N GLU A 51 7.87 -26.88 17.59
CA GLU A 51 6.78 -27.71 17.09
C GLU A 51 6.12 -28.42 18.28
N LEU A 52 4.81 -28.34 18.34
CA LEU A 52 4.04 -28.92 19.43
C LEU A 52 3.38 -30.19 18.91
N VAL A 53 3.86 -31.33 19.35
CA VAL A 53 3.30 -32.60 18.91
C VAL A 53 1.97 -32.84 19.61
N LEU A 54 0.96 -33.19 18.85
CA LEU A 54 -0.33 -33.53 19.41
C LEU A 54 -0.39 -35.02 19.68
N GLU A 55 -1.33 -35.42 20.53
CA GLU A 55 -1.44 -36.80 20.96
C GLU A 55 -2.85 -37.29 20.75
N ASN A 56 -2.98 -38.40 20.03
CA ASN A 56 -4.20 -39.21 19.95
C ASN A 56 -5.35 -38.43 19.31
N VAL A 57 -5.08 -37.93 18.11
CA VAL A 57 -6.03 -37.14 17.34
C VAL A 57 -5.82 -37.44 15.86
N THR A 58 -6.92 -37.66 15.14
CA THR A 58 -6.90 -37.94 13.70
C THR A 58 -7.60 -36.80 12.98
N GLU A 59 -6.86 -36.05 12.19
CA GLU A 59 -7.41 -34.96 11.39
C GLU A 59 -7.19 -35.27 9.92
N ASN A 60 -8.26 -35.23 9.13
CA ASN A 60 -8.18 -35.50 7.71
C ASN A 60 -8.09 -34.19 6.94
N PHE A 61 -7.14 -34.13 6.01
CA PHE A 61 -6.98 -32.95 5.18
C PHE A 61 -6.62 -33.35 3.77
N ASN A 62 -7.08 -32.56 2.82
CA ASN A 62 -6.84 -32.81 1.41
C ASN A 62 -5.55 -32.12 0.97
N MET A 63 -4.88 -32.75 0.01
CA MET A 63 -3.68 -32.15 -0.57
C MET A 63 -4.04 -31.24 -1.74
N TRP A 64 -4.87 -31.72 -2.66
CA TRP A 64 -5.20 -30.98 -3.86
C TRP A 64 -6.14 -29.81 -3.59
N LYS A 65 -6.90 -29.85 -2.49
CA LYS A 65 -7.77 -28.75 -2.13
C LYS A 65 -7.12 -27.75 -1.19
N ASN A 66 -5.81 -27.63 -1.24
CA ASN A 66 -5.09 -26.72 -0.36
C ASN A 66 -5.25 -25.28 -0.84
N ASP A 67 -4.87 -24.35 0.03
CA ASP A 67 -4.86 -22.94 -0.31
C ASP A 67 -3.47 -22.33 -0.36
N MET A 68 -2.49 -22.93 0.31
CA MET A 68 -1.14 -22.41 0.26
C MET A 68 -0.51 -22.60 -1.12
N VAL A 69 -0.92 -23.65 -1.85
CA VAL A 69 -0.42 -23.83 -3.21
C VAL A 69 -1.03 -22.85 -4.20
N ASP A 70 -2.09 -22.14 -3.81
CA ASP A 70 -2.59 -21.05 -4.62
C ASP A 70 -2.09 -19.70 -4.13
N GLN A 71 -1.68 -19.60 -2.88
CA GLN A 71 -0.97 -18.45 -2.38
C GLN A 71 0.53 -18.52 -2.67
N MET A 72 0.99 -19.60 -3.28
CA MET A 72 2.37 -19.70 -3.72
C MET A 72 2.53 -19.44 -5.21
N HIS A 73 1.53 -19.79 -6.01
CA HIS A 73 1.60 -19.50 -7.43
C HIS A 73 1.27 -18.04 -7.74
N GLU A 74 0.65 -17.34 -6.80
CA GLU A 74 0.27 -15.95 -7.07
C GLU A 74 1.40 -14.99 -6.74
N ASP A 75 1.99 -15.12 -5.54
CA ASP A 75 3.00 -14.17 -5.11
C ASP A 75 4.33 -14.34 -5.82
N ILE A 76 4.62 -15.53 -6.33
CA ILE A 76 5.82 -15.71 -7.15
C ILE A 76 5.67 -14.98 -8.47
N ILE A 77 4.46 -15.03 -9.06
CA ILE A 77 4.14 -14.24 -10.23
C ILE A 77 4.29 -12.75 -9.94
N SER A 78 3.80 -12.32 -8.77
CA SER A 78 3.99 -10.93 -8.35
C SER A 78 5.44 -10.60 -8.06
N LEU A 79 6.25 -11.60 -7.65
CA LEU A 79 7.66 -11.35 -7.39
C LEU A 79 8.44 -11.10 -8.67
N TRP A 80 8.21 -11.92 -9.69
CA TRP A 80 8.82 -11.66 -10.98
C TRP A 80 8.27 -10.40 -11.63
N ASP A 81 7.00 -10.08 -11.39
CA ASP A 81 6.46 -8.82 -11.87
C ASP A 81 7.14 -7.64 -11.20
N GLN A 82 7.45 -7.75 -9.92
CA GLN A 82 8.12 -6.67 -9.20
C GLN A 82 9.57 -6.55 -9.63
N SER A 83 10.23 -7.68 -9.91
CA SER A 83 11.66 -7.62 -10.20
C SER A 83 11.94 -7.25 -11.65
N LEU A 84 11.11 -7.69 -12.60
CA LEU A 84 11.36 -7.38 -14.00
C LEU A 84 10.81 -6.02 -14.41
N LYS A 85 10.28 -5.24 -13.47
CA LYS A 85 9.78 -3.90 -13.81
C LYS A 85 10.90 -2.92 -14.15
N PRO A 86 11.86 -2.59 -13.25
CA PRO A 86 12.66 -1.38 -13.49
C PRO A 86 13.83 -1.55 -14.44
N CYS A 87 13.91 -2.63 -15.22
CA CYS A 87 14.95 -2.73 -16.22
C CYS A 87 14.34 -2.73 -17.62
N VAL A 88 15.22 -2.72 -18.62
CA VAL A 88 14.90 -2.27 -19.96
C VAL A 88 14.09 -3.32 -20.70
N LYS A 89 13.07 -2.88 -21.44
CA LYS A 89 12.32 -3.74 -22.33
C LYS A 89 12.97 -3.75 -23.70
N LEU A 90 12.92 -4.90 -24.37
CA LEU A 90 13.48 -5.03 -25.72
C LEU A 90 12.43 -4.78 -26.78
N THR A 91 11.71 -3.67 -26.65
CA THR A 91 10.75 -3.29 -27.69
C THR A 91 11.43 -2.83 -28.98
N PRO A 92 12.42 -1.87 -29.00
CA PRO A 92 12.94 -1.46 -30.30
C PRO A 92 14.01 -2.37 -30.85
N LEU A 93 14.14 -3.57 -30.28
CA LEU A 93 15.18 -4.49 -30.73
C LEU A 93 14.78 -5.18 -32.03
N CYS A 94 13.61 -5.81 -32.06
CA CYS A 94 13.31 -6.77 -33.12
C CYS A 94 12.94 -6.03 -34.41
N VAL A 95 13.82 -6.16 -35.40
CA VAL A 95 13.64 -5.60 -36.73
C VAL A 95 13.86 -6.75 -37.69
N THR A 96 13.92 -6.49 -38.99
CA THR A 96 14.22 -7.55 -39.94
C THR A 96 15.68 -7.93 -39.77
N LEU A 97 15.91 -9.05 -39.08
CA LEU A 97 17.26 -9.52 -38.85
C LEU A 97 17.78 -10.20 -40.12
N ASN A 98 19.10 -10.31 -40.19
CA ASN A 98 19.78 -10.86 -41.36
C ASN A 98 20.83 -11.85 -40.85
N CYS A 99 20.42 -13.10 -40.71
CA CYS A 99 21.21 -14.11 -40.00
C CYS A 99 21.58 -15.22 -40.96
N SER A 100 22.80 -15.73 -40.88
CA SER A 100 23.20 -16.84 -41.73
C SER A 100 23.48 -18.11 -40.95
N ASP A 101 24.51 -18.12 -40.10
CA ASP A 101 25.00 -19.24 -39.31
C ASP A 101 26.22 -18.76 -38.54
N ALA A 102 26.62 -19.55 -37.54
CA ALA A 102 27.93 -19.39 -36.95
C ALA A 102 28.90 -20.36 -37.59
N LYS A 103 30.17 -19.97 -37.62
CA LYS A 103 31.21 -20.75 -38.30
C LYS A 103 32.31 -21.17 -37.33
N VAL A 104 31.93 -21.52 -36.11
CA VAL A 104 32.90 -21.95 -35.11
C VAL A 104 33.08 -23.47 -35.17
N GLU A 113 24.40 -24.53 -37.45
CA GLU A 113 22.95 -24.48 -37.60
C GLU A 113 22.29 -24.20 -36.25
N GLU A 114 22.99 -24.54 -35.16
CA GLU A 114 22.41 -24.36 -33.85
C GLU A 114 22.42 -22.91 -33.42
N ILE A 115 23.44 -22.15 -33.80
CA ILE A 115 23.59 -20.77 -33.41
C ILE A 115 23.76 -19.92 -34.67
N LYS A 116 22.90 -18.93 -34.84
CA LYS A 116 22.93 -18.05 -36.00
C LYS A 116 23.61 -16.73 -35.67
N ASN A 117 24.31 -16.17 -36.66
CA ASN A 117 25.00 -14.90 -36.54
C ASN A 117 24.11 -13.82 -37.14
N CYS A 118 23.36 -13.13 -36.29
CA CYS A 118 22.40 -12.14 -36.72
C CYS A 118 23.04 -10.76 -36.75
N SER A 119 22.64 -9.94 -37.70
CA SER A 119 23.15 -8.58 -37.84
C SER A 119 22.00 -7.66 -38.20
N PHE A 120 21.79 -6.63 -37.38
CA PHE A 120 20.57 -5.83 -37.44
C PHE A 120 20.95 -4.36 -37.29
N ASN A 121 19.95 -3.48 -37.38
CA ASN A 121 20.15 -2.04 -37.28
C ASN A 121 19.55 -1.54 -35.96
N ALA A 122 20.38 -1.37 -34.95
CA ALA A 122 19.91 -0.75 -33.73
C ALA A 122 20.18 0.74 -33.77
N THR A 123 19.38 1.49 -33.02
CA THR A 123 19.60 2.91 -32.88
C THR A 123 20.68 3.16 -31.84
N THR A 124 21.46 4.20 -32.05
CA THR A 124 22.52 4.56 -31.11
C THR A 124 21.93 5.39 -29.98
N GLU A 125 22.79 6.06 -29.21
CA GLU A 125 22.35 6.78 -28.02
C GLU A 125 21.46 7.97 -28.36
N LEU A 126 21.56 8.49 -29.57
CA LEU A 126 20.68 9.54 -30.07
C LEU A 126 19.93 9.00 -31.27
N ARG A 127 18.63 9.30 -31.34
CA ARG A 127 17.76 8.65 -32.33
C ARG A 127 17.82 9.32 -33.70
N ASP A 128 19.03 9.46 -34.23
CA ASP A 128 19.21 9.98 -35.58
C ASP A 128 20.20 9.19 -36.39
N LYS A 129 21.04 8.37 -35.79
CA LYS A 129 22.00 7.54 -36.49
C LYS A 129 21.71 6.07 -36.21
N LYS A 130 22.12 5.21 -37.13
CA LYS A 130 21.88 3.78 -36.99
C LYS A 130 23.15 3.02 -37.34
N ARG A 131 23.74 2.37 -36.35
CA ARG A 131 24.86 1.47 -36.54
C ARG A 131 24.32 0.08 -36.80
N ARG A 132 24.97 -0.67 -37.68
CA ARG A 132 24.62 -2.08 -37.81
C ARG A 132 25.44 -2.85 -36.77
N GLU A 133 24.73 -3.57 -35.92
CA GLU A 133 25.36 -4.32 -34.85
C GLU A 133 25.01 -5.79 -34.96
N TYR A 134 25.97 -6.64 -34.64
CA TYR A 134 25.79 -8.07 -34.79
C TYR A 134 25.72 -8.74 -33.42
N ALA A 135 24.94 -9.81 -33.36
CA ALA A 135 24.81 -10.62 -32.17
C ALA A 135 24.70 -12.07 -32.60
N LEU A 136 24.64 -12.98 -31.63
CA LEU A 136 24.48 -14.39 -31.90
C LEU A 136 23.27 -14.92 -31.14
N PHE A 137 22.36 -15.57 -31.86
CA PHE A 137 21.14 -16.09 -31.28
C PHE A 137 21.05 -17.57 -31.55
N TYR A 138 20.15 -18.24 -30.85
CA TYR A 138 19.92 -19.66 -31.05
C TYR A 138 18.84 -19.89 -32.09
N ARG A 139 18.90 -21.06 -32.73
CA ARG A 139 17.90 -21.41 -33.74
C ARG A 139 16.54 -21.62 -33.11
N LEU A 140 16.49 -21.98 -31.84
CA LEU A 140 15.25 -22.07 -31.08
C LEU A 140 14.74 -20.72 -30.61
N ASP A 141 15.26 -19.62 -31.13
CA ASP A 141 14.89 -18.31 -30.62
C ASP A 141 14.51 -17.31 -31.70
N ILE A 142 14.71 -17.62 -32.98
CA ILE A 142 14.29 -16.73 -34.05
C ILE A 142 13.36 -17.50 -34.98
N VAL A 143 12.47 -16.78 -35.64
CA VAL A 143 11.56 -17.40 -36.61
C VAL A 143 11.76 -16.73 -37.97
N PRO A 144 11.73 -17.49 -39.06
CA PRO A 144 11.93 -16.90 -40.38
C PRO A 144 10.67 -16.18 -40.85
N LEU A 145 10.82 -15.49 -41.99
CA LEU A 145 9.74 -14.73 -42.57
C LEU A 145 9.39 -15.13 -43.99
N SER A 146 10.25 -15.86 -44.68
CA SER A 146 9.97 -16.31 -46.03
C SER A 146 9.58 -17.77 -46.06
N ASN A 151 15.87 -21.26 -47.57
CA ASN A 151 14.95 -20.12 -47.46
C ASN A 151 15.53 -18.88 -48.12
N ASN A 152 15.40 -17.73 -47.45
CA ASN A 152 16.03 -16.51 -47.90
C ASN A 152 16.76 -15.78 -46.78
N SER A 153 16.74 -16.32 -45.56
CA SER A 153 17.50 -15.85 -44.38
C SER A 153 17.15 -14.40 -44.03
N GLU A 154 15.90 -14.23 -43.59
CA GLU A 154 15.47 -13.01 -42.92
C GLU A 154 14.62 -13.41 -41.73
N TYR A 155 15.17 -13.31 -40.53
CA TYR A 155 14.51 -13.77 -39.33
C TYR A 155 14.01 -12.59 -38.50
N ARG A 156 13.23 -12.92 -37.48
CA ARG A 156 12.84 -11.96 -36.46
C ARG A 156 12.82 -12.69 -35.13
N LEU A 157 12.69 -11.92 -34.05
CA LEU A 157 12.60 -12.52 -32.72
C LEU A 157 11.28 -13.26 -32.57
N ILE A 158 11.27 -14.22 -31.64
CA ILE A 158 10.31 -15.32 -31.68
C ILE A 158 8.90 -14.84 -31.35
N ASN A 159 8.74 -13.99 -30.35
CA ASN A 159 7.39 -13.61 -29.96
C ASN A 159 7.28 -12.12 -29.72
N CYS A 160 7.86 -11.30 -30.60
CA CYS A 160 7.49 -9.89 -30.58
C CYS A 160 6.38 -9.59 -31.59
N ASN A 161 5.35 -10.43 -31.54
CA ASN A 161 4.08 -10.15 -32.20
C ASN A 161 2.89 -10.37 -31.29
N THR A 162 3.03 -11.18 -30.25
CA THR A 162 1.97 -11.39 -29.27
C THR A 162 2.24 -10.72 -27.94
N SER A 163 3.50 -10.60 -27.55
CA SER A 163 3.86 -10.13 -26.22
C SER A 163 5.00 -9.13 -26.32
N VAL A 164 4.89 -8.05 -25.55
CA VAL A 164 6.03 -7.18 -25.36
C VAL A 164 7.07 -7.93 -24.54
N ILE A 165 8.33 -7.79 -24.92
CA ILE A 165 9.40 -8.60 -24.36
C ILE A 165 10.35 -7.70 -23.58
N THR A 166 10.57 -8.05 -22.31
CA THR A 166 11.55 -7.38 -21.48
C THR A 166 12.72 -8.31 -21.23
N GLN A 167 13.81 -7.73 -20.75
CA GLN A 167 14.97 -8.51 -20.35
C GLN A 167 15.11 -8.49 -18.85
N ILE A 168 15.84 -9.45 -18.34
CA ILE A 168 16.11 -9.55 -16.92
C ILE A 168 17.15 -8.50 -16.57
N CYS A 169 16.93 -7.79 -15.46
CA CYS A 169 17.93 -6.91 -14.90
C CYS A 169 19.16 -7.75 -14.54
N PRO A 170 20.34 -7.44 -15.08
CA PRO A 170 21.45 -8.40 -15.06
C PRO A 170 22.10 -8.57 -13.70
N LYS A 171 21.79 -7.73 -12.72
CA LYS A 171 22.42 -7.85 -11.41
C LYS A 171 21.79 -8.94 -10.56
N VAL A 172 20.48 -9.15 -10.70
CA VAL A 172 19.77 -10.07 -9.83
C VAL A 172 20.07 -11.52 -10.22
N THR A 173 19.82 -12.42 -9.29
CA THR A 173 20.07 -13.85 -9.46
C THR A 173 18.77 -14.62 -9.33
N PHE A 174 18.84 -15.91 -9.68
CA PHE A 174 17.68 -16.79 -9.61
C PHE A 174 17.91 -17.99 -8.70
N ASP A 175 18.97 -17.98 -7.91
CA ASP A 175 19.33 -19.15 -7.13
C ASP A 175 18.33 -19.33 -5.99
N PRO A 176 17.60 -20.44 -5.96
CA PRO A 176 16.52 -20.58 -4.97
C PRO A 176 17.03 -20.80 -3.56
N ILE A 177 16.95 -19.77 -2.72
CA ILE A 177 17.22 -19.95 -1.31
C ILE A 177 15.89 -20.30 -0.67
N PRO A 178 15.87 -21.14 0.37
CA PRO A 178 14.59 -21.61 0.90
C PRO A 178 13.88 -20.54 1.70
N ILE A 179 12.57 -20.43 1.46
CA ILE A 179 11.73 -19.50 2.20
C ILE A 179 10.79 -20.30 3.08
N HIS A 180 10.46 -19.72 4.23
CA HIS A 180 9.52 -20.30 5.16
C HIS A 180 8.23 -19.49 5.14
N TYR A 181 7.10 -20.17 5.23
CA TYR A 181 5.79 -19.54 5.21
C TYR A 181 5.21 -19.53 6.62
N CYS A 182 5.16 -18.35 7.24
CA CYS A 182 4.60 -18.24 8.57
C CYS A 182 3.17 -17.71 8.53
N ALA A 183 2.30 -18.41 9.25
CA ALA A 183 0.93 -17.97 9.46
C ALA A 183 0.92 -16.76 10.40
N PRO A 184 -0.13 -15.94 10.33
CA PRO A 184 -0.22 -14.81 11.27
C PRO A 184 -0.42 -15.28 12.70
N ALA A 185 -0.19 -14.35 13.62
CA ALA A 185 -0.35 -14.64 15.04
C ALA A 185 -1.83 -14.83 15.36
N GLY A 186 -2.15 -15.97 15.95
CA GLY A 186 -3.52 -16.37 16.14
C GLY A 186 -4.00 -17.44 15.18
N TYR A 187 -3.10 -17.99 14.37
CA TYR A 187 -3.42 -19.10 13.48
C TYR A 187 -2.42 -20.21 13.74
N ALA A 188 -2.69 -21.37 13.17
CA ALA A 188 -1.82 -22.53 13.36
C ALA A 188 -1.65 -23.22 12.02
N ILE A 189 -0.51 -23.87 11.85
CA ILE A 189 -0.24 -24.69 10.68
C ILE A 189 -0.03 -26.11 11.15
N LEU A 190 -0.95 -26.99 10.80
CA LEU A 190 -0.78 -28.39 11.14
C LEU A 190 0.27 -29.00 10.23
N LYS A 191 0.85 -30.11 10.68
CA LYS A 191 1.87 -30.80 9.90
C LYS A 191 1.82 -32.26 10.24
N CYS A 192 1.54 -33.09 9.23
CA CYS A 192 1.47 -34.52 9.46
C CYS A 192 2.87 -35.10 9.58
N ASN A 193 3.04 -36.01 10.53
CA ASN A 193 4.33 -36.64 10.74
C ASN A 193 4.32 -38.12 10.40
N ASN A 194 3.26 -38.60 9.76
CA ASN A 194 3.21 -39.99 9.34
C ASN A 194 4.15 -40.23 8.16
N LYS A 195 4.75 -41.41 8.12
CA LYS A 195 5.77 -41.69 7.12
C LYS A 195 5.16 -42.08 5.78
N THR A 196 4.20 -43.00 5.79
CA THR A 196 3.65 -43.57 4.57
C THR A 196 2.36 -42.87 4.15
N PHE A 197 2.32 -41.56 4.34
CA PHE A 197 1.09 -40.78 4.15
C PHE A 197 0.74 -40.67 2.68
N ASN A 198 -0.23 -41.47 2.26
CA ASN A 198 -1.00 -41.19 1.05
C ASN A 198 -1.63 -39.81 1.17
N GLY A 199 -1.73 -39.11 0.03
CA GLY A 199 -1.88 -37.66 0.02
C GLY A 199 -3.17 -37.12 0.61
N THR A 200 -4.24 -37.91 0.62
CA THR A 200 -5.53 -37.45 1.12
C THR A 200 -6.09 -38.49 2.07
N GLY A 201 -6.40 -38.05 3.30
CA GLY A 201 -6.96 -38.94 4.30
C GLY A 201 -6.59 -38.51 5.70
N PRO A 202 -7.03 -39.27 6.70
CA PRO A 202 -6.70 -38.94 8.09
C PRO A 202 -5.38 -39.57 8.50
N CYS A 203 -4.48 -38.75 9.03
CA CYS A 203 -3.23 -39.24 9.60
C CYS A 203 -3.20 -38.92 11.08
N ASN A 204 -2.61 -39.84 11.87
CA ASN A 204 -2.82 -39.85 13.31
C ASN A 204 -1.58 -39.44 14.10
N ASN A 205 -0.63 -38.77 13.46
CA ASN A 205 0.53 -38.22 14.17
C ASN A 205 0.72 -36.78 13.70
N VAL A 206 -0.01 -35.87 14.33
CA VAL A 206 -0.10 -34.49 13.86
C VAL A 206 0.69 -33.61 14.83
N SER A 207 1.40 -32.64 14.28
CA SER A 207 2.11 -31.67 15.11
C SER A 207 1.92 -30.29 14.52
N THR A 208 1.65 -29.32 15.39
CA THR A 208 1.52 -27.93 14.97
C THR A 208 2.89 -27.29 14.89
N VAL A 209 3.04 -26.37 13.95
CA VAL A 209 4.26 -25.60 13.82
C VAL A 209 3.87 -24.21 13.35
N GLN A 210 4.58 -23.20 13.86
CA GLN A 210 4.29 -21.83 13.48
C GLN A 210 4.60 -21.60 12.00
N CYS A 211 5.76 -22.06 11.55
CA CYS A 211 6.07 -22.05 10.13
C CYS A 211 6.90 -23.24 9.68
N THR A 212 6.65 -23.61 8.42
CA THR A 212 7.14 -24.83 7.80
C THR A 212 8.65 -24.77 7.59
N HIS A 213 9.19 -25.88 7.10
CA HIS A 213 10.60 -26.01 6.85
C HIS A 213 11.00 -25.23 5.61
N GLY A 214 12.28 -25.35 5.25
CA GLY A 214 12.81 -24.59 4.14
C GLY A 214 12.29 -25.11 2.81
N ILE A 215 11.58 -24.26 2.07
CA ILE A 215 11.01 -24.62 0.79
C ILE A 215 11.79 -23.89 -0.29
N LYS A 216 12.56 -24.62 -1.06
CA LYS A 216 13.25 -24.03 -2.21
C LYS A 216 12.24 -23.82 -3.33
N PRO A 217 12.05 -22.59 -3.80
CA PRO A 217 11.08 -22.36 -4.88
C PRO A 217 11.64 -22.73 -6.25
N VAL A 218 11.87 -24.02 -6.45
CA VAL A 218 12.49 -24.53 -7.66
C VAL A 218 11.46 -24.52 -8.78
N VAL A 219 11.94 -24.32 -10.01
CA VAL A 219 11.08 -24.27 -11.19
C VAL A 219 11.51 -25.39 -12.13
N SER A 220 10.68 -26.42 -12.24
CA SER A 220 10.89 -27.47 -13.22
C SER A 220 9.54 -27.99 -13.66
N THR A 221 9.53 -28.74 -14.76
CA THR A 221 8.27 -29.21 -15.32
C THR A 221 8.22 -30.70 -15.62
N GLN A 222 9.35 -31.40 -15.61
CA GLN A 222 9.33 -32.81 -15.94
C GLN A 222 9.78 -33.68 -14.79
N LEU A 223 10.94 -33.39 -14.22
CA LEU A 223 11.49 -34.13 -13.09
C LEU A 223 11.72 -33.13 -11.97
N LEU A 224 11.30 -33.47 -10.76
CA LEU A 224 11.43 -32.54 -9.65
C LEU A 224 12.88 -32.49 -9.18
N LEU A 225 13.33 -31.30 -8.79
CA LEU A 225 14.71 -31.08 -8.44
C LEU A 225 14.82 -30.45 -7.06
N ASN A 226 15.84 -30.87 -6.31
CA ASN A 226 16.25 -30.31 -5.02
C ASN A 226 15.14 -30.36 -3.98
N GLY A 227 14.27 -31.36 -4.07
CA GLY A 227 13.19 -31.48 -3.12
C GLY A 227 13.55 -32.37 -1.95
N SER A 228 12.70 -32.34 -0.93
CA SER A 228 12.87 -33.20 0.22
C SER A 228 12.41 -34.61 -0.11
N LEU A 229 13.21 -35.59 0.27
CA LEU A 229 12.92 -36.99 -0.01
C LEU A 229 11.78 -37.48 0.89
N ALA A 230 11.23 -38.63 0.53
CA ALA A 230 10.24 -39.24 1.39
C ALA A 230 10.92 -39.95 2.56
N GLU A 231 10.11 -40.48 3.45
CA GLU A 231 10.60 -41.28 4.56
C GLU A 231 10.30 -42.74 4.29
N GLU A 232 11.36 -43.54 4.13
CA GLU A 232 11.41 -45.00 4.20
C GLU A 232 10.53 -45.74 3.20
N GLU A 233 9.82 -45.04 2.30
CA GLU A 233 8.99 -45.69 1.29
C GLU A 233 8.98 -44.82 0.04
N ILE A 234 8.37 -45.36 -1.01
CA ILE A 234 8.06 -44.61 -2.22
C ILE A 234 6.58 -44.26 -2.17
N ILE A 235 6.27 -42.98 -2.25
CA ILE A 235 4.90 -42.49 -2.14
C ILE A 235 4.38 -42.19 -3.54
N ILE A 236 3.15 -42.60 -3.82
CA ILE A 236 2.51 -42.33 -5.10
C ILE A 236 1.32 -41.43 -4.88
N ARG A 237 1.52 -40.12 -4.96
CA ARG A 237 0.46 -39.17 -4.67
C ARG A 237 -0.33 -38.86 -5.93
N SER A 238 -1.64 -38.91 -5.82
CA SER A 238 -2.53 -38.59 -6.93
C SER A 238 -3.81 -38.02 -6.37
N GLU A 239 -4.76 -37.75 -7.25
CA GLU A 239 -6.10 -37.35 -6.84
C GLU A 239 -7.15 -38.38 -7.19
N ASN A 240 -7.20 -38.79 -8.45
CA ASN A 240 -8.05 -39.88 -8.91
C ASN A 240 -7.17 -40.82 -9.72
N LEU A 241 -6.92 -42.02 -9.19
CA LEU A 241 -6.07 -42.95 -9.90
C LEU A 241 -6.79 -43.65 -11.04
N THR A 242 -8.11 -43.53 -11.12
CA THR A 242 -8.87 -44.01 -12.27
C THR A 242 -9.19 -42.89 -13.25
N ASP A 243 -8.28 -41.94 -13.39
CA ASP A 243 -8.43 -40.77 -14.25
C ASP A 243 -7.35 -40.78 -15.32
N ASN A 244 -7.52 -39.92 -16.32
CA ASN A 244 -6.54 -39.79 -17.39
C ASN A 244 -5.90 -38.42 -17.48
N VAL A 245 -6.59 -37.35 -17.07
CA VAL A 245 -6.01 -36.03 -17.13
C VAL A 245 -5.34 -35.64 -15.82
N LYS A 246 -5.73 -36.26 -14.71
CA LYS A 246 -5.11 -35.94 -13.42
C LYS A 246 -3.72 -36.56 -13.33
N THR A 247 -2.73 -35.73 -13.02
CA THR A 247 -1.34 -36.16 -13.02
C THR A 247 -1.05 -37.07 -11.83
N ILE A 248 0.13 -37.67 -11.86
CA ILE A 248 0.58 -38.58 -10.81
C ILE A 248 1.93 -38.07 -10.34
N ILE A 249 1.98 -37.55 -9.12
CA ILE A 249 3.25 -37.16 -8.52
C ILE A 249 3.84 -38.39 -7.85
N VAL A 250 5.06 -38.73 -8.21
CA VAL A 250 5.74 -39.89 -7.65
C VAL A 250 6.89 -39.36 -6.80
N HIS A 251 6.66 -39.27 -5.49
CA HIS A 251 7.73 -38.90 -4.58
C HIS A 251 8.73 -40.04 -4.46
N LEU A 252 9.93 -39.70 -4.01
CA LEU A 252 11.03 -40.64 -3.98
C LEU A 252 11.69 -40.67 -2.61
N ASN A 253 12.42 -41.75 -2.35
CA ASN A 253 13.27 -41.84 -1.17
C ASN A 253 14.70 -42.22 -1.52
N GLU A 254 15.02 -42.40 -2.79
CA GLU A 254 16.38 -42.64 -3.26
C GLU A 254 16.75 -41.47 -4.17
N SER A 255 17.62 -40.59 -3.68
CA SER A 255 18.02 -39.43 -4.46
C SER A 255 18.94 -39.84 -5.58
N VAL A 256 18.56 -39.52 -6.82
CA VAL A 256 19.38 -39.80 -8.00
C VAL A 256 20.02 -38.49 -8.42
N GLU A 257 21.34 -38.49 -8.55
CA GLU A 257 22.06 -37.26 -8.84
C GLU A 257 22.08 -36.98 -10.33
N ILE A 258 21.81 -35.74 -10.68
CA ILE A 258 21.87 -35.28 -12.06
C ILE A 258 23.00 -34.26 -12.15
N THR A 259 23.64 -34.18 -13.32
CA THR A 259 24.76 -33.27 -13.55
C THR A 259 24.56 -32.64 -14.92
N CYS A 260 24.26 -31.34 -14.94
CA CYS A 260 23.96 -30.67 -16.20
C CYS A 260 24.93 -29.52 -16.40
N THR A 261 25.45 -29.39 -17.62
CA THR A 261 26.52 -28.45 -17.88
C THR A 261 26.54 -28.11 -19.36
N ARG A 262 27.20 -27.00 -19.68
CA ARG A 262 27.57 -26.69 -21.06
C ARG A 262 29.04 -26.31 -21.07
N PRO A 263 29.88 -26.97 -21.86
CA PRO A 263 31.32 -26.70 -21.83
C PRO A 263 31.81 -25.61 -22.76
N ASN A 264 30.94 -24.75 -23.27
CA ASN A 264 31.37 -23.67 -24.12
C ASN A 264 31.66 -22.42 -23.29
N ASN A 265 32.68 -21.68 -23.70
CA ASN A 265 33.11 -20.48 -23.00
C ASN A 265 32.50 -19.29 -23.73
N MET A 266 31.29 -18.91 -23.32
CA MET A 266 30.59 -17.82 -23.98
C MET A 266 31.17 -16.47 -23.56
N THR A 267 31.14 -15.52 -24.49
CA THR A 267 31.63 -14.17 -24.26
C THR A 267 30.47 -13.21 -24.45
N ARG A 268 30.03 -12.59 -23.37
CA ARG A 268 28.97 -11.61 -23.48
C ARG A 268 29.51 -10.33 -24.11
N LYS A 269 28.58 -9.47 -24.54
CA LYS A 269 28.94 -8.25 -25.25
C LYS A 269 27.83 -7.24 -25.08
N SER A 270 28.18 -6.02 -24.66
CA SER A 270 27.19 -4.98 -24.44
C SER A 270 26.88 -4.26 -25.74
N VAL A 271 25.59 -4.09 -26.03
CA VAL A 271 25.15 -3.28 -27.14
C VAL A 271 24.11 -2.30 -26.64
N ARG A 272 24.10 -1.11 -27.23
CA ARG A 272 23.20 -0.03 -26.83
C ARG A 272 22.13 0.13 -27.88
N ILE A 273 20.87 0.10 -27.46
CA ILE A 273 19.75 0.23 -28.37
C ILE A 273 19.01 1.55 -28.21
N GLY A 274 19.01 2.15 -27.03
CA GLY A 274 18.33 3.40 -26.82
C GLY A 274 19.10 4.32 -25.90
N PRO A 275 18.62 5.54 -25.73
CA PRO A 275 19.27 6.47 -24.80
C PRO A 275 19.13 6.01 -23.36
N GLY A 276 20.25 5.60 -22.76
CA GLY A 276 20.20 4.97 -21.47
C GLY A 276 19.68 3.55 -21.47
N GLN A 277 19.54 2.93 -22.63
CA GLN A 277 18.98 1.60 -22.77
C GLN A 277 19.99 0.71 -23.48
N THR A 278 20.57 -0.23 -22.74
CA THR A 278 21.50 -1.19 -23.29
C THR A 278 21.13 -2.58 -22.84
N PHE A 279 21.64 -3.58 -23.56
CA PHE A 279 21.48 -4.96 -23.13
C PHE A 279 22.69 -5.75 -23.58
N TYR A 280 22.71 -7.02 -23.18
CA TYR A 280 23.85 -7.90 -23.38
C TYR A 280 23.45 -9.03 -24.31
N ALA A 281 24.35 -9.37 -25.23
CA ALA A 281 24.09 -10.44 -26.17
C ALA A 281 25.38 -11.23 -26.36
N LEU A 282 25.25 -12.41 -26.96
CA LEU A 282 26.38 -13.30 -27.13
C LEU A 282 27.31 -12.78 -28.21
N GLY A 283 28.59 -12.65 -27.87
CA GLY A 283 29.60 -12.31 -28.85
C GLY A 283 30.08 -13.55 -29.55
N ASP A 284 31.38 -13.78 -29.57
CA ASP A 284 31.93 -14.98 -30.22
C ASP A 284 32.14 -16.09 -29.20
N ILE A 285 32.24 -17.32 -29.70
CA ILE A 285 32.34 -18.50 -28.87
C ILE A 285 33.77 -19.00 -28.90
N ILE A 286 34.32 -19.28 -27.73
CA ILE A 286 35.72 -19.66 -27.61
C ILE A 286 35.88 -21.14 -27.95
N GLY A 287 36.75 -21.43 -28.91
CA GLY A 287 37.11 -22.80 -29.19
C GLY A 287 36.04 -23.54 -29.97
N ASP A 288 36.20 -24.86 -30.00
CA ASP A 288 35.25 -25.72 -30.70
C ASP A 288 33.94 -25.82 -29.95
N ILE A 289 32.85 -25.78 -30.68
CA ILE A 289 31.51 -25.82 -30.09
C ILE A 289 31.21 -27.25 -29.65
N ARG A 290 30.62 -27.37 -28.46
CA ARG A 290 30.23 -28.67 -27.91
C ARG A 290 28.80 -28.58 -27.40
N GLN A 291 28.15 -29.74 -27.32
CA GLN A 291 26.76 -29.77 -26.94
C GLN A 291 26.60 -29.51 -25.44
N PRO A 292 25.49 -28.91 -25.03
CA PRO A 292 25.13 -28.92 -23.61
C PRO A 292 24.37 -30.19 -23.29
N HIS A 293 24.85 -30.95 -22.32
CA HIS A 293 24.24 -32.24 -22.01
C HIS A 293 24.04 -32.40 -20.51
N CYS A 294 23.18 -33.35 -20.16
CA CYS A 294 22.96 -33.77 -18.79
C CYS A 294 23.37 -35.23 -18.63
N ASN A 295 23.62 -35.63 -17.39
CA ASN A 295 24.10 -36.97 -17.11
C ASN A 295 23.32 -37.60 -15.98
N ILE A 296 23.05 -38.89 -16.13
CA ILE A 296 22.33 -39.69 -15.14
C ILE A 296 23.01 -41.05 -15.08
N SER A 297 23.38 -41.49 -13.88
CA SER A 297 23.96 -42.82 -13.73
C SER A 297 22.92 -43.89 -14.01
N GLU A 298 23.33 -44.92 -14.77
CA GLU A 298 22.36 -45.87 -15.30
C GLU A 298 21.87 -46.83 -14.24
N ILE A 299 22.77 -47.36 -13.39
CA ILE A 299 22.35 -48.29 -12.37
C ILE A 299 21.60 -47.60 -11.24
N LYS A 300 21.79 -46.30 -11.07
CA LYS A 300 20.99 -45.56 -10.11
C LYS A 300 19.65 -45.14 -10.67
N TRP A 301 19.39 -45.42 -11.95
CA TRP A 301 18.13 -45.07 -12.58
C TRP A 301 17.27 -46.27 -12.94
N GLU A 302 17.88 -47.38 -13.35
CA GLU A 302 17.12 -48.58 -13.68
C GLU A 302 16.42 -49.14 -12.44
N LYS A 303 17.13 -49.18 -11.31
CA LYS A 303 16.52 -49.63 -10.07
C LYS A 303 15.46 -48.67 -9.57
N THR A 304 15.61 -47.37 -9.85
CA THR A 304 14.61 -46.40 -9.43
C THR A 304 13.32 -46.56 -10.22
N LEU A 305 13.43 -46.80 -11.53
CA LEU A 305 12.23 -47.07 -12.31
C LEU A 305 11.61 -48.40 -11.94
N GLN A 306 12.40 -49.41 -11.57
CA GLN A 306 11.83 -50.69 -11.18
C GLN A 306 11.07 -50.58 -9.86
N ARG A 307 11.64 -49.84 -8.90
CA ARG A 307 10.98 -49.66 -7.62
C ARG A 307 9.73 -48.79 -7.74
N VAL A 308 9.69 -47.88 -8.70
CA VAL A 308 8.45 -47.14 -8.93
C VAL A 308 7.43 -48.03 -9.64
N SER A 309 7.92 -48.93 -10.52
CA SER A 309 7.01 -49.78 -11.28
C SER A 309 6.27 -50.78 -10.40
N GLU A 310 6.94 -51.32 -9.39
CA GLU A 310 6.25 -52.19 -8.47
C GLU A 310 5.24 -51.45 -7.59
N LYS A 311 5.54 -50.21 -7.21
CA LYS A 311 4.60 -49.41 -6.45
C LYS A 311 3.48 -48.82 -7.31
N LEU A 312 3.55 -48.99 -8.63
CA LEU A 312 2.43 -48.64 -9.51
C LEU A 312 1.65 -49.83 -10.01
N ARG A 313 2.21 -51.03 -9.98
CA ARG A 313 1.48 -52.21 -10.47
C ARG A 313 0.32 -52.56 -9.56
N GLU A 314 0.51 -52.41 -8.24
CA GLU A 314 -0.51 -52.82 -7.28
C GLU A 314 -1.71 -51.87 -7.26
N HIS A 315 -1.59 -50.67 -7.79
CA HIS A 315 -2.73 -49.77 -7.87
C HIS A 315 -3.48 -49.88 -9.19
N PHE A 316 -3.03 -50.74 -10.10
CA PHE A 316 -3.74 -50.98 -11.35
C PHE A 316 -3.92 -52.45 -11.68
N ASN A 317 -3.10 -53.34 -11.10
CA ASN A 317 -3.17 -54.81 -11.27
C ASN A 317 -3.06 -55.20 -12.74
N LYS A 318 -2.18 -54.52 -13.46
CA LYS A 318 -1.79 -54.89 -14.81
C LYS A 318 -0.36 -54.44 -15.00
N THR A 319 0.26 -54.90 -16.08
CA THR A 319 1.64 -54.50 -16.33
C THR A 319 1.70 -53.05 -16.81
N ILE A 320 2.78 -52.37 -16.44
CA ILE A 320 2.97 -50.99 -16.86
C ILE A 320 4.20 -50.92 -17.74
N ILE A 321 4.18 -49.98 -18.69
CA ILE A 321 5.25 -49.77 -19.64
C ILE A 321 5.39 -48.27 -19.83
N PHE A 322 6.56 -47.74 -19.54
CA PHE A 322 6.80 -46.33 -19.78
C PHE A 322 6.95 -46.06 -21.26
N ASN A 323 6.61 -44.84 -21.67
CA ASN A 323 6.71 -44.47 -23.07
C ASN A 323 7.19 -43.04 -23.18
N GLN A 324 7.42 -42.61 -24.42
CA GLN A 324 7.92 -41.28 -24.72
C GLN A 324 6.90 -40.22 -24.36
N SER A 325 7.32 -38.96 -24.43
CA SER A 325 6.36 -37.88 -24.23
C SER A 325 5.52 -37.70 -25.49
N SER A 326 4.56 -36.77 -25.41
CA SER A 326 3.63 -36.58 -26.52
C SER A 326 4.31 -35.89 -27.69
N GLY A 327 4.77 -34.66 -27.49
CA GLY A 327 5.43 -33.88 -28.51
C GLY A 327 4.79 -32.52 -28.62
N GLY A 328 5.09 -31.83 -29.72
CA GLY A 328 4.55 -30.51 -29.97
C GLY A 328 5.57 -29.43 -29.63
N ASP A 329 5.15 -28.47 -28.81
CA ASP A 329 6.05 -27.42 -28.37
C ASP A 329 7.10 -27.97 -27.43
N LEU A 330 8.20 -27.22 -27.28
CA LEU A 330 9.35 -27.70 -26.51
C LEU A 330 9.31 -27.20 -25.08
N GLU A 331 8.13 -27.10 -24.49
CA GLU A 331 8.01 -26.90 -23.06
C GLU A 331 7.23 -28.03 -22.39
N ILE A 332 6.75 -29.00 -23.17
CA ILE A 332 5.99 -30.12 -22.64
C ILE A 332 6.74 -31.44 -22.82
N THR A 333 7.32 -31.65 -24.00
CA THR A 333 8.08 -32.87 -24.29
C THR A 333 9.54 -32.77 -23.91
N THR A 334 9.86 -31.95 -22.91
CA THR A 334 11.24 -31.71 -22.52
C THR A 334 11.36 -31.77 -21.01
N HIS A 335 12.57 -31.57 -20.51
CA HIS A 335 12.84 -31.41 -19.09
C HIS A 335 13.39 -30.00 -18.92
N SER A 336 12.50 -29.05 -18.70
CA SER A 336 12.88 -27.65 -18.57
C SER A 336 13.25 -27.36 -17.13
N PHE A 337 14.37 -26.67 -16.94
CA PHE A 337 14.80 -26.27 -15.61
C PHE A 337 15.77 -25.11 -15.73
N ASN A 338 16.11 -24.55 -14.59
CA ASN A 338 17.01 -23.42 -14.48
C ASN A 338 18.31 -23.88 -13.84
N CYS A 339 19.42 -23.31 -14.29
CA CYS A 339 20.73 -23.73 -13.78
C CYS A 339 21.68 -22.54 -13.88
N GLY A 340 22.01 -21.96 -12.73
CA GLY A 340 23.03 -20.93 -12.65
C GLY A 340 22.73 -19.64 -13.38
N GLY A 341 21.47 -19.39 -13.70
CA GLY A 341 21.12 -18.27 -14.54
C GLY A 341 20.93 -18.58 -16.00
N GLU A 342 20.79 -19.85 -16.37
CA GLU A 342 20.53 -20.24 -17.74
C GLU A 342 19.43 -21.28 -17.77
N PHE A 343 18.59 -21.21 -18.81
CA PHE A 343 17.39 -22.02 -18.89
C PHE A 343 17.58 -23.13 -19.90
N PHE A 344 17.50 -24.36 -19.46
CA PHE A 344 17.77 -25.53 -20.28
C PHE A 344 16.47 -26.15 -20.76
N TYR A 345 16.58 -26.97 -21.81
CA TYR A 345 15.45 -27.72 -22.35
C TYR A 345 16.02 -29.03 -22.88
N CYS A 346 15.99 -30.07 -22.05
CA CYS A 346 16.65 -31.31 -22.38
C CYS A 346 15.65 -32.34 -22.93
N ASN A 347 16.19 -33.33 -23.65
CA ASN A 347 15.35 -34.24 -24.43
C ASN A 347 14.61 -35.24 -23.56
N THR A 348 15.27 -35.76 -22.51
CA THR A 348 14.73 -36.59 -21.40
C THR A 348 13.93 -37.80 -21.85
N SER A 349 14.02 -38.22 -23.12
CA SER A 349 13.18 -39.30 -23.60
C SER A 349 13.96 -40.21 -24.53
N ASP A 350 15.19 -40.54 -24.15
CA ASP A 350 16.04 -41.36 -25.00
C ASP A 350 16.32 -42.73 -24.42
N LEU A 351 16.87 -42.78 -23.21
CA LEU A 351 17.16 -44.03 -22.54
C LEU A 351 16.51 -44.06 -21.17
N PHE A 352 15.44 -43.30 -21.00
CA PHE A 352 14.66 -43.29 -19.77
C PHE A 352 13.30 -43.93 -19.94
N PHE A 353 12.61 -43.61 -21.02
CA PHE A 353 11.18 -43.86 -21.16
C PHE A 353 10.89 -44.63 -22.44
N ASN A 354 11.63 -45.72 -22.64
CA ASN A 354 11.29 -46.69 -23.66
C ASN A 354 11.48 -48.10 -23.13
N LYS A 355 11.33 -48.28 -21.82
CA LYS A 355 11.69 -49.52 -21.13
C LYS A 355 10.50 -50.10 -20.39
N THR A 356 10.40 -51.43 -20.41
CA THR A 356 9.41 -52.17 -19.65
C THR A 356 10.07 -52.80 -18.43
N PHE A 357 9.32 -53.63 -17.70
CA PHE A 357 9.82 -54.25 -16.48
C PHE A 357 9.36 -55.70 -16.43
N ASN A 358 10.31 -56.62 -16.41
CA ASN A 358 9.98 -58.04 -16.34
C ASN A 358 9.65 -58.43 -14.90
N GLU A 359 9.23 -59.68 -14.75
CA GLU A 359 8.87 -60.32 -13.47
C GLU A 359 7.80 -59.57 -12.69
N THR A 368 27.77 -52.42 -14.39
CA THR A 368 28.67 -51.57 -15.15
C THR A 368 28.40 -50.10 -14.87
N ASN A 369 29.45 -49.38 -14.49
CA ASN A 369 29.35 -47.94 -14.20
C ASN A 369 29.32 -47.19 -15.51
N SER A 370 28.15 -47.18 -16.16
CA SER A 370 27.96 -46.44 -17.39
C SER A 370 27.45 -45.04 -17.05
N THR A 371 27.01 -44.31 -18.07
CA THR A 371 26.45 -42.98 -17.88
C THR A 371 25.52 -42.66 -19.05
N ILE A 372 24.27 -42.35 -18.73
CA ILE A 372 23.32 -41.89 -19.74
C ILE A 372 23.53 -40.40 -19.97
N THR A 373 23.69 -40.01 -21.23
CA THR A 373 23.87 -38.61 -21.60
C THR A 373 22.62 -38.13 -22.31
N LEU A 374 22.02 -37.07 -21.80
CA LEU A 374 20.86 -36.54 -22.49
C LEU A 374 21.26 -35.36 -23.34
N PRO A 375 20.88 -35.29 -24.61
CA PRO A 375 21.08 -34.06 -25.37
C PRO A 375 20.12 -32.99 -24.85
N CYS A 376 20.59 -31.75 -24.87
CA CYS A 376 19.86 -30.67 -24.25
C CYS A 376 20.12 -29.38 -25.04
N ARG A 377 19.07 -28.60 -25.27
CA ARG A 377 19.19 -27.35 -26.01
C ARG A 377 18.83 -26.18 -25.11
N ILE A 378 19.43 -25.04 -25.38
CA ILE A 378 19.26 -23.85 -24.54
C ILE A 378 18.45 -22.81 -25.29
N LYS A 379 17.56 -22.13 -24.57
CA LYS A 379 16.80 -21.02 -25.11
C LYS A 379 17.15 -19.75 -24.35
N GLN A 380 17.11 -18.62 -25.04
CA GLN A 380 17.32 -17.33 -24.38
C GLN A 380 15.99 -16.72 -23.95
N ILE A 381 15.09 -16.53 -24.91
CA ILE A 381 13.77 -15.98 -24.62
C ILE A 381 12.88 -17.11 -24.14
N ILE A 382 12.29 -16.94 -22.96
CA ILE A 382 11.44 -17.96 -22.37
C ILE A 382 10.10 -17.35 -22.01
N ASN A 383 9.05 -18.13 -22.21
CA ASN A 383 7.69 -17.76 -21.81
C ASN A 383 7.36 -18.62 -20.61
N MET A 384 7.74 -18.15 -19.43
CA MET A 384 7.50 -18.91 -18.22
C MET A 384 6.01 -18.84 -17.84
N TRP A 385 5.55 -19.90 -17.18
CA TRP A 385 4.17 -20.06 -16.70
C TRP A 385 3.15 -20.02 -17.82
N GLN A 386 3.59 -20.40 -19.04
CA GLN A 386 2.82 -20.63 -20.28
C GLN A 386 1.70 -19.63 -20.57
N GLU A 387 1.90 -18.37 -20.23
CA GLU A 387 0.89 -17.34 -20.41
C GLU A 387 1.33 -16.37 -21.50
N VAL A 388 0.44 -15.45 -21.84
CA VAL A 388 0.72 -14.42 -22.81
C VAL A 388 0.78 -13.09 -22.07
N GLY A 389 1.48 -12.12 -22.65
CA GLY A 389 1.67 -10.82 -22.04
C GLY A 389 2.96 -10.68 -21.25
N ARG A 390 3.61 -11.79 -20.91
CA ARG A 390 4.85 -11.79 -20.17
C ARG A 390 5.84 -12.70 -20.89
N ALA A 391 7.02 -12.17 -21.20
CA ALA A 391 8.06 -12.95 -21.85
C ALA A 391 9.41 -12.34 -21.52
N MET A 392 10.13 -12.94 -20.60
CA MET A 392 11.42 -12.41 -20.18
C MET A 392 12.52 -12.92 -21.11
N TYR A 393 13.65 -12.20 -21.10
CA TYR A 393 14.81 -12.54 -21.90
C TYR A 393 16.00 -12.75 -20.97
N ALA A 394 16.67 -13.86 -21.13
CA ALA A 394 17.79 -14.13 -20.23
C ALA A 394 19.09 -13.68 -20.86
N PRO A 395 19.90 -12.87 -20.16
CA PRO A 395 21.20 -12.50 -20.70
C PRO A 395 22.14 -13.69 -20.64
N PRO A 396 23.12 -13.74 -21.53
CA PRO A 396 24.07 -14.86 -21.51
C PRO A 396 25.03 -14.75 -20.32
N ILE A 397 25.64 -15.89 -20.01
CA ILE A 397 26.53 -16.01 -18.87
C ILE A 397 27.93 -16.34 -19.37
N ALA A 398 28.91 -15.52 -18.97
CA ALA A 398 30.27 -15.69 -19.45
C ALA A 398 30.91 -16.91 -18.84
N GLY A 399 31.48 -17.76 -19.69
CA GLY A 399 32.13 -18.97 -19.23
C GLY A 399 31.16 -20.13 -19.06
N ASN A 400 31.72 -21.28 -18.73
CA ASN A 400 30.93 -22.48 -18.56
C ASN A 400 30.20 -22.49 -17.22
N ILE A 401 29.19 -23.34 -17.14
CA ILE A 401 28.41 -23.56 -15.93
C ILE A 401 28.26 -25.05 -15.72
N THR A 402 28.05 -25.45 -14.46
CA THR A 402 27.88 -26.85 -14.11
C THR A 402 27.08 -26.91 -12.83
N CYS A 403 25.94 -27.59 -12.85
CA CYS A 403 25.10 -27.72 -11.66
C CYS A 403 24.75 -29.17 -11.43
N LYS A 404 24.98 -29.61 -10.19
CA LYS A 404 24.69 -30.98 -9.77
C LYS A 404 23.51 -30.95 -8.82
N SER A 405 22.51 -31.78 -9.09
CA SER A 405 21.26 -31.70 -8.33
C SER A 405 20.71 -33.07 -7.96
N ASN A 406 19.59 -33.07 -7.24
CA ASN A 406 18.97 -34.29 -6.76
C ASN A 406 17.58 -34.42 -7.36
N ILE A 407 17.29 -35.56 -7.97
CA ILE A 407 15.97 -35.83 -8.54
C ILE A 407 15.18 -36.58 -7.48
N THR A 408 14.35 -35.84 -6.74
CA THR A 408 13.45 -36.42 -5.75
C THR A 408 12.04 -36.11 -6.25
N GLY A 409 11.53 -36.94 -7.14
CA GLY A 409 10.18 -36.72 -7.62
C GLY A 409 10.03 -36.77 -9.12
N LEU A 410 8.94 -37.36 -9.59
CA LEU A 410 8.62 -37.43 -11.00
C LEU A 410 7.26 -36.79 -11.24
N LEU A 411 6.84 -36.77 -12.50
CA LEU A 411 5.54 -36.21 -12.88
C LEU A 411 5.03 -37.05 -14.05
N LEU A 412 4.20 -38.02 -13.75
CA LEU A 412 3.68 -38.90 -14.79
C LEU A 412 2.24 -38.57 -15.12
N THR A 413 1.75 -39.14 -16.22
CA THR A 413 0.39 -38.92 -16.67
C THR A 413 -0.06 -40.17 -17.41
N ARG A 414 -1.26 -40.65 -17.09
CA ARG A 414 -1.79 -41.84 -17.75
C ARG A 414 -2.13 -41.53 -19.21
N ASP A 415 -2.15 -42.59 -20.02
CA ASP A 415 -2.30 -42.44 -21.47
C ASP A 415 -3.72 -42.10 -21.88
N GLY A 416 -4.70 -42.82 -21.35
CA GLY A 416 -6.07 -42.67 -21.81
C GLY A 416 -6.58 -43.85 -22.62
N GLY A 417 -6.19 -45.07 -22.24
CA GLY A 417 -6.62 -46.26 -22.94
C GLY A 417 -7.66 -47.05 -22.19
N GLY A 418 -7.27 -48.22 -21.68
CA GLY A 418 -8.19 -49.08 -20.95
C GLY A 418 -8.56 -50.35 -21.70
N THR A 422 -4.93 -55.23 -19.86
CA THR A 422 -4.08 -55.21 -21.05
C THR A 422 -2.67 -54.83 -20.62
N LYS A 423 -2.43 -53.52 -20.55
CA LYS A 423 -1.19 -52.95 -20.04
C LYS A 423 -1.47 -51.51 -19.65
N GLU A 424 -0.40 -50.76 -19.40
CA GLU A 424 -0.55 -49.35 -19.04
C GLU A 424 0.61 -48.55 -19.62
N THR A 425 0.33 -47.32 -20.01
CA THR A 425 1.32 -46.45 -20.63
C THR A 425 1.31 -45.10 -19.91
N PHE A 426 2.48 -44.66 -19.47
CA PHE A 426 2.61 -43.44 -18.70
C PHE A 426 3.46 -42.43 -19.45
N ARG A 427 2.81 -41.38 -19.95
CA ARG A 427 3.52 -40.27 -20.55
C ARG A 427 4.13 -39.41 -19.45
N PRO A 428 5.44 -39.26 -19.39
CA PRO A 428 6.02 -38.32 -18.43
C PRO A 428 5.83 -36.89 -18.90
N GLY A 429 4.96 -36.15 -18.21
CA GLY A 429 4.65 -34.80 -18.63
C GLY A 429 3.95 -34.01 -17.56
N GLY A 430 4.39 -32.76 -17.35
CA GLY A 430 3.84 -31.96 -16.29
C GLY A 430 2.46 -31.43 -16.63
N GLY A 431 1.61 -31.35 -15.61
CA GLY A 431 0.27 -30.85 -15.79
C GLY A 431 0.18 -29.35 -15.59
N ASN A 432 0.94 -28.83 -14.63
CA ASN A 432 0.96 -27.41 -14.32
C ASN A 432 2.28 -27.10 -13.64
N MET A 433 2.36 -25.92 -13.02
CA MET A 433 3.47 -25.60 -12.14
C MET A 433 3.06 -25.57 -10.67
N ARG A 434 1.76 -25.60 -10.37
CA ARG A 434 1.33 -25.74 -8.99
C ARG A 434 1.63 -27.12 -8.45
N ASP A 435 1.66 -28.12 -9.33
CA ASP A 435 2.05 -29.47 -8.91
C ASP A 435 3.51 -29.54 -8.52
N ASN A 436 4.33 -28.61 -9.00
CA ASN A 436 5.71 -28.53 -8.54
C ASN A 436 5.81 -28.02 -7.11
N TRP A 437 4.83 -27.24 -6.65
CA TRP A 437 4.78 -26.85 -5.24
C TRP A 437 4.02 -27.85 -4.40
N ARG A 438 3.22 -28.72 -5.01
CA ARG A 438 2.42 -29.66 -4.23
C ARG A 438 3.19 -30.89 -3.78
N SER A 439 4.52 -30.86 -3.86
CA SER A 439 5.34 -31.88 -3.21
C SER A 439 5.94 -31.41 -1.90
N GLU A 440 6.27 -30.13 -1.80
CA GLU A 440 6.77 -29.57 -0.55
C GLU A 440 5.66 -29.09 0.36
N LEU A 441 4.42 -29.05 -0.11
CA LEU A 441 3.28 -28.63 0.69
C LEU A 441 2.22 -29.73 0.75
N TYR A 442 2.65 -30.98 0.73
CA TYR A 442 1.73 -32.09 0.74
C TYR A 442 1.28 -32.46 2.15
N LYS A 443 1.79 -31.79 3.18
CA LYS A 443 1.48 -32.19 4.54
C LYS A 443 1.24 -30.99 5.43
N TYR A 444 0.69 -29.92 4.88
CA TYR A 444 0.43 -28.71 5.67
C TYR A 444 -0.97 -28.20 5.40
N LYS A 445 -1.65 -27.78 6.45
CA LYS A 445 -2.96 -27.15 6.35
C LYS A 445 -3.03 -26.06 7.40
N VAL A 446 -3.49 -24.88 7.01
CA VAL A 446 -3.58 -23.76 7.94
C VAL A 446 -4.97 -23.75 8.56
N VAL A 447 -5.03 -23.57 9.88
CA VAL A 447 -6.28 -23.53 10.62
C VAL A 447 -6.28 -22.28 11.49
N GLU A 448 -7.48 -21.92 11.94
CA GLU A 448 -7.70 -20.79 12.83
C GLU A 448 -8.19 -21.32 14.15
N VAL A 449 -7.50 -21.00 15.23
CA VAL A 449 -7.91 -21.44 16.55
C VAL A 449 -9.09 -20.60 17.02
N LYS A 450 -10.01 -21.23 17.74
CA LYS A 450 -11.14 -20.56 18.38
C LYS A 450 -11.05 -20.86 19.87
N PRO A 451 -10.32 -20.04 20.62
CA PRO A 451 -9.98 -20.40 22.00
C PRO A 451 -11.09 -20.17 23.02
N LEU A 452 -12.31 -19.91 22.59
CA LEU A 452 -13.44 -19.73 23.51
C LEU A 452 -14.23 -21.02 23.61
N GLY A 453 -14.32 -21.58 24.81
CA GLY A 453 -15.10 -22.77 25.04
C GLY A 453 -16.21 -22.48 26.03
N ILE A 454 -17.27 -23.29 25.97
CA ILE A 454 -18.45 -23.11 26.80
C ILE A 454 -18.83 -24.48 27.36
N ALA A 455 -18.91 -24.59 28.68
CA ALA A 455 -19.22 -25.85 29.30
C ALA A 455 -20.10 -25.63 30.52
N PRO A 456 -20.95 -26.60 30.85
CA PRO A 456 -21.67 -26.53 32.13
C PRO A 456 -20.84 -27.06 33.28
N THR A 457 -20.98 -26.42 34.44
CA THR A 457 -20.25 -26.83 35.63
C THR A 457 -21.11 -26.52 36.86
N GLU A 458 -20.53 -26.71 38.05
CA GLU A 458 -21.28 -26.54 39.28
C GLU A 458 -21.35 -25.08 39.73
N CYS A 459 -20.34 -24.28 39.44
CA CYS A 459 -20.26 -22.94 40.00
C CYS A 459 -21.28 -22.00 39.37
N ASN A 460 -21.69 -20.99 40.13
CA ASN A 460 -22.43 -19.86 39.60
C ASN A 460 -21.83 -18.59 40.18
N ARG A 461 -22.04 -17.48 39.49
CA ARG A 461 -21.51 -16.19 39.92
C ARG A 461 -22.30 -15.72 41.13
N THR A 462 -21.76 -16.00 42.32
CA THR A 462 -22.45 -15.63 43.55
C THR A 462 -22.29 -14.14 43.84
N VAL B 3 5.62 -9.92 20.68
CA VAL B 3 6.05 -11.29 20.42
C VAL B 3 5.01 -12.25 20.99
N GLY B 4 4.56 -11.96 22.21
CA GLY B 4 3.58 -12.78 22.87
C GLY B 4 2.16 -12.39 22.53
N LEU B 5 1.87 -12.31 21.23
CA LEU B 5 0.54 -11.98 20.74
C LEU B 5 -0.14 -13.14 20.03
N GLY B 6 0.62 -14.13 19.55
CA GLY B 6 0.04 -15.32 18.97
C GLY B 6 0.73 -16.59 19.41
N ALA B 7 1.82 -16.43 20.16
CA ALA B 7 2.51 -17.58 20.71
C ALA B 7 1.65 -18.28 21.75
N VAL B 8 0.84 -17.52 22.49
CA VAL B 8 -0.08 -18.11 23.44
C VAL B 8 -1.24 -18.78 22.72
N PHE B 9 -1.60 -18.26 21.54
CA PHE B 9 -2.64 -18.89 20.74
C PHE B 9 -2.19 -20.25 20.23
N LEU B 10 -0.93 -20.36 19.82
CA LEU B 10 -0.38 -21.66 19.48
C LEU B 10 -0.18 -22.54 20.70
N GLY B 11 0.13 -21.94 21.85
CA GLY B 11 0.32 -22.70 23.07
C GLY B 11 -0.94 -23.25 23.69
N PHE B 12 -2.11 -22.75 23.26
CA PHE B 12 -3.38 -23.31 23.74
C PHE B 12 -3.64 -24.71 23.22
N LEU B 13 -2.98 -25.10 22.12
CA LEU B 13 -3.27 -26.35 21.45
C LEU B 13 -2.56 -27.56 22.07
N GLY B 14 -2.00 -27.42 23.27
CA GLY B 14 -1.42 -28.57 23.94
C GLY B 14 -2.52 -29.52 24.40
N ALA B 15 -2.34 -30.80 24.11
CA ALA B 15 -3.28 -31.89 24.42
C ALA B 15 -4.66 -31.62 23.82
N ALA B 16 -4.69 -31.51 22.50
CA ALA B 16 -5.93 -31.27 21.78
C ALA B 16 -6.74 -32.53 21.55
N GLY B 17 -6.30 -33.67 22.07
CA GLY B 17 -7.05 -34.90 21.93
C GLY B 17 -7.38 -35.51 23.27
N SER B 18 -6.96 -34.84 24.33
CA SER B 18 -7.24 -35.33 25.67
C SER B 18 -8.69 -35.06 26.07
N THR B 19 -9.07 -35.61 27.21
CA THR B 19 -10.40 -35.40 27.73
C THR B 19 -10.57 -33.95 28.21
N MET B 20 -11.83 -33.52 28.34
CA MET B 20 -12.11 -32.14 28.73
C MET B 20 -11.74 -31.90 30.19
N GLY B 21 -11.79 -32.92 31.02
CA GLY B 21 -11.35 -32.82 32.40
C GLY B 21 -9.88 -32.96 32.61
N ALA B 22 -9.11 -33.08 31.53
CA ALA B 22 -7.66 -33.14 31.61
C ALA B 22 -6.97 -31.93 31.01
N ALA B 23 -7.66 -31.17 30.16
CA ALA B 23 -7.04 -30.00 29.56
C ALA B 23 -6.85 -28.88 30.57
N SER B 24 -7.65 -28.87 31.64
CA SER B 24 -7.41 -27.96 32.76
C SER B 24 -6.39 -28.52 33.74
N ASN B 25 -5.98 -29.77 33.58
CA ASN B 25 -5.00 -30.40 34.45
C ASN B 25 -3.65 -30.60 33.77
N THR B 26 -3.65 -31.14 32.54
CA THR B 26 -2.44 -31.45 31.82
C THR B 26 -1.90 -30.29 31.01
N LEU B 27 -2.28 -29.06 31.36
CA LEU B 27 -1.63 -27.89 30.79
C LEU B 27 -0.42 -27.47 31.61
N THR B 28 -0.48 -27.66 32.93
CA THR B 28 0.66 -27.33 33.78
C THR B 28 1.79 -28.32 33.64
N VAL B 29 1.52 -29.53 33.14
CA VAL B 29 2.60 -30.49 32.92
C VAL B 29 3.43 -30.12 31.69
N GLN B 30 2.86 -29.37 30.74
CA GLN B 30 3.59 -28.97 29.55
C GLN B 30 4.02 -27.51 29.57
N ALA B 31 3.46 -26.70 30.46
CA ALA B 31 3.84 -25.29 30.57
C ALA B 31 5.01 -25.07 31.51
N ARG B 32 5.74 -26.13 31.89
CA ARG B 32 6.87 -25.96 32.78
C ARG B 32 8.06 -25.29 32.08
N GLN B 33 8.27 -25.62 30.81
CA GLN B 33 9.39 -25.05 30.05
C GLN B 33 9.04 -24.87 28.58
N LEU B 58 8.35 -0.35 0.12
CA LEU B 58 7.14 -1.07 -0.26
C LEU B 58 7.47 -2.23 -1.19
N GLY B 59 7.54 -3.44 -0.63
CA GLY B 59 7.68 -4.64 -1.41
C GLY B 59 6.38 -5.42 -1.49
N VAL B 60 6.47 -6.62 -2.04
CA VAL B 60 5.34 -7.55 -1.96
C VAL B 60 5.18 -8.06 -0.55
N TRP B 61 6.27 -8.52 0.06
CA TRP B 61 6.24 -8.95 1.45
C TRP B 61 5.99 -7.81 2.42
N GLY B 62 6.33 -6.58 2.02
CA GLY B 62 5.96 -5.42 2.82
C GLY B 62 4.47 -5.18 2.91
N PHE B 63 3.71 -5.67 1.93
CA PHE B 63 2.26 -5.63 2.01
C PHE B 63 1.66 -6.90 2.62
N LYS B 64 2.31 -8.05 2.43
CA LYS B 64 1.84 -9.28 3.05
C LYS B 64 1.99 -9.22 4.56
N GLN B 65 3.07 -8.61 5.05
CA GLN B 65 3.26 -8.51 6.49
C GLN B 65 2.28 -7.53 7.13
N LEU B 66 1.93 -6.46 6.42
CA LEU B 66 0.94 -5.53 6.94
C LEU B 66 -0.45 -6.15 6.96
N GLN B 67 -0.81 -6.88 5.90
CA GLN B 67 -2.08 -7.59 5.87
C GLN B 67 -2.13 -8.69 6.92
N ALA B 68 -0.98 -9.27 7.27
CA ALA B 68 -0.96 -10.27 8.34
C ALA B 68 -1.08 -9.63 9.71
N ARG B 69 -0.44 -8.48 9.93
CA ARG B 69 -0.43 -7.89 11.27
C ARG B 69 -1.78 -7.30 11.63
N VAL B 70 -2.51 -6.76 10.65
CA VAL B 70 -3.85 -6.24 10.93
C VAL B 70 -4.79 -7.37 11.31
N LEU B 71 -4.70 -8.51 10.63
CA LEU B 71 -5.50 -9.68 10.97
C LEU B 71 -5.11 -10.27 12.32
N ALA B 72 -3.83 -10.22 12.67
CA ALA B 72 -3.40 -10.73 13.97
C ALA B 72 -3.91 -9.87 15.11
N ILE B 73 -4.01 -8.56 14.87
CA ILE B 73 -4.57 -7.67 15.89
C ILE B 73 -6.08 -7.87 15.98
N GLU B 74 -6.75 -8.02 14.84
CA GLU B 74 -8.20 -8.12 14.82
C GLU B 74 -8.70 -9.42 15.43
N ARG B 75 -7.98 -10.52 15.26
CA ARG B 75 -8.40 -11.78 15.89
C ARG B 75 -8.26 -11.72 17.41
N TYR B 76 -7.32 -10.93 17.91
CA TYR B 76 -7.19 -10.79 19.36
C TYR B 76 -8.25 -9.84 19.91
N LEU B 77 -8.55 -8.77 19.20
CA LEU B 77 -9.52 -7.81 19.71
C LEU B 77 -10.96 -8.33 19.63
N GLU B 78 -11.25 -9.22 18.68
CA GLU B 78 -12.59 -9.79 18.58
C GLU B 78 -12.90 -10.67 19.79
N VAL B 79 -11.96 -11.55 20.16
CA VAL B 79 -12.17 -12.37 21.34
C VAL B 79 -12.04 -11.54 22.61
N GLN B 80 -11.35 -10.38 22.56
CA GLN B 80 -11.29 -9.54 23.74
C GLN B 80 -12.61 -8.83 24.01
N GLN B 81 -13.27 -8.33 22.96
CA GLN B 81 -14.60 -7.75 23.14
C GLN B 81 -15.62 -8.80 23.52
N LEU B 82 -15.51 -10.00 22.97
CA LEU B 82 -16.41 -11.08 23.32
C LEU B 82 -16.23 -11.51 24.78
N LEU B 83 -15.02 -11.38 25.32
CA LEU B 83 -14.85 -11.58 26.74
C LEU B 83 -15.35 -10.39 27.55
N GLY B 84 -15.09 -9.18 27.07
CA GLY B 84 -15.42 -7.98 27.82
C GLY B 84 -16.90 -7.71 27.97
N MET B 85 -17.73 -8.31 27.13
CA MET B 85 -19.17 -8.14 27.29
C MET B 85 -19.77 -9.05 28.36
N TRP B 86 -18.99 -9.99 28.90
CA TRP B 86 -19.54 -10.98 29.84
C TRP B 86 -19.00 -10.80 31.24
N GLY B 87 -18.59 -9.59 31.62
CA GLY B 87 -18.19 -9.32 32.98
C GLY B 87 -16.87 -9.94 33.40
N CYS B 88 -16.06 -10.40 32.45
CA CYS B 88 -14.75 -10.96 32.78
C CYS B 88 -13.80 -10.69 31.63
N SER B 89 -12.77 -9.90 31.90
CA SER B 89 -11.89 -9.38 30.87
C SER B 89 -10.45 -9.74 31.20
N GLY B 90 -10.19 -11.03 31.43
CA GLY B 90 -8.88 -11.49 31.83
C GLY B 90 -8.97 -12.66 32.77
N LYS B 91 -10.18 -12.95 33.23
CA LYS B 91 -10.41 -14.20 33.94
C LYS B 91 -10.37 -15.35 32.94
N LEU B 92 -9.63 -16.40 33.28
CA LEU B 92 -9.57 -17.56 32.39
C LEU B 92 -10.81 -18.42 32.55
N ILE B 93 -11.01 -19.00 33.73
CA ILE B 93 -12.21 -19.78 34.00
C ILE B 93 -13.23 -18.80 34.57
N CYS B 94 -13.89 -18.08 33.69
CA CYS B 94 -14.90 -17.12 34.09
C CYS B 94 -16.21 -17.83 34.34
N CYS B 95 -16.79 -17.61 35.52
CA CYS B 95 -17.95 -18.35 35.97
C CYS B 95 -19.16 -17.42 35.97
N THR B 96 -20.16 -17.72 35.14
CA THR B 96 -21.27 -16.82 34.92
C THR B 96 -22.57 -17.39 35.47
N ASN B 97 -23.50 -16.49 35.75
CA ASN B 97 -24.79 -16.83 36.36
C ASN B 97 -25.89 -16.91 35.30
N VAL B 98 -25.78 -17.93 34.46
CA VAL B 98 -26.79 -18.24 33.45
C VAL B 98 -27.19 -19.70 33.65
N PRO B 99 -28.48 -20.00 33.76
CA PRO B 99 -28.90 -21.39 33.90
C PRO B 99 -28.68 -22.18 32.62
N TRP B 100 -28.39 -23.46 32.78
CA TRP B 100 -28.10 -24.33 31.65
C TRP B 100 -29.39 -24.84 31.04
N ASN B 101 -29.74 -24.33 29.86
CA ASN B 101 -30.89 -24.83 29.13
C ASN B 101 -30.55 -26.20 28.55
N SER B 102 -31.33 -27.21 28.92
CA SER B 102 -31.04 -28.58 28.53
C SER B 102 -31.56 -28.94 27.15
N SER B 103 -32.09 -27.98 26.39
CA SER B 103 -32.39 -28.22 24.99
C SER B 103 -31.14 -28.10 24.11
N TRP B 104 -30.06 -27.58 24.66
CA TRP B 104 -28.79 -27.50 23.94
C TRP B 104 -27.99 -28.79 24.07
N SER B 105 -27.92 -29.34 25.27
CA SER B 105 -27.32 -30.65 25.50
C SER B 105 -28.08 -31.34 26.61
N ASN B 106 -28.01 -32.67 26.63
CA ASN B 106 -28.72 -33.47 27.60
C ASN B 106 -27.82 -34.34 28.45
N LYS B 107 -26.52 -34.35 28.19
CA LYS B 107 -25.61 -35.17 28.96
C LYS B 107 -25.23 -34.46 30.26
N THR B 108 -24.90 -35.23 31.28
CA THR B 108 -24.61 -34.71 32.60
C THR B 108 -23.19 -34.15 32.63
N TYR B 109 -22.75 -33.72 33.82
CA TYR B 109 -21.39 -33.18 33.95
C TYR B 109 -20.34 -34.27 33.86
N ASN B 110 -20.58 -35.40 34.53
CA ASN B 110 -19.61 -36.49 34.51
C ASN B 110 -19.55 -37.19 33.16
N GLU B 111 -20.60 -37.09 32.36
CA GLU B 111 -20.57 -37.68 31.02
C GLU B 111 -19.83 -36.80 30.05
N ILE B 112 -19.99 -35.48 30.16
CA ILE B 112 -19.34 -34.57 29.24
C ILE B 112 -17.85 -34.43 29.57
N TRP B 113 -17.55 -34.12 30.83
CA TRP B 113 -16.21 -33.64 31.17
C TRP B 113 -15.17 -34.75 31.23
N ASP B 114 -15.58 -36.01 31.28
CA ASP B 114 -14.63 -37.10 31.39
C ASP B 114 -14.66 -38.05 30.20
N ASN B 115 -15.59 -37.88 29.26
CA ASN B 115 -15.74 -38.80 28.14
C ASN B 115 -15.93 -38.05 26.84
N MET B 116 -15.18 -36.96 26.66
CA MET B 116 -15.25 -36.15 25.45
C MET B 116 -13.99 -35.31 25.36
N THR B 117 -13.56 -35.04 24.14
CA THR B 117 -12.50 -34.07 23.90
C THR B 117 -13.09 -32.72 23.56
N TRP B 118 -12.25 -31.70 23.61
CA TRP B 118 -12.73 -30.33 23.45
C TRP B 118 -13.12 -30.03 22.01
N MET B 119 -12.54 -30.75 21.05
CA MET B 119 -12.94 -30.56 19.66
C MET B 119 -14.29 -31.21 19.39
N GLN B 120 -14.61 -32.30 20.09
CA GLN B 120 -15.89 -32.96 19.89
C GLN B 120 -17.04 -32.22 20.52
N TRP B 121 -16.77 -31.34 21.48
CA TRP B 121 -17.86 -30.59 22.12
C TRP B 121 -18.44 -29.55 21.17
N ASP B 122 -17.62 -29.03 20.27
CA ASP B 122 -18.07 -27.99 19.34
C ASP B 122 -19.04 -28.51 18.27
N ARG B 123 -19.25 -29.81 18.20
CA ARG B 123 -20.30 -30.32 17.32
C ARG B 123 -21.65 -30.22 17.99
N GLU B 124 -21.75 -30.57 19.27
CA GLU B 124 -23.03 -30.54 19.96
C GLU B 124 -23.46 -29.11 20.26
N ILE B 125 -22.51 -28.27 20.67
CA ILE B 125 -22.85 -26.88 21.00
C ILE B 125 -22.86 -25.99 19.77
N GLY B 126 -22.50 -26.54 18.61
CA GLY B 126 -22.21 -25.75 17.41
C GLY B 126 -23.38 -25.07 16.76
N ASN B 127 -24.62 -25.29 17.21
CA ASN B 127 -25.75 -24.61 16.62
C ASN B 127 -26.52 -23.74 17.61
N TYR B 128 -26.05 -23.63 18.85
CA TYR B 128 -26.67 -22.74 19.82
C TYR B 128 -25.69 -21.68 20.31
N THR B 129 -24.78 -21.24 19.45
CA THR B 129 -23.70 -20.36 19.89
C THR B 129 -24.20 -18.94 20.13
N ASP B 130 -24.87 -18.35 19.13
CA ASP B 130 -25.28 -16.96 19.20
C ASP B 130 -26.40 -16.72 20.21
N THR B 131 -27.31 -17.68 20.38
CA THR B 131 -28.33 -17.56 21.41
C THR B 131 -27.79 -17.70 22.81
N ILE B 132 -26.60 -18.28 22.98
CA ILE B 132 -25.92 -18.26 24.28
C ILE B 132 -25.14 -16.97 24.46
N TYR B 133 -24.56 -16.45 23.38
CA TYR B 133 -23.77 -15.22 23.45
C TYR B 133 -24.63 -14.02 23.83
N LYS B 134 -25.77 -13.86 23.16
CA LYS B 134 -26.66 -12.74 23.48
C LYS B 134 -27.30 -12.89 24.85
N LEU B 135 -27.57 -14.14 25.25
CA LEU B 135 -28.10 -14.40 26.59
C LEU B 135 -27.09 -14.07 27.67
N LEU B 136 -25.81 -14.37 27.43
CA LEU B 136 -24.77 -14.01 28.37
C LEU B 136 -24.60 -12.51 28.46
N GLU B 137 -24.75 -11.80 27.33
CA GLU B 137 -24.60 -10.35 27.32
C GLU B 137 -25.71 -9.67 28.13
N VAL B 138 -26.95 -10.08 27.92
CA VAL B 138 -28.03 -9.44 28.66
C VAL B 138 -28.06 -9.89 30.11
N SER B 139 -27.62 -11.11 30.43
CA SER B 139 -27.56 -11.53 31.82
C SER B 139 -26.40 -10.89 32.55
N GLN B 140 -25.40 -10.39 31.84
CA GLN B 140 -24.38 -9.57 32.47
C GLN B 140 -24.83 -8.12 32.60
N PHE B 141 -25.66 -7.64 31.67
CA PHE B 141 -26.18 -6.28 31.74
C PHE B 141 -27.11 -6.11 32.94
N GLN B 142 -27.86 -7.17 33.28
CA GLN B 142 -28.72 -7.13 34.45
C GLN B 142 -27.95 -6.98 35.75
N GLN B 143 -26.72 -7.50 35.81
CA GLN B 143 -25.91 -7.34 37.00
C GLN B 143 -25.49 -5.90 37.23
N GLU B 144 -25.25 -5.15 36.15
CA GLU B 144 -24.90 -3.75 36.31
C GLU B 144 -26.11 -2.89 36.64
N ILE B 145 -27.28 -3.24 36.10
CA ILE B 145 -28.47 -2.44 36.36
C ILE B 145 -28.98 -2.67 37.78
N ASN B 146 -29.00 -3.91 38.23
CA ASN B 146 -29.73 -4.25 39.46
C ASN B 146 -28.99 -3.82 40.72
N GLU B 147 -27.81 -4.40 40.97
CA GLU B 147 -27.25 -4.35 42.31
C GLU B 147 -26.41 -3.12 42.58
N LYS B 148 -25.78 -2.54 41.56
CA LYS B 148 -24.74 -1.54 41.82
C LYS B 148 -25.33 -0.20 42.23
N ASP B 149 -26.07 0.43 41.34
CA ASP B 149 -26.57 1.78 41.58
C ASP B 149 -28.08 1.90 41.45
N ASN B 150 -28.68 1.21 40.48
CA ASN B 150 -30.10 1.34 40.22
C ASN B 150 -30.86 0.12 40.72
N LEU C 2 -24.32 13.82 42.53
CA LEU C 2 -23.55 14.35 43.65
C LEU C 2 -22.07 14.02 43.48
N TRP C 3 -21.79 12.91 42.80
CA TRP C 3 -20.44 12.54 42.43
C TRP C 3 -20.40 12.21 40.96
N VAL C 4 -19.24 12.46 40.34
CA VAL C 4 -19.03 12.19 38.93
C VAL C 4 -19.03 10.68 38.71
N THR C 5 -19.82 10.22 37.75
CA THR C 5 -19.71 8.86 37.26
C THR C 5 -19.68 8.87 35.75
N VAL C 6 -19.15 7.80 35.18
CA VAL C 6 -19.02 7.68 33.75
C VAL C 6 -20.00 6.62 33.25
N TYR C 7 -20.22 6.60 31.95
CA TYR C 7 -21.14 5.66 31.32
C TYR C 7 -20.56 5.24 29.99
N TYR C 8 -20.41 3.94 29.79
CA TYR C 8 -19.98 3.40 28.51
C TYR C 8 -21.20 3.14 27.65
N GLY C 9 -21.13 3.57 26.39
CA GLY C 9 -22.25 3.34 25.50
C GLY C 9 -23.42 4.25 25.74
N VAL C 10 -23.26 5.54 25.46
CA VAL C 10 -24.38 6.49 25.52
C VAL C 10 -24.65 7.00 24.11
N PRO C 11 -25.89 7.31 23.78
CA PRO C 11 -26.18 7.80 22.41
C PRO C 11 -25.74 9.25 22.17
N VAL C 12 -24.45 9.40 21.85
CA VAL C 12 -23.87 10.71 21.56
C VAL C 12 -23.04 10.57 20.29
N TRP C 13 -23.37 11.37 19.28
CA TRP C 13 -22.61 11.36 18.03
C TRP C 13 -22.05 12.75 17.75
N ARG C 14 -21.24 12.82 16.69
CA ARG C 14 -20.66 14.07 16.24
C ARG C 14 -20.36 13.93 14.76
N GLU C 15 -20.64 14.96 13.98
CA GLU C 15 -20.40 14.92 12.55
C GLU C 15 -18.90 14.93 12.26
N ALA C 16 -18.47 14.09 11.32
CA ALA C 16 -17.05 13.91 11.08
C ALA C 16 -16.83 13.55 9.61
N LYS C 17 -15.57 13.29 9.27
CA LYS C 17 -15.16 12.91 7.93
C LYS C 17 -14.28 11.66 8.04
N THR C 18 -14.64 10.61 7.33
CA THR C 18 -13.95 9.34 7.44
C THR C 18 -13.91 8.66 6.09
N THR C 19 -13.38 7.43 6.08
CA THR C 19 -13.10 6.68 4.86
C THR C 19 -14.00 5.46 4.79
N LEU C 20 -14.89 5.42 3.79
CA LEU C 20 -15.87 4.36 3.65
C LEU C 20 -15.29 3.27 2.74
N PHE C 21 -16.05 2.19 2.55
CA PHE C 21 -15.59 1.12 1.68
C PHE C 21 -16.76 0.47 0.96
N CYS C 22 -16.43 -0.40 0.01
CA CYS C 22 -17.38 -1.05 -0.88
C CYS C 22 -18.04 -2.26 -0.25
N ALA C 23 -19.21 -2.60 -0.79
CA ALA C 23 -19.91 -3.84 -0.44
C ALA C 23 -20.84 -4.19 -1.60
N SER C 24 -20.49 -5.23 -2.34
CA SER C 24 -21.30 -5.66 -3.47
C SER C 24 -22.17 -6.85 -3.07
N ASP C 25 -23.10 -7.20 -3.95
CA ASP C 25 -24.05 -8.28 -3.68
C ASP C 25 -23.55 -9.61 -4.26
N ALA C 26 -22.30 -9.93 -3.91
CA ALA C 26 -21.55 -11.10 -4.38
C ALA C 26 -21.51 -11.22 -5.92
N GLU C 32 -16.98 -15.22 -14.56
CA GLU C 32 -16.72 -14.04 -13.74
C GLU C 32 -15.79 -13.07 -14.45
N VAL C 33 -16.37 -12.24 -15.32
CA VAL C 33 -15.58 -11.27 -16.07
C VAL C 33 -15.21 -10.10 -15.15
N HIS C 34 -14.12 -9.44 -15.49
CA HIS C 34 -13.70 -8.27 -14.73
C HIS C 34 -14.64 -7.10 -14.96
N ASN C 35 -14.70 -6.20 -13.98
CA ASN C 35 -15.59 -5.07 -14.01
C ASN C 35 -14.89 -3.86 -13.41
N VAL C 36 -15.17 -2.69 -13.97
CA VAL C 36 -14.50 -1.48 -13.51
C VAL C 36 -15.07 -1.00 -12.18
N TRP C 37 -16.35 -1.21 -11.91
CA TRP C 37 -16.93 -0.69 -10.67
C TRP C 37 -16.60 -1.59 -9.49
N ALA C 38 -17.13 -2.81 -9.50
CA ALA C 38 -16.81 -3.79 -8.48
C ALA C 38 -15.84 -4.78 -9.12
N THR C 39 -14.60 -4.76 -8.66
CA THR C 39 -13.53 -5.55 -9.25
C THR C 39 -13.51 -6.99 -8.77
N HIS C 40 -14.64 -7.48 -8.26
CA HIS C 40 -14.77 -8.73 -7.48
C HIS C 40 -13.83 -8.73 -6.27
N ALA C 41 -13.53 -7.55 -5.74
CA ALA C 41 -12.81 -7.37 -4.49
C ALA C 41 -13.62 -6.37 -3.67
N CYS C 42 -14.66 -6.90 -3.04
CA CYS C 42 -15.55 -6.14 -2.18
C CYS C 42 -16.12 -7.11 -1.16
N VAL C 43 -16.47 -6.62 0.01
CA VAL C 43 -17.03 -7.49 1.04
C VAL C 43 -18.46 -7.86 0.62
N PRO C 44 -18.94 -9.05 0.95
CA PRO C 44 -20.34 -9.37 0.67
C PRO C 44 -21.26 -8.63 1.61
N THR C 45 -22.41 -8.23 1.09
CA THR C 45 -23.36 -7.44 1.87
C THR C 45 -24.08 -8.31 2.89
N ASP C 46 -24.79 -7.63 3.78
CA ASP C 46 -25.74 -8.31 4.63
C ASP C 46 -26.93 -8.76 3.80
N PRO C 47 -27.37 -10.01 3.92
CA PRO C 47 -28.63 -10.40 3.27
C PRO C 47 -29.84 -9.70 3.85
N ASN C 48 -29.79 -9.27 5.10
CA ASN C 48 -30.84 -8.46 5.71
C ASN C 48 -30.16 -7.37 6.52
N PRO C 49 -30.10 -6.15 6.00
CA PRO C 49 -29.43 -5.06 6.74
C PRO C 49 -30.25 -4.63 7.94
N GLN C 50 -29.54 -4.32 9.02
CA GLN C 50 -30.16 -3.94 10.28
C GLN C 50 -30.19 -2.43 10.39
N GLU C 51 -31.37 -1.85 10.23
CA GLU C 51 -31.57 -0.41 10.39
C GLU C 51 -32.25 -0.16 11.72
N LEU C 52 -31.69 0.77 12.49
CA LEU C 52 -32.21 1.08 13.82
C LEU C 52 -32.94 2.41 13.71
N VAL C 53 -34.26 2.37 13.82
CA VAL C 53 -35.06 3.58 13.73
C VAL C 53 -34.94 4.35 15.04
N LEU C 54 -34.67 5.64 14.94
CA LEU C 54 -34.62 6.49 16.11
C LEU C 54 -35.99 7.10 16.36
N GLU C 55 -36.20 7.57 17.57
CA GLU C 55 -37.51 8.08 17.97
C GLU C 55 -37.35 9.47 18.55
N ASN C 56 -38.11 10.42 18.00
CA ASN C 56 -38.34 11.74 18.59
C ASN C 56 -37.04 12.55 18.68
N VAL C 57 -36.39 12.69 17.53
CA VAL C 57 -35.13 13.41 17.41
C VAL C 57 -35.09 14.10 16.05
N THR C 58 -34.69 15.37 16.04
CA THR C 58 -34.58 16.15 14.81
C THR C 58 -33.12 16.51 14.60
N GLU C 59 -32.52 15.98 13.55
CA GLU C 59 -31.14 16.28 13.18
C GLU C 59 -31.12 16.95 11.82
N ASN C 60 -30.48 18.11 11.74
CA ASN C 60 -30.39 18.86 10.49
C ASN C 60 -29.05 18.55 9.81
N PHE C 61 -29.12 18.25 8.52
CA PHE C 61 -27.92 17.98 7.74
C PHE C 61 -28.05 18.57 6.36
N ASN C 62 -26.92 19.01 5.82
CA ASN C 62 -26.87 19.61 4.50
C ASN C 62 -26.64 18.54 3.44
N MET C 63 -27.21 18.77 2.27
CA MET C 63 -26.98 17.89 1.13
C MET C 63 -25.73 18.29 0.36
N TRP C 64 -25.62 19.57 0.02
CA TRP C 64 -24.52 20.05 -0.79
C TRP C 64 -23.19 20.10 -0.04
N LYS C 65 -23.22 20.14 1.29
CA LYS C 65 -22.01 20.13 2.09
C LYS C 65 -21.61 18.74 2.53
N ASN C 66 -21.99 17.72 1.78
CA ASN C 66 -21.68 16.35 2.13
C ASN C 66 -20.21 16.04 1.85
N ASP C 67 -19.76 14.90 2.37
CA ASP C 67 -18.42 14.41 2.10
C ASP C 67 -18.40 13.12 1.30
N MET C 68 -19.48 12.34 1.34
CA MET C 68 -19.53 11.10 0.56
C MET C 68 -19.57 11.38 -0.93
N VAL C 69 -20.15 12.52 -1.33
CA VAL C 69 -20.16 12.87 -2.75
C VAL C 69 -18.80 13.35 -3.23
N ASP C 70 -17.87 13.64 -2.33
CA ASP C 70 -16.49 13.89 -2.72
C ASP C 70 -15.60 12.66 -2.58
N GLN C 71 -16.01 11.72 -1.74
CA GLN C 71 -15.38 10.41 -1.69
C GLN C 71 -15.94 9.46 -2.74
N MET C 72 -16.92 9.90 -3.52
CA MET C 72 -17.41 9.13 -4.64
C MET C 72 -16.86 9.59 -5.97
N HIS C 73 -16.59 10.89 -6.12
CA HIS C 73 -15.98 11.37 -7.35
C HIS C 73 -14.49 11.10 -7.40
N GLU C 74 -13.87 10.79 -6.27
CA GLU C 74 -12.43 10.56 -6.28
C GLU C 74 -12.09 9.12 -6.59
N ASP C 75 -12.74 8.18 -5.92
CA ASP C 75 -12.38 6.77 -6.08
C ASP C 75 -12.86 6.19 -7.41
N ILE C 76 -13.90 6.76 -8.01
CA ILE C 76 -14.31 6.33 -9.34
C ILE C 76 -13.25 6.74 -10.36
N ILE C 77 -12.70 7.95 -10.21
CA ILE C 77 -11.56 8.39 -11.01
C ILE C 77 -10.38 7.45 -10.82
N SER C 78 -10.10 7.07 -9.57
CA SER C 78 -9.05 6.09 -9.30
C SER C 78 -9.39 4.70 -9.84
N LEU C 79 -10.68 4.36 -9.95
CA LEU C 79 -11.07 3.07 -10.48
C LEU C 79 -10.81 2.98 -11.98
N TRP C 80 -11.19 4.01 -12.72
CA TRP C 80 -10.86 4.04 -14.14
C TRP C 80 -9.37 4.19 -14.38
N ASP C 81 -8.66 4.88 -13.48
CA ASP C 81 -7.21 4.94 -13.57
C ASP C 81 -6.58 3.57 -13.36
N GLN C 82 -7.15 2.77 -12.45
CA GLN C 82 -6.62 1.44 -12.21
C GLN C 82 -6.96 0.49 -13.35
N SER C 83 -8.14 0.65 -13.96
CA SER C 83 -8.56 -0.30 -14.97
C SER C 83 -7.96 0.00 -16.34
N LEU C 84 -7.78 1.27 -16.69
CA LEU C 84 -7.25 1.61 -18.00
C LEU C 84 -5.73 1.59 -18.04
N LYS C 85 -5.07 1.20 -16.94
CA LYS C 85 -3.61 1.12 -16.95
C LYS C 85 -3.07 -0.01 -17.83
N PRO C 86 -3.38 -1.33 -17.58
CA PRO C 86 -2.55 -2.36 -18.21
C PRO C 86 -2.90 -2.71 -19.64
N CYS C 87 -3.69 -1.90 -20.34
CA CYS C 87 -3.92 -2.15 -21.76
C CYS C 87 -3.32 -1.03 -22.60
N VAL C 88 -3.39 -1.22 -23.91
CA VAL C 88 -2.52 -0.55 -24.87
C VAL C 88 -2.96 0.90 -25.07
N LYS C 89 -1.99 1.80 -25.12
CA LYS C 89 -2.24 3.19 -25.48
C LYS C 89 -2.14 3.36 -26.99
N LEU C 90 -2.97 4.24 -27.54
CA LEU C 90 -2.96 4.52 -28.97
C LEU C 90 -2.06 5.70 -29.30
N THR C 91 -0.83 5.66 -28.79
CA THR C 91 0.13 6.71 -29.13
C THR C 91 0.61 6.61 -30.58
N PRO C 92 1.10 5.44 -31.12
CA PRO C 92 1.60 5.47 -32.50
C PRO C 92 0.52 5.34 -33.55
N LEU C 93 -0.73 5.53 -33.15
CA LEU C 93 -1.82 5.39 -34.11
C LEU C 93 -1.96 6.62 -34.99
N CYS C 94 -2.07 7.80 -34.38
CA CYS C 94 -2.52 8.97 -35.13
C CYS C 94 -1.40 9.52 -36.00
N VAL C 95 -1.59 9.40 -37.31
CA VAL C 95 -0.68 9.90 -38.33
C VAL C 95 -1.55 10.73 -39.27
N THR C 96 -1.00 11.18 -40.39
CA THR C 96 -1.81 11.90 -41.36
C THR C 96 -2.75 10.89 -42.02
N LEU C 97 -4.01 10.90 -41.58
CA LEU C 97 -5.01 10.01 -42.11
C LEU C 97 -5.48 10.52 -43.47
N ASN C 98 -6.07 9.62 -44.24
CA ASN C 98 -6.51 9.91 -45.61
C ASN C 98 -7.91 9.34 -45.75
N CYS C 99 -8.91 10.15 -45.43
CA CYS C 99 -10.29 9.70 -45.27
C CYS C 99 -11.16 10.39 -46.30
N SER C 100 -12.10 9.66 -46.89
CA SER C 100 -13.03 10.27 -47.84
C SER C 100 -14.46 10.28 -47.34
N ASP C 101 -15.08 9.11 -47.20
CA ASP C 101 -16.46 8.87 -46.80
C ASP C 101 -16.70 7.37 -46.80
N ALA C 102 -17.82 6.96 -46.20
CA ALA C 102 -18.31 5.61 -46.40
C ALA C 102 -19.38 5.64 -47.49
N LYS C 103 -19.52 4.52 -48.19
CA LYS C 103 -20.43 4.43 -49.33
C LYS C 103 -21.47 3.33 -49.11
N VAL C 104 -21.96 3.20 -47.89
CA VAL C 104 -22.96 2.20 -47.58
C VAL C 104 -24.36 2.78 -47.75
N GLU C 113 -21.41 10.87 -44.98
CA GLU C 113 -20.78 11.99 -44.32
C GLU C 113 -20.63 11.74 -42.83
N GLU C 114 -21.47 10.85 -42.30
CA GLU C 114 -21.44 10.57 -40.87
C GLU C 114 -20.25 9.69 -40.50
N ILE C 115 -19.88 8.76 -41.36
CA ILE C 115 -18.79 7.82 -41.11
C ILE C 115 -17.79 7.91 -42.24
N LYS C 116 -16.53 8.18 -41.90
CA LYS C 116 -15.47 8.31 -42.89
C LYS C 116 -14.64 7.03 -42.96
N ASN C 117 -14.16 6.73 -44.17
CA ASN C 117 -13.33 5.56 -44.43
C ASN C 117 -11.88 6.01 -44.43
N CYS C 118 -11.20 5.86 -43.31
CA CYS C 118 -9.84 6.33 -43.13
C CYS C 118 -8.85 5.23 -43.49
N SER C 119 -7.72 5.61 -44.07
CA SER C 119 -6.67 4.67 -44.44
C SER C 119 -5.32 5.28 -44.11
N PHE C 120 -4.54 4.57 -43.30
CA PHE C 120 -3.35 5.14 -42.67
C PHE C 120 -2.22 4.11 -42.74
N ASN C 121 -1.04 4.51 -42.27
CA ASN C 121 0.14 3.65 -42.26
C ASN C 121 0.47 3.24 -40.84
N ALA C 122 0.04 2.06 -40.43
CA ALA C 122 0.46 1.55 -39.14
C ALA C 122 1.69 0.68 -39.30
N THR C 123 2.47 0.58 -38.24
CA THR C 123 3.61 -0.31 -38.21
C THR C 123 3.14 -1.73 -37.92
N THR C 124 3.83 -2.70 -38.50
CA THR C 124 3.51 -4.09 -38.28
C THR C 124 4.18 -4.57 -37.00
N GLU C 125 4.25 -5.90 -36.82
CA GLU C 125 4.76 -6.45 -35.57
C GLU C 125 6.24 -6.17 -35.35
N LEU C 126 6.98 -5.91 -36.43
CA LEU C 126 8.37 -5.50 -36.36
C LEU C 126 8.49 -4.12 -36.97
N ARG C 127 9.26 -3.24 -36.32
CA ARG C 127 9.27 -1.83 -36.69
C ARG C 127 10.19 -1.54 -37.87
N ASP C 128 9.99 -2.25 -38.97
CA ASP C 128 10.74 -1.97 -40.18
C ASP C 128 9.86 -1.97 -41.42
N LYS C 129 8.65 -2.51 -41.37
CA LYS C 129 7.74 -2.50 -42.50
C LYS C 129 6.47 -1.75 -42.11
N LYS C 130 5.78 -1.23 -43.12
CA LYS C 130 4.57 -0.46 -42.89
C LYS C 130 3.51 -0.89 -43.88
N ARG C 131 2.46 -1.51 -43.37
CA ARG C 131 1.28 -1.85 -44.15
C ARG C 131 0.31 -0.68 -44.09
N ARG C 132 -0.38 -0.41 -45.20
CA ARG C 132 -1.46 0.57 -45.13
C ARG C 132 -2.73 -0.18 -44.71
N GLU C 133 -3.32 0.27 -43.63
CA GLU C 133 -4.49 -0.37 -43.07
C GLU C 133 -5.63 0.63 -43.00
N TYR C 134 -6.84 0.14 -43.26
CA TYR C 134 -8.01 1.00 -43.30
C TYR C 134 -8.92 0.70 -42.11
N ALA C 135 -9.60 1.75 -41.66
CA ALA C 135 -10.58 1.66 -40.59
C ALA C 135 -11.71 2.62 -40.91
N LEU C 136 -12.74 2.61 -40.08
CA LEU C 136 -13.87 3.52 -40.23
C LEU C 136 -14.07 4.30 -38.95
N PHE C 137 -14.12 5.62 -39.08
CA PHE C 137 -14.27 6.50 -37.92
C PHE C 137 -15.48 7.38 -38.13
N TYR C 138 -15.90 8.03 -37.05
CA TYR C 138 -17.03 8.94 -37.12
C TYR C 138 -16.56 10.35 -37.40
N ARG C 139 -17.45 11.15 -37.99
CA ARG C 139 -17.13 12.54 -38.31
C ARG C 139 -16.95 13.37 -37.04
N LEU C 140 -17.58 12.96 -35.94
CA LEU C 140 -17.39 13.58 -34.64
C LEU C 140 -16.11 13.12 -33.95
N ASP C 141 -15.20 12.46 -34.66
CA ASP C 141 -14.04 11.89 -34.02
C ASP C 141 -12.71 12.23 -34.71
N ILE C 142 -12.74 12.84 -35.89
CA ILE C 142 -11.52 13.26 -36.55
C ILE C 142 -11.61 14.75 -36.85
N VAL C 143 -10.45 15.40 -36.91
CA VAL C 143 -10.41 16.81 -37.25
C VAL C 143 -9.55 17.01 -38.48
N PRO C 144 -9.93 17.91 -39.39
CA PRO C 144 -9.14 18.11 -40.60
C PRO C 144 -7.90 18.96 -40.32
N LEU C 145 -7.05 19.06 -41.35
CA LEU C 145 -5.81 19.80 -41.24
C LEU C 145 -5.67 20.93 -42.25
N SER C 146 -6.47 20.94 -43.30
CA SER C 146 -6.41 22.00 -44.29
C SER C 146 -7.56 22.98 -44.12
N ASN C 151 -12.65 20.58 -48.84
CA ASN C 151 -11.33 20.70 -48.23
C ASN C 151 -10.28 20.00 -49.10
N ASN C 152 -9.38 19.25 -48.44
CA ASN C 152 -8.42 18.43 -49.14
C ASN C 152 -8.34 17.01 -48.59
N SER C 153 -9.12 16.69 -47.56
CA SER C 153 -9.29 15.36 -46.98
C SER C 153 -7.97 14.79 -46.47
N GLU C 154 -7.46 15.43 -45.42
CA GLU C 154 -6.37 14.89 -44.62
C GLU C 154 -6.71 15.14 -43.16
N TYR C 155 -7.14 14.10 -42.45
CA TYR C 155 -7.60 14.25 -41.09
C TYR C 155 -6.59 13.68 -40.11
N ARG C 156 -6.84 13.93 -38.83
CA ARG C 156 -6.11 13.30 -37.75
C ARG C 156 -7.08 13.01 -36.62
N LEU C 157 -6.63 12.24 -35.63
CA LEU C 157 -7.47 11.95 -34.48
C LEU C 157 -7.67 13.21 -33.64
N ILE C 158 -8.76 13.21 -32.86
CA ILE C 158 -9.35 14.46 -32.40
C ILE C 158 -8.48 15.15 -31.35
N ASN C 159 -7.92 14.40 -30.42
CA ASN C 159 -7.17 15.05 -29.35
C ASN C 159 -5.86 14.34 -29.07
N CYS C 160 -5.13 13.94 -30.12
CA CYS C 160 -3.75 13.56 -29.88
C CYS C 160 -2.79 14.74 -30.13
N ASN C 161 -3.15 15.87 -29.54
CA ASN C 161 -2.26 17.01 -29.40
C ASN C 161 -2.24 17.57 -27.99
N THR C 162 -3.28 17.35 -27.20
CA THR C 162 -3.31 17.76 -25.81
C THR C 162 -3.16 16.63 -24.83
N SER C 163 -3.64 15.44 -25.18
CA SER C 163 -3.70 14.32 -24.26
C SER C 163 -3.22 13.05 -24.94
N VAL C 164 -2.41 12.28 -24.22
CA VAL C 164 -2.13 10.92 -24.67
C VAL C 164 -3.40 10.11 -24.55
N ILE C 165 -3.66 9.27 -25.55
CA ILE C 165 -4.92 8.57 -25.67
C ILE C 165 -4.69 7.08 -25.51
N THR C 166 -5.41 6.47 -24.58
CA THR C 166 -5.40 5.04 -24.40
C THR C 166 -6.73 4.46 -24.82
N GLN C 167 -6.76 3.15 -25.01
CA GLN C 167 -7.99 2.45 -25.31
C GLN C 167 -8.41 1.62 -24.11
N ILE C 168 -9.68 1.28 -24.10
CA ILE C 168 -10.23 0.43 -23.06
C ILE C 168 -9.78 -1.00 -23.30
N CYS C 169 -9.36 -1.68 -22.25
CA CYS C 169 -9.10 -3.10 -22.30
C CYS C 169 -10.40 -3.81 -22.68
N PRO C 170 -10.44 -4.58 -23.77
CA PRO C 170 -11.73 -4.98 -24.35
C PRO C 170 -12.47 -6.04 -23.56
N LYS C 171 -11.85 -6.65 -22.56
CA LYS C 171 -12.54 -7.70 -21.82
C LYS C 171 -13.49 -7.12 -20.77
N VAL C 172 -13.14 -5.98 -20.19
CA VAL C 172 -13.91 -5.45 -19.07
C VAL C 172 -15.21 -4.82 -19.59
N THR C 173 -16.17 -4.66 -18.67
CA THR C 173 -17.48 -4.12 -18.97
C THR C 173 -17.71 -2.84 -18.16
N PHE C 174 -18.79 -2.14 -18.51
CA PHE C 174 -19.15 -0.89 -17.84
C PHE C 174 -20.52 -0.95 -17.20
N ASP C 175 -21.13 -2.12 -17.12
CA ASP C 175 -22.50 -2.23 -16.67
C ASP C 175 -22.58 -1.94 -15.18
N PRO C 176 -23.30 -0.90 -14.76
CA PRO C 176 -23.25 -0.50 -13.35
C PRO C 176 -24.02 -1.45 -12.44
N ILE C 177 -23.28 -2.25 -11.68
CA ILE C 177 -23.91 -3.05 -10.65
C ILE C 177 -23.88 -2.20 -9.39
N PRO C 178 -24.89 -2.29 -8.52
CA PRO C 178 -24.95 -1.36 -7.38
C PRO C 178 -23.93 -1.70 -6.31
N ILE C 179 -23.27 -0.67 -5.81
CA ILE C 179 -22.32 -0.81 -4.72
C ILE C 179 -22.90 -0.15 -3.47
N HIS C 180 -22.56 -0.71 -2.33
CA HIS C 180 -22.97 -0.18 -1.03
C HIS C 180 -21.74 0.40 -0.35
N TYR C 181 -21.94 1.53 0.32
CA TYR C 181 -20.88 2.24 1.03
C TYR C 181 -21.00 2.00 2.52
N CYS C 182 -20.10 1.20 3.09
CA CYS C 182 -20.13 0.93 4.51
C CYS C 182 -19.11 1.78 5.26
N ALA C 183 -19.57 2.42 6.32
CA ALA C 183 -18.72 3.14 7.25
C ALA C 183 -17.88 2.16 8.05
N PRO C 184 -16.73 2.58 8.57
CA PRO C 184 -15.94 1.69 9.43
C PRO C 184 -16.65 1.38 10.73
N ALA C 185 -16.15 0.34 11.39
CA ALA C 185 -16.72 -0.09 12.66
C ALA C 185 -16.41 0.95 13.73
N GLY C 186 -17.45 1.43 14.40
CA GLY C 186 -17.33 2.56 15.29
C GLY C 186 -17.86 3.86 14.72
N TYR C 187 -18.47 3.84 13.55
CA TYR C 187 -19.10 5.00 12.96
C TYR C 187 -20.54 4.64 12.63
N ALA C 188 -21.33 5.66 12.28
CA ALA C 188 -22.72 5.44 11.96
C ALA C 188 -23.06 6.27 10.73
N ILE C 189 -24.04 5.79 9.96
CA ILE C 189 -24.55 6.52 8.82
C ILE C 189 -26.02 6.79 9.09
N LEU C 190 -26.37 8.06 9.29
CA LEU C 190 -27.76 8.40 9.45
C LEU C 190 -28.47 8.33 8.12
N LYS C 191 -29.79 8.19 8.17
CA LYS C 191 -30.59 8.11 6.95
C LYS C 191 -31.96 8.67 7.25
N CYS C 192 -32.33 9.72 6.55
CA CYS C 192 -33.64 10.33 6.75
C CYS C 192 -34.71 9.49 6.09
N ASN C 193 -35.83 9.32 6.78
CA ASN C 193 -36.93 8.54 6.27
C ASN C 193 -38.15 9.40 5.96
N ASN C 194 -38.01 10.73 5.98
CA ASN C 194 -39.12 11.60 5.66
C ASN C 194 -39.38 11.56 4.15
N LYS C 195 -40.66 11.67 3.78
CA LYS C 195 -41.04 11.51 2.38
C LYS C 195 -40.80 12.78 1.58
N THR C 196 -41.26 13.92 2.10
CA THR C 196 -41.24 15.19 1.36
C THR C 196 -40.03 16.02 1.72
N PHE C 197 -38.88 15.37 1.91
CA PHE C 197 -37.69 16.01 2.43
C PHE C 197 -37.07 16.92 1.37
N ASN C 198 -37.30 18.23 1.54
CA ASN C 198 -36.46 19.25 0.94
C ASN C 198 -35.01 19.03 1.40
N GLY C 199 -34.07 19.32 0.50
CA GLY C 199 -32.72 18.78 0.59
C GLY C 199 -31.90 19.22 1.79
N THR C 200 -32.19 20.37 2.37
CA THR C 200 -31.43 20.90 3.49
C THR C 200 -32.38 21.34 4.60
N GLY C 201 -32.19 20.78 5.79
CA GLY C 201 -33.01 21.14 6.92
C GLY C 201 -33.14 19.99 7.90
N PRO C 202 -33.91 20.20 8.98
CA PRO C 202 -34.09 19.15 9.97
C PRO C 202 -35.26 18.25 9.60
N CYS C 203 -35.01 16.94 9.56
CA CYS C 203 -36.08 15.96 9.36
C CYS C 203 -36.19 15.08 10.59
N ASN C 204 -37.42 14.70 10.93
CA ASN C 204 -37.72 14.16 12.25
C ASN C 204 -38.03 12.68 12.25
N ASN C 205 -37.63 11.95 11.21
CA ASN C 205 -37.77 10.50 11.18
C ASN C 205 -36.44 9.92 10.70
N VAL C 206 -35.52 9.75 11.64
CA VAL C 206 -34.14 9.40 11.31
C VAL C 206 -33.91 7.95 11.71
N SER C 207 -33.17 7.23 10.87
CA SER C 207 -32.80 5.86 11.19
C SER C 207 -31.35 5.64 10.83
N THR C 208 -30.60 4.99 11.71
CA THR C 208 -29.21 4.65 11.44
C THR C 208 -29.15 3.37 10.64
N VAL C 209 -28.14 3.28 9.79
CA VAL C 209 -27.89 2.06 9.03
C VAL C 209 -26.39 1.94 8.86
N GLN C 210 -25.89 0.71 8.91
CA GLN C 210 -24.47 0.47 8.76
C GLN C 210 -24.00 0.84 7.35
N CYS C 211 -24.72 0.39 6.34
CA CYS C 211 -24.47 0.84 4.98
C CYS C 211 -25.73 0.98 4.14
N THR C 212 -25.64 1.93 3.21
CA THR C 212 -26.75 2.41 2.42
C THR C 212 -27.22 1.36 1.42
N HIS C 213 -28.28 1.71 0.70
CA HIS C 213 -28.88 0.81 -0.28
C HIS C 213 -28.02 0.75 -1.53
N GLY C 214 -28.51 0.01 -2.53
CA GLY C 214 -27.75 -0.20 -3.73
C GLY C 214 -27.68 1.05 -4.57
N ILE C 215 -26.47 1.55 -4.80
CA ILE C 215 -26.24 2.76 -5.58
C ILE C 215 -25.61 2.35 -6.89
N LYS C 216 -26.35 2.47 -7.97
CA LYS C 216 -25.80 2.23 -9.30
C LYS C 216 -24.93 3.42 -9.69
N PRO C 217 -23.65 3.23 -9.97
CA PRO C 217 -22.80 4.37 -10.36
C PRO C 217 -22.99 4.77 -11.82
N VAL C 218 -24.17 5.28 -12.11
CA VAL C 218 -24.54 5.63 -13.48
C VAL C 218 -23.85 6.92 -13.87
N VAL C 219 -23.53 7.07 -15.16
CA VAL C 219 -22.87 8.24 -15.69
C VAL C 219 -23.79 8.88 -16.72
N SER C 220 -24.35 10.04 -16.38
CA SER C 220 -25.12 10.82 -17.33
C SER C 220 -24.95 12.28 -16.97
N THR C 221 -25.33 13.16 -17.90
CA THR C 221 -25.12 14.58 -17.69
C THR C 221 -26.34 15.45 -17.94
N GLN C 222 -27.41 14.92 -18.54
CA GLN C 222 -28.56 15.74 -18.83
C GLN C 222 -29.82 15.25 -18.12
N LEU C 223 -30.14 13.98 -18.26
CA LEU C 223 -31.29 13.37 -17.62
C LEU C 223 -30.78 12.20 -16.80
N LEU C 224 -31.23 12.10 -15.56
CA LEU C 224 -30.74 11.05 -14.67
C LEU C 224 -31.37 9.71 -15.06
N LEU C 225 -30.59 8.65 -14.97
CA LEU C 225 -31.01 7.33 -15.42
C LEU C 225 -30.85 6.31 -14.31
N ASN C 226 -31.81 5.38 -14.24
CA ASN C 226 -31.78 4.20 -13.36
C ASN C 226 -31.68 4.57 -11.89
N GLY C 227 -32.21 5.72 -11.51
CA GLY C 227 -32.16 6.13 -10.13
C GLY C 227 -33.39 5.72 -9.35
N SER C 228 -33.29 5.85 -8.03
CA SER C 228 -34.42 5.57 -7.17
C SER C 228 -35.42 6.72 -7.21
N LEU C 229 -36.69 6.38 -7.34
CA LEU C 229 -37.75 7.38 -7.43
C LEU C 229 -37.98 8.03 -6.07
N ALA C 230 -38.70 9.14 -6.08
CA ALA C 230 -39.09 9.77 -4.83
C ALA C 230 -40.28 9.02 -4.22
N GLU C 231 -40.67 9.45 -3.04
CA GLU C 231 -41.85 8.91 -2.37
C GLU C 231 -42.96 9.94 -2.46
N GLU C 232 -44.02 9.59 -3.18
CA GLU C 232 -45.36 10.18 -3.17
C GLU C 232 -45.43 11.67 -3.55
N GLU C 233 -44.31 12.31 -3.90
CA GLU C 233 -44.31 13.71 -4.32
C GLU C 233 -43.22 13.92 -5.35
N ILE C 234 -43.19 15.11 -5.91
CA ILE C 234 -42.09 15.59 -6.75
C ILE C 234 -41.24 16.51 -5.91
N ILE C 235 -39.96 16.18 -5.79
CA ILE C 235 -39.04 16.95 -4.96
C ILE C 235 -38.21 17.85 -5.84
N ILE C 236 -38.04 19.10 -5.42
CA ILE C 236 -37.22 20.07 -6.15
C ILE C 236 -36.02 20.43 -5.30
N ARG C 237 -34.92 19.72 -5.46
CA ARG C 237 -33.74 19.94 -4.63
C ARG C 237 -32.85 20.99 -5.27
N SER C 238 -32.41 21.95 -4.47
CA SER C 238 -31.51 23.00 -4.92
C SER C 238 -30.66 23.42 -3.73
N GLU C 239 -29.82 24.44 -3.95
CA GLU C 239 -29.07 25.06 -2.88
C GLU C 239 -29.51 26.49 -2.64
N ASN C 240 -29.53 27.32 -3.67
CA ASN C 240 -30.05 28.67 -3.61
C ASN C 240 -31.01 28.83 -4.77
N LEU C 241 -32.30 28.94 -4.47
CA LEU C 241 -33.26 29.07 -5.55
C LEU C 241 -33.33 30.47 -6.12
N THR C 242 -32.70 31.45 -5.48
CA THR C 242 -32.54 32.78 -6.05
C THR C 242 -31.17 32.98 -6.67
N ASP C 243 -30.63 31.92 -7.28
CA ASP C 243 -29.31 31.92 -7.90
C ASP C 243 -29.47 31.62 -9.39
N ASN C 244 -28.37 31.82 -10.12
CA ASN C 244 -28.35 31.54 -11.55
C ASN C 244 -27.36 30.46 -11.95
N VAL C 245 -26.25 30.30 -11.22
CA VAL C 245 -25.27 29.28 -11.59
C VAL C 245 -25.52 27.98 -10.83
N LYS C 246 -26.22 28.03 -9.69
CA LYS C 246 -26.51 26.81 -8.94
C LYS C 246 -27.61 26.01 -9.63
N THR C 247 -27.33 24.73 -9.89
CA THR C 247 -28.23 23.89 -10.65
C THR C 247 -29.46 23.52 -9.82
N ILE C 248 -30.44 22.92 -10.48
CA ILE C 248 -31.69 22.51 -9.86
C ILE C 248 -31.87 21.04 -10.19
N ILE C 249 -31.73 20.19 -9.18
CA ILE C 249 -32.03 18.77 -9.36
C ILE C 249 -33.52 18.57 -9.13
N VAL C 250 -34.19 17.98 -10.10
CA VAL C 250 -35.62 17.73 -10.01
C VAL C 250 -35.80 16.23 -9.90
N HIS C 251 -35.97 15.74 -8.68
CA HIS C 251 -36.29 14.33 -8.48
C HIS C 251 -37.71 14.04 -8.94
N LEU C 252 -37.98 12.77 -9.20
CA LEU C 252 -39.25 12.37 -9.79
C LEU C 252 -39.87 11.23 -9.00
N ASN C 253 -41.17 11.06 -9.18
CA ASN C 253 -41.89 9.91 -8.64
C ASN C 253 -42.67 9.16 -9.72
N GLU C 254 -42.63 9.62 -10.97
CA GLU C 254 -43.23 8.93 -12.10
C GLU C 254 -42.11 8.55 -13.05
N SER C 255 -41.78 7.26 -13.10
CA SER C 255 -40.70 6.79 -13.95
C SER C 255 -41.14 6.83 -15.41
N VAL C 256 -40.39 7.56 -16.23
CA VAL C 256 -40.64 7.63 -17.67
C VAL C 256 -39.62 6.75 -18.36
N GLU C 257 -40.08 5.82 -19.18
CA GLU C 257 -39.20 4.85 -19.80
C GLU C 257 -38.57 5.42 -21.06
N ILE C 258 -37.27 5.22 -21.21
CA ILE C 258 -36.53 5.61 -22.39
C ILE C 258 -36.03 4.34 -23.06
N THR C 259 -35.90 4.39 -24.39
CA THR C 259 -35.46 3.24 -25.18
C THR C 259 -34.47 3.75 -26.21
N CYS C 260 -33.21 3.39 -26.07
CA CYS C 260 -32.17 3.90 -26.94
C CYS C 260 -31.45 2.74 -27.61
N THR C 261 -31.24 2.87 -28.92
CA THR C 261 -30.74 1.76 -29.72
C THR C 261 -30.06 2.30 -30.96
N ARG C 262 -29.24 1.44 -31.58
CA ARG C 262 -28.76 1.68 -32.94
C ARG C 262 -28.98 0.40 -33.73
N PRO C 263 -29.67 0.46 -34.86
CA PRO C 263 -30.00 -0.76 -35.61
C PRO C 263 -28.97 -1.19 -36.64
N ASN C 264 -27.75 -0.68 -36.59
CA ASN C 264 -26.72 -1.10 -37.53
C ASN C 264 -25.94 -2.28 -36.97
N ASN C 265 -25.57 -3.19 -37.85
CA ASN C 265 -24.84 -4.40 -37.49
C ASN C 265 -23.37 -4.14 -37.75
N MET C 266 -22.68 -3.60 -36.75
CA MET C 266 -21.28 -3.27 -36.91
C MET C 266 -20.41 -4.51 -36.86
N THR C 267 -19.31 -4.49 -37.62
CA THR C 267 -18.36 -5.59 -37.68
C THR C 267 -17.01 -5.06 -37.19
N ARG C 268 -16.57 -5.54 -36.03
CA ARG C 268 -15.27 -5.14 -35.55
C ARG C 268 -14.16 -5.83 -36.35
N LYS C 269 -12.95 -5.32 -36.20
CA LYS C 269 -11.82 -5.83 -36.98
C LYS C 269 -10.54 -5.53 -36.22
N SER C 270 -9.70 -6.56 -36.05
CA SER C 270 -8.46 -6.39 -35.31
C SER C 270 -7.37 -5.88 -36.23
N VAL C 271 -6.66 -4.85 -35.78
CA VAL C 271 -5.47 -4.36 -36.47
C VAL C 271 -4.34 -4.27 -35.46
N ARG C 272 -3.13 -4.52 -35.95
CA ARG C 272 -1.93 -4.54 -35.11
C ARG C 272 -1.10 -3.30 -35.40
N ILE C 273 -0.77 -2.54 -34.37
CA ILE C 273 0.01 -1.33 -34.54
C ILE C 273 1.43 -1.46 -33.98
N GLY C 274 1.65 -2.30 -32.98
CA GLY C 274 2.97 -2.46 -32.42
C GLY C 274 3.26 -3.90 -32.06
N PRO C 275 4.49 -4.18 -31.65
CA PRO C 275 4.83 -5.54 -31.20
C PRO C 275 4.10 -5.91 -29.91
N GLY C 276 3.15 -6.84 -30.02
CA GLY C 276 2.27 -7.13 -28.92
C GLY C 276 1.23 -6.09 -28.65
N GLN C 277 1.02 -5.14 -29.57
CA GLN C 277 0.08 -4.05 -29.38
C GLN C 277 -0.91 -4.05 -30.54
N THR C 278 -2.15 -4.41 -30.24
CA THR C 278 -3.23 -4.42 -31.23
C THR C 278 -4.43 -3.70 -30.66
N PHE C 279 -5.33 -3.29 -31.54
CA PHE C 279 -6.60 -2.74 -31.12
C PHE C 279 -7.65 -3.07 -32.16
N TYR C 280 -8.90 -2.70 -31.85
CA TYR C 280 -10.05 -3.05 -32.65
C TYR C 280 -10.67 -1.80 -33.23
N ALA C 281 -11.07 -1.87 -34.49
CA ALA C 281 -11.69 -0.74 -35.17
C ALA C 281 -12.82 -1.25 -36.02
N LEU C 282 -13.67 -0.32 -36.47
CA LEU C 282 -14.85 -0.68 -37.23
C LEU C 282 -14.46 -1.12 -38.64
N GLY C 283 -14.93 -2.29 -39.05
CA GLY C 283 -14.75 -2.74 -40.41
C GLY C 283 -15.87 -2.19 -41.28
N ASP C 284 -16.57 -3.05 -42.00
CA ASP C 284 -17.65 -2.61 -42.85
C ASP C 284 -18.98 -2.74 -42.13
N ILE C 285 -19.97 -2.01 -42.61
CA ILE C 285 -21.29 -1.93 -41.99
C ILE C 285 -22.27 -2.77 -42.79
N ILE C 286 -23.04 -3.61 -42.11
CA ILE C 286 -23.93 -4.55 -42.77
C ILE C 286 -25.22 -3.83 -43.16
N GLY C 287 -25.56 -3.88 -44.43
CA GLY C 287 -26.85 -3.39 -44.89
C GLY C 287 -26.90 -1.87 -44.97
N ASP C 288 -28.11 -1.38 -45.09
CA ASP C 288 -28.34 0.06 -45.19
C ASP C 288 -28.11 0.73 -43.85
N ILE C 289 -27.48 1.89 -43.87
CA ILE C 289 -27.16 2.63 -42.65
C ILE C 289 -28.42 3.28 -42.13
N ARG C 290 -28.62 3.23 -40.82
CA ARG C 290 -29.76 3.85 -40.16
C ARG C 290 -29.28 4.64 -38.96
N GLN C 291 -30.07 5.62 -38.55
CA GLN C 291 -29.68 6.50 -37.47
C GLN C 291 -29.77 5.78 -36.14
N PRO C 292 -28.92 6.16 -35.17
CA PRO C 292 -29.14 5.75 -33.78
C PRO C 292 -30.07 6.76 -33.12
N HIS C 293 -31.18 6.28 -32.57
CA HIS C 293 -32.17 7.18 -32.01
C HIS C 293 -32.62 6.69 -30.64
N CYS C 294 -33.23 7.60 -29.89
CA CYS C 294 -33.87 7.31 -28.62
C CYS C 294 -35.37 7.60 -28.72
N ASN C 295 -36.14 7.00 -27.82
CA ASN C 295 -37.58 7.12 -27.87
C ASN C 295 -38.14 7.46 -26.49
N ILE C 296 -39.14 8.33 -26.48
CA ILE C 296 -39.84 8.76 -25.27
C ILE C 296 -41.32 8.85 -25.62
N SER C 297 -42.15 8.20 -24.80
CA SER C 297 -43.59 8.30 -25.00
C SER C 297 -44.07 9.72 -24.70
N GLU C 298 -44.95 10.23 -25.56
CA GLU C 298 -45.29 11.65 -25.50
C GLU C 298 -46.23 11.96 -24.35
N ILE C 299 -47.26 11.12 -24.14
CA ILE C 299 -48.19 11.38 -23.06
C ILE C 299 -47.59 11.09 -21.69
N LYS C 300 -46.54 10.27 -21.64
CA LYS C 300 -45.82 10.06 -20.39
C LYS C 300 -44.80 11.14 -20.13
N TRP C 301 -44.62 12.08 -21.07
CA TRP C 301 -43.67 13.17 -20.91
C TRP C 301 -44.32 14.54 -20.76
N GLU C 302 -45.43 14.78 -21.46
CA GLU C 302 -46.12 16.05 -21.34
C GLU C 302 -46.68 16.24 -19.92
N LYS C 303 -47.27 15.20 -19.35
CA LYS C 303 -47.76 15.27 -17.98
C LYS C 303 -46.62 15.39 -16.98
N THR C 304 -45.45 14.81 -17.29
CA THR C 304 -44.33 14.91 -16.39
C THR C 304 -43.77 16.33 -16.35
N LEU C 305 -43.69 16.98 -17.51
CA LEU C 305 -43.27 18.38 -17.51
C LEU C 305 -44.32 19.30 -16.88
N GLN C 306 -45.60 18.97 -17.02
CA GLN C 306 -46.62 19.81 -16.40
C GLN C 306 -46.58 19.69 -14.87
N ARG C 307 -46.39 18.48 -14.36
CA ARG C 307 -46.31 18.28 -12.92
C ARG C 307 -45.03 18.88 -12.34
N VAL C 308 -43.95 18.95 -13.12
CA VAL C 308 -42.77 19.65 -12.65
C VAL C 308 -42.99 21.15 -12.69
N SER C 309 -43.74 21.62 -13.71
CA SER C 309 -43.96 23.05 -13.87
C SER C 309 -44.79 23.64 -12.74
N GLU C 310 -45.78 22.90 -12.25
CA GLU C 310 -46.53 23.40 -11.11
C GLU C 310 -45.71 23.39 -9.82
N LYS C 311 -44.83 22.42 -9.65
CA LYS C 311 -43.95 22.39 -8.49
C LYS C 311 -42.79 23.37 -8.60
N LEU C 312 -42.62 24.03 -9.75
CA LEU C 312 -41.66 25.11 -9.88
C LEU C 312 -42.28 26.49 -9.90
N ARG C 313 -43.58 26.61 -10.19
CA ARG C 313 -44.22 27.92 -10.22
C ARG C 313 -44.32 28.52 -8.82
N GLU C 314 -44.60 27.69 -7.82
CA GLU C 314 -44.82 28.19 -6.47
C GLU C 314 -43.54 28.64 -5.79
N HIS C 315 -42.38 28.25 -6.29
CA HIS C 315 -41.12 28.73 -5.73
C HIS C 315 -40.60 29.97 -6.43
N PHE C 316 -41.30 30.46 -7.46
CA PHE C 316 -40.91 31.70 -8.12
C PHE C 316 -42.07 32.67 -8.32
N ASN C 317 -43.32 32.19 -8.28
CA ASN C 317 -44.55 32.99 -8.40
C ASN C 317 -44.57 33.79 -9.71
N LYS C 318 -44.11 33.16 -10.78
CA LYS C 318 -44.24 33.69 -12.13
C LYS C 318 -44.34 32.49 -13.07
N THR C 319 -44.70 32.75 -14.32
CA THR C 319 -44.81 31.66 -15.27
C THR C 319 -43.42 31.16 -15.67
N ILE C 320 -43.32 29.87 -15.94
CA ILE C 320 -42.06 29.30 -16.39
C ILE C 320 -42.24 28.76 -17.80
N ILE C 321 -41.16 28.79 -18.56
CA ILE C 321 -41.13 28.35 -19.95
C ILE C 321 -39.80 27.64 -20.15
N PHE C 322 -39.86 26.38 -20.55
CA PHE C 322 -38.62 25.67 -20.85
C PHE C 322 -38.06 26.14 -22.17
N ASN C 323 -36.74 26.04 -22.32
CA ASN C 323 -36.09 26.45 -23.56
C ASN C 323 -34.98 25.48 -23.89
N GLN C 324 -34.37 25.71 -25.04
CA GLN C 324 -33.31 24.87 -25.56
C GLN C 324 -32.06 24.98 -24.69
N SER C 325 -31.09 24.11 -24.96
CA SER C 325 -29.82 24.24 -24.27
C SER C 325 -29.01 25.38 -24.86
N SER C 326 -27.84 25.64 -24.27
CA SER C 326 -27.03 26.78 -24.70
C SER C 326 -26.36 26.51 -26.05
N GLY C 327 -25.51 25.50 -26.10
CA GLY C 327 -24.81 25.14 -27.31
C GLY C 327 -23.31 25.05 -27.04
N GLY C 328 -22.55 25.03 -28.12
CA GLY C 328 -21.10 24.94 -28.02
C GLY C 328 -20.62 23.52 -28.27
N ASP C 329 -19.81 23.00 -27.35
CA ASP C 329 -19.32 21.63 -27.46
C ASP C 329 -20.47 20.65 -27.23
N LEU C 330 -20.26 19.42 -27.70
CA LEU C 330 -21.31 18.40 -27.67
C LEU C 330 -21.24 17.52 -26.45
N GLU C 331 -20.84 18.07 -25.31
CA GLU C 331 -20.99 17.41 -24.03
C GLU C 331 -21.87 18.19 -23.07
N ILE C 332 -22.34 19.37 -23.47
CA ILE C 332 -23.19 20.20 -22.64
C ILE C 332 -24.59 20.33 -23.20
N THR C 333 -24.70 20.54 -24.52
CA THR C 333 -25.99 20.68 -25.18
C THR C 333 -26.56 19.35 -25.65
N THR C 334 -26.21 18.26 -24.98
CA THR C 334 -26.63 16.93 -25.38
C THR C 334 -27.12 16.16 -24.18
N HIS C 335 -27.52 14.92 -24.42
CA HIS C 335 -27.85 13.95 -23.37
C HIS C 335 -26.85 12.82 -23.50
N SER C 336 -25.72 12.95 -22.82
CA SER C 336 -24.67 11.96 -22.91
C SER C 336 -24.91 10.86 -21.89
N PHE C 337 -24.78 9.61 -22.33
CA PHE C 337 -24.93 8.48 -21.44
C PHE C 337 -24.24 7.28 -22.06
N ASN C 338 -24.16 6.22 -21.27
CA ASN C 338 -23.52 4.97 -21.65
C ASN C 338 -24.59 3.90 -21.82
N CYS C 339 -24.39 3.01 -22.79
CA CYS C 339 -25.40 1.99 -23.08
C CYS C 339 -24.68 0.78 -23.67
N GLY C 340 -24.58 -0.28 -22.87
CA GLY C 340 -24.08 -1.56 -23.33
C GLY C 340 -22.63 -1.58 -23.78
N GLY C 341 -21.84 -0.60 -23.36
CA GLY C 341 -20.49 -0.45 -23.86
C GLY C 341 -20.33 0.53 -24.99
N GLU C 342 -21.31 1.39 -25.24
CA GLU C 342 -21.21 2.41 -26.26
C GLU C 342 -21.69 3.74 -25.70
N PHE C 343 -21.05 4.83 -26.11
CA PHE C 343 -21.28 6.14 -25.54
C PHE C 343 -22.08 6.99 -26.52
N PHE C 344 -23.27 7.41 -26.11
CA PHE C 344 -24.20 8.13 -26.97
C PHE C 344 -24.13 9.62 -26.68
N TYR C 345 -24.63 10.41 -27.62
CA TYR C 345 -24.73 11.87 -27.47
C TYR C 345 -25.97 12.28 -28.25
N CYS C 346 -27.09 12.39 -27.54
CA CYS C 346 -28.37 12.63 -28.20
C CYS C 346 -28.75 14.10 -28.14
N ASN C 347 -29.65 14.50 -29.04
CA ASN C 347 -29.94 15.91 -29.26
C ASN C 347 -30.78 16.51 -28.12
N THR C 348 -31.76 15.76 -27.61
CA THR C 348 -32.58 16.02 -26.40
C THR C 348 -33.23 17.41 -26.35
N SER C 349 -33.31 18.12 -27.47
CA SER C 349 -33.84 19.47 -27.43
C SER C 349 -34.70 19.75 -28.65
N ASP C 350 -35.56 18.80 -29.01
CA ASP C 350 -36.38 18.94 -30.19
C ASP C 350 -37.87 19.08 -29.87
N LEU C 351 -38.43 18.12 -29.14
CA LEU C 351 -39.82 18.16 -28.76
C LEU C 351 -39.95 18.01 -27.25
N PHE C 352 -38.91 18.37 -26.51
CA PHE C 352 -38.91 18.38 -25.07
C PHE C 352 -38.92 19.77 -24.48
N PHE C 353 -38.09 20.66 -25.01
CA PHE C 353 -37.74 21.90 -24.36
C PHE C 353 -37.98 23.08 -25.29
N ASN C 354 -39.18 23.13 -25.87
CA ASN C 354 -39.66 24.32 -26.56
C ASN C 354 -41.13 24.56 -26.23
N LYS C 355 -41.57 24.14 -25.05
CA LYS C 355 -42.97 24.10 -24.68
C LYS C 355 -43.22 24.91 -23.42
N THR C 356 -44.37 25.61 -23.40
CA THR C 356 -44.84 26.33 -22.23
C THR C 356 -45.97 25.54 -21.57
N PHE C 357 -46.61 26.14 -20.56
CA PHE C 357 -47.66 25.47 -19.80
C PHE C 357 -48.79 26.46 -19.54
N ASN C 358 -49.97 26.17 -20.05
CA ASN C 358 -51.12 27.02 -19.82
C ASN C 358 -51.71 26.77 -18.44
N GLU C 359 -52.71 27.59 -18.10
CA GLU C 359 -53.46 27.54 -16.83
C GLU C 359 -52.58 27.62 -15.59
N THR C 368 -53.41 10.17 -27.74
CA THR C 368 -52.79 9.47 -28.86
C THR C 368 -51.46 8.86 -28.46
N ASN C 369 -51.32 7.55 -28.70
CA ASN C 369 -50.08 6.85 -28.38
C ASN C 369 -49.05 7.14 -29.46
N SER C 370 -48.44 8.31 -29.37
CA SER C 370 -47.40 8.71 -30.29
C SER C 370 -46.04 8.29 -29.72
N THR C 371 -44.96 8.77 -30.33
CA THR C 371 -43.61 8.49 -29.84
C THR C 371 -42.68 9.59 -30.32
N ILE C 372 -42.01 10.24 -29.38
CA ILE C 372 -40.98 11.22 -29.70
C ILE C 372 -39.68 10.48 -29.99
N THR C 373 -39.06 10.79 -31.13
CA THR C 373 -37.79 10.19 -31.54
C THR C 373 -36.71 11.24 -31.45
N LEU C 374 -35.68 10.96 -30.68
CA LEU C 374 -34.58 11.92 -30.62
C LEU C 374 -33.46 11.47 -31.54
N PRO C 375 -32.94 12.34 -32.40
CA PRO C 375 -31.72 11.99 -33.12
C PRO C 375 -30.55 11.97 -32.17
N CYS C 376 -29.62 11.06 -32.42
CA CYS C 376 -28.53 10.82 -31.50
C CYS C 376 -27.29 10.40 -32.28
N ARG C 377 -26.14 10.94 -31.90
CA ARG C 377 -24.88 10.63 -32.57
C ARG C 377 -23.93 9.94 -31.60
N ILE C 378 -23.07 9.09 -32.14
CA ILE C 378 -22.18 8.27 -31.33
C ILE C 378 -20.75 8.76 -31.51
N LYS C 379 -20.00 8.77 -30.43
CA LYS C 379 -18.58 9.09 -30.46
C LYS C 379 -17.79 7.88 -29.98
N GLN C 380 -16.59 7.71 -30.52
CA GLN C 380 -15.69 6.65 -30.08
C GLN C 380 -14.75 7.17 -28.99
N ILE C 381 -13.99 8.22 -29.30
CA ILE C 381 -13.08 8.81 -28.33
C ILE C 381 -13.86 9.77 -27.46
N ILE C 382 -13.79 9.57 -26.15
CA ILE C 382 -14.52 10.40 -25.21
C ILE C 382 -13.56 10.96 -24.18
N ASN C 383 -13.81 12.19 -23.78
CA ASN C 383 -13.07 12.85 -22.71
C ASN C 383 -14.02 12.92 -21.52
N MET C 384 -14.05 11.86 -20.73
CA MET C 384 -14.94 11.82 -19.59
C MET C 384 -14.41 12.72 -18.48
N TRP C 385 -15.35 13.24 -17.68
CA TRP C 385 -15.09 14.11 -16.54
C TRP C 385 -14.37 15.40 -16.92
N GLN C 386 -14.56 15.82 -18.19
CA GLN C 386 -14.16 17.08 -18.82
C GLN C 386 -12.77 17.61 -18.44
N GLU C 387 -11.81 16.72 -18.25
CA GLU C 387 -10.47 17.09 -17.85
C GLU C 387 -9.49 16.84 -19.00
N VAL C 388 -8.24 17.25 -18.79
CA VAL C 388 -7.18 17.03 -19.74
C VAL C 388 -6.22 16.01 -19.14
N GLY C 389 -5.47 15.32 -20.00
CA GLY C 389 -4.56 14.29 -19.56
C GLY C 389 -5.12 12.89 -19.58
N ARG C 390 -6.44 12.75 -19.67
CA ARG C 390 -7.11 11.45 -19.73
C ARG C 390 -8.10 11.47 -20.87
N ALA C 391 -8.00 10.49 -21.77
CA ALA C 391 -8.93 10.39 -22.89
C ALA C 391 -8.97 8.93 -23.33
N MET C 392 -10.03 8.22 -22.95
CA MET C 392 -10.15 6.82 -23.29
C MET C 392 -10.79 6.66 -24.67
N TYR C 393 -10.57 5.49 -25.26
CA TYR C 393 -11.12 5.16 -26.57
C TYR C 393 -11.99 3.92 -26.43
N ALA C 394 -13.20 4.00 -26.94
CA ALA C 394 -14.09 2.86 -26.80
C ALA C 394 -14.02 1.97 -28.03
N PRO C 395 -13.80 0.66 -27.86
CA PRO C 395 -13.82 -0.22 -29.02
C PRO C 395 -15.24 -0.42 -29.49
N PRO C 396 -15.45 -0.70 -30.77
CA PRO C 396 -16.81 -0.92 -31.27
C PRO C 396 -17.38 -2.24 -30.80
N ILE C 397 -18.70 -2.34 -30.87
CA ILE C 397 -19.44 -3.49 -30.41
C ILE C 397 -20.13 -4.15 -31.59
N ALA C 398 -19.88 -5.44 -31.76
CA ALA C 398 -20.42 -6.17 -32.92
C ALA C 398 -21.92 -6.37 -32.76
N GLY C 399 -22.67 -6.00 -33.79
CA GLY C 399 -24.11 -6.15 -33.77
C GLY C 399 -24.80 -4.97 -33.11
N ASN C 400 -26.13 -5.02 -33.15
CA ASN C 400 -26.94 -3.96 -32.60
C ASN C 400 -27.00 -4.05 -31.08
N ILE C 401 -27.41 -2.93 -30.48
CA ILE C 401 -27.62 -2.83 -29.04
C ILE C 401 -28.94 -2.12 -28.79
N THR C 402 -29.53 -2.39 -27.63
CA THR C 402 -30.80 -1.78 -27.26
C THR C 402 -30.89 -1.77 -25.75
N CYS C 403 -31.04 -0.59 -25.16
CA CYS C 403 -31.14 -0.47 -23.72
C CYS C 403 -32.36 0.35 -23.33
N LYS C 404 -33.16 -0.20 -22.43
CA LYS C 404 -34.37 0.44 -21.93
C LYS C 404 -34.14 0.86 -20.49
N SER C 405 -34.43 2.13 -20.19
CA SER C 405 -34.08 2.65 -18.87
C SER C 405 -35.17 3.52 -18.28
N ASN C 406 -34.95 4.02 -17.07
CA ASN C 406 -35.92 4.82 -16.34
C ASN C 406 -35.34 6.20 -16.10
N ILE C 407 -36.10 7.23 -16.47
CA ILE C 407 -35.68 8.61 -16.24
C ILE C 407 -36.32 9.06 -14.92
N THR C 408 -35.54 8.98 -13.85
CA THR C 408 -35.96 9.46 -12.54
C THR C 408 -35.03 10.61 -12.19
N GLY C 409 -35.34 11.79 -12.67
CA GLY C 409 -34.51 12.93 -12.34
C GLY C 409 -34.10 13.79 -13.52
N LEU C 410 -34.09 15.09 -13.33
CA LEU C 410 -33.68 16.04 -14.36
C LEU C 410 -32.53 16.88 -13.81
N LEU C 411 -32.02 17.78 -14.64
CA LEU C 411 -30.93 18.69 -14.25
C LEU C 411 -31.17 20.01 -14.97
N LEU C 412 -31.80 20.95 -14.28
CA LEU C 412 -32.12 22.22 -14.88
C LEU C 412 -31.19 23.31 -14.38
N THR C 413 -31.23 24.46 -15.04
CA THR C 413 -30.40 25.60 -14.69
C THR C 413 -31.15 26.86 -15.08
N ARG C 414 -31.21 27.83 -14.17
CA ARG C 414 -31.89 29.08 -14.46
C ARG C 414 -31.12 29.89 -15.50
N ASP C 415 -31.84 30.78 -16.17
CA ASP C 415 -31.27 31.50 -17.31
C ASP C 415 -30.32 32.62 -16.88
N GLY C 416 -30.72 33.44 -15.92
CA GLY C 416 -29.95 34.62 -15.56
C GLY C 416 -30.60 35.92 -15.98
N GLY C 417 -31.93 36.00 -15.88
CA GLY C 417 -32.64 37.21 -16.25
C GLY C 417 -33.15 38.00 -15.07
N GLY C 418 -34.46 38.00 -14.87
CA GLY C 418 -35.06 38.73 -13.77
C GLY C 418 -35.85 39.94 -14.22
N THR C 422 -42.05 38.59 -14.69
CA THR C 422 -42.04 38.51 -16.14
C THR C 422 -42.35 37.07 -16.54
N LYS C 423 -41.31 36.26 -16.60
CA LYS C 423 -41.40 34.83 -16.83
C LYS C 423 -40.11 34.19 -16.35
N GLU C 424 -39.91 32.93 -16.70
CA GLU C 424 -38.70 32.22 -16.30
C GLU C 424 -38.29 31.26 -17.40
N THR C 425 -36.98 31.08 -17.56
CA THR C 425 -36.43 30.24 -18.61
C THR C 425 -35.41 29.29 -17.98
N PHE C 426 -35.58 28.00 -18.24
CA PHE C 426 -34.74 26.97 -17.64
C PHE C 426 -33.97 26.24 -18.73
N ARG C 427 -32.67 26.47 -18.78
CA ARG C 427 -31.80 25.71 -19.66
C ARG C 427 -31.55 24.34 -19.05
N PRO C 428 -31.93 23.26 -19.71
CA PRO C 428 -31.56 21.93 -19.21
C PRO C 428 -30.10 21.64 -19.48
N GLY C 429 -29.29 21.63 -18.42
CA GLY C 429 -27.87 21.45 -18.59
C GLY C 429 -27.17 21.10 -17.30
N GLY C 430 -26.28 20.10 -17.35
CA GLY C 430 -25.63 19.63 -16.15
C GLY C 430 -24.55 20.59 -15.68
N GLY C 431 -24.43 20.70 -14.36
CA GLY C 431 -23.42 21.56 -13.79
C GLY C 431 -22.11 20.84 -13.55
N ASN C 432 -22.18 19.57 -13.16
CA ASN C 432 -21.01 18.77 -12.87
C ASN C 432 -21.40 17.30 -13.02
N MET C 433 -20.56 16.41 -12.52
CA MET C 433 -20.91 15.01 -12.37
C MET C 433 -21.11 14.61 -10.93
N ARG C 434 -20.72 15.46 -9.98
CA ARG C 434 -21.03 15.18 -8.58
C ARG C 434 -22.51 15.34 -8.30
N ASP C 435 -23.19 16.20 -9.07
CA ASP C 435 -24.63 16.32 -8.95
C ASP C 435 -25.36 15.06 -9.41
N ASN C 436 -24.72 14.26 -10.25
CA ASN C 436 -25.30 12.97 -10.60
C ASN C 436 -25.25 11.98 -9.44
N TRP C 437 -24.29 12.13 -8.52
CA TRP C 437 -24.30 11.33 -7.32
C TRP C 437 -25.13 11.95 -6.20
N ARG C 438 -25.42 13.25 -6.28
CA ARG C 438 -26.15 13.91 -5.21
C ARG C 438 -27.65 13.67 -5.28
N SER C 439 -28.12 12.70 -6.05
CA SER C 439 -29.50 12.25 -5.95
C SER C 439 -29.65 10.96 -5.18
N GLU C 440 -28.65 10.07 -5.26
CA GLU C 440 -28.68 8.85 -4.48
C GLU C 440 -28.06 9.02 -3.10
N LEU C 441 -27.43 10.16 -2.83
CA LEU C 441 -26.84 10.44 -1.53
C LEU C 441 -27.42 11.71 -0.91
N TYR C 442 -28.69 11.98 -1.18
CA TYR C 442 -29.33 13.18 -0.68
C TYR C 442 -29.84 13.01 0.73
N LYS C 443 -29.71 11.82 1.33
CA LYS C 443 -30.30 11.60 2.64
C LYS C 443 -29.37 10.80 3.54
N TYR C 444 -28.06 10.98 3.39
CA TYR C 444 -27.11 10.25 4.20
C TYR C 444 -26.04 11.19 4.73
N LYS C 445 -25.69 11.00 6.00
CA LYS C 445 -24.59 11.74 6.62
C LYS C 445 -23.87 10.81 7.57
N VAL C 446 -22.55 10.79 7.49
CA VAL C 446 -21.76 9.90 8.33
C VAL C 446 -21.38 10.64 9.61
N VAL C 447 -21.54 9.98 10.76
CA VAL C 447 -21.22 10.54 12.05
C VAL C 447 -20.33 9.56 12.80
N GLU C 448 -19.67 10.08 13.83
CA GLU C 448 -18.81 9.29 14.71
C GLU C 448 -19.43 9.29 16.09
N VAL C 449 -19.69 8.11 16.63
CA VAL C 449 -20.27 7.99 17.94
C VAL C 449 -19.19 8.26 18.99
N LYS C 450 -19.60 8.90 20.09
CA LYS C 450 -18.73 9.14 21.24
C LYS C 450 -19.41 8.50 22.44
N PRO C 451 -19.16 7.21 22.69
CA PRO C 451 -19.96 6.47 23.66
C PRO C 451 -19.59 6.71 25.12
N LEU C 452 -18.79 7.72 25.44
CA LEU C 452 -18.44 8.04 26.81
C LEU C 452 -19.31 9.18 27.30
N GLY C 453 -20.08 8.93 28.36
CA GLY C 453 -20.90 9.94 28.97
C GLY C 453 -20.48 10.18 30.39
N ILE C 454 -20.76 11.37 30.91
CA ILE C 454 -20.38 11.79 32.25
C ILE C 454 -21.58 12.43 32.91
N ALA C 455 -21.99 11.91 34.06
CA ALA C 455 -23.16 12.43 34.73
C ALA C 455 -22.95 12.41 36.24
N PRO C 456 -23.57 13.33 36.97
CA PRO C 456 -23.55 13.23 38.44
C PRO C 456 -24.64 12.30 38.95
N THR C 457 -24.32 11.57 40.00
CA THR C 457 -25.27 10.64 40.61
C THR C 457 -24.98 10.56 42.11
N GLU C 458 -25.68 9.65 42.79
CA GLU C 458 -25.56 9.53 44.24
C GLU C 458 -24.34 8.71 44.68
N CYS C 459 -23.94 7.72 43.88
CA CYS C 459 -22.92 6.78 44.33
C CYS C 459 -21.55 7.42 44.37
N ASN C 460 -20.69 6.90 45.24
CA ASN C 460 -19.26 7.19 45.21
C ASN C 460 -18.52 5.87 45.38
N ARG C 461 -17.26 5.85 44.93
CA ARG C 461 -16.44 4.65 45.02
C ARG C 461 -16.03 4.45 46.47
N THR C 462 -16.78 3.61 47.18
CA THR C 462 -16.51 3.37 48.58
C THR C 462 -15.33 2.44 48.76
N VAL D 3 -16.39 -9.65 14.34
CA VAL D 3 -17.70 -9.22 13.87
C VAL D 3 -18.30 -8.28 14.91
N GLY D 4 -18.17 -8.65 16.17
CA GLY D 4 -18.71 -7.84 17.25
C GLY D 4 -17.73 -6.78 17.73
N LEU D 5 -17.23 -5.99 16.79
CA LEU D 5 -16.31 -4.90 17.10
C LEU D 5 -16.90 -3.52 16.85
N GLY D 6 -17.94 -3.42 16.04
CA GLY D 6 -18.64 -2.16 15.84
C GLY D 6 -20.13 -2.31 15.83
N ALA D 7 -20.61 -3.56 15.87
CA ALA D 7 -22.03 -3.82 15.95
C ALA D 7 -22.60 -3.35 17.30
N VAL D 8 -21.79 -3.44 18.35
CA VAL D 8 -22.21 -2.93 19.65
C VAL D 8 -22.17 -1.40 19.65
N PHE D 9 -21.27 -0.81 18.86
CA PHE D 9 -21.24 0.64 18.73
C PHE D 9 -22.50 1.16 18.05
N LEU D 10 -22.98 0.46 17.03
CA LEU D 10 -24.26 0.80 16.43
C LEU D 10 -25.42 0.47 17.34
N GLY D 11 -25.29 -0.58 18.16
CA GLY D 11 -26.35 -0.97 19.06
C GLY D 11 -26.51 -0.04 20.25
N PHE D 12 -25.52 0.81 20.54
CA PHE D 12 -25.66 1.79 21.61
C PHE D 12 -26.68 2.87 21.29
N LEU D 13 -26.99 3.08 20.02
CA LEU D 13 -27.84 4.18 19.59
C LEU D 13 -29.33 3.90 19.72
N GLY D 14 -29.72 2.85 20.42
CA GLY D 14 -31.13 2.63 20.67
C GLY D 14 -31.67 3.65 21.64
N ALA D 15 -32.81 4.25 21.29
CA ALA D 15 -33.50 5.30 22.04
C ALA D 15 -32.60 6.50 22.28
N ALA D 16 -32.15 7.10 21.19
CA ALA D 16 -31.28 8.27 21.24
C ALA D 16 -32.05 9.56 21.47
N GLY D 17 -33.35 9.50 21.66
CA GLY D 17 -34.13 10.69 21.93
C GLY D 17 -34.88 10.58 23.23
N SER D 18 -34.71 9.46 23.92
CA SER D 18 -35.39 9.26 25.18
C SER D 18 -34.70 10.04 26.29
N THR D 19 -35.33 10.04 27.46
CA THR D 19 -34.76 10.70 28.62
C THR D 19 -33.54 9.94 29.13
N MET D 20 -32.71 10.63 29.91
CA MET D 20 -31.47 10.03 30.41
C MET D 20 -31.77 8.95 31.44
N GLY D 21 -32.87 9.06 32.16
CA GLY D 21 -33.29 8.04 33.10
C GLY D 21 -34.03 6.88 32.48
N ALA D 22 -34.16 6.86 31.15
CA ALA D 22 -34.78 5.76 30.45
C ALA D 22 -33.81 4.98 29.58
N ALA D 23 -32.66 5.55 29.24
CA ALA D 23 -31.69 4.83 28.41
C ALA D 23 -31.03 3.70 29.18
N SER D 24 -30.98 3.80 30.50
CA SER D 24 -30.56 2.68 31.33
C SER D 24 -31.68 1.70 31.61
N ASN D 25 -32.92 2.03 31.24
CA ASN D 25 -34.07 1.16 31.43
C ASN D 25 -34.58 0.57 30.13
N THR D 26 -34.76 1.40 29.10
CA THR D 26 -35.31 0.96 27.83
C THR D 26 -34.26 0.41 26.87
N LEU D 27 -33.11 -0.03 27.39
CA LEU D 27 -32.19 -0.79 26.57
C LEU D 27 -32.48 -2.28 26.61
N THR D 28 -32.95 -2.77 27.76
CA THR D 28 -33.31 -4.18 27.88
C THR D 28 -34.59 -4.52 27.13
N VAL D 29 -35.43 -3.52 26.84
CA VAL D 29 -36.64 -3.79 26.06
C VAL D 29 -36.31 -4.00 24.59
N GLN D 30 -35.19 -3.47 24.11
CA GLN D 30 -34.81 -3.64 22.71
C GLN D 30 -33.68 -4.64 22.51
N ALA D 31 -32.97 -5.00 23.57
CA ALA D 31 -31.89 -5.98 23.47
C ALA D 31 -32.37 -7.42 23.65
N ARG D 32 -33.68 -7.65 23.56
CA ARG D 32 -34.19 -9.02 23.70
C ARG D 32 -33.87 -9.87 22.48
N GLN D 33 -33.92 -9.29 21.29
CA GLN D 33 -33.65 -10.04 20.06
C GLN D 33 -32.98 -9.15 19.01
N LEU D 58 -3.68 -6.31 -4.36
CA LEU D 58 -3.78 -4.89 -4.04
C LEU D 58 -4.70 -4.18 -5.01
N GLY D 59 -5.95 -3.95 -4.59
CA GLY D 59 -6.87 -3.14 -5.33
C GLY D 59 -7.05 -1.76 -4.70
N VAL D 60 -8.02 -1.02 -5.23
CA VAL D 60 -8.42 0.22 -4.58
C VAL D 60 -9.18 -0.10 -3.29
N TRP D 61 -10.16 -1.00 -3.38
CA TRP D 61 -10.89 -1.44 -2.21
C TRP D 61 -10.01 -2.22 -1.23
N GLY D 62 -8.95 -2.86 -1.73
CA GLY D 62 -7.98 -3.49 -0.86
C GLY D 62 -7.22 -2.52 0.02
N PHE D 63 -7.13 -1.25 -0.39
CA PHE D 63 -6.57 -0.21 0.45
C PHE D 63 -7.62 0.52 1.27
N LYS D 64 -8.84 0.65 0.75
CA LYS D 64 -9.92 1.26 1.51
C LYS D 64 -10.30 0.42 2.71
N GLN D 65 -10.29 -0.91 2.55
CA GLN D 65 -10.65 -1.78 3.67
C GLN D 65 -9.57 -1.79 4.74
N LEU D 66 -8.29 -1.69 4.33
CA LEU D 66 -7.22 -1.60 5.32
C LEU D 66 -7.25 -0.29 6.07
N GLN D 67 -7.49 0.82 5.37
CA GLN D 67 -7.64 2.12 6.01
C GLN D 67 -8.87 2.16 6.91
N ALA D 68 -9.91 1.40 6.59
CA ALA D 68 -11.07 1.32 7.46
C ALA D 68 -10.80 0.48 8.70
N ARG D 69 -10.08 -0.63 8.55
CA ARG D 69 -9.89 -1.55 9.68
C ARG D 69 -8.94 -0.98 10.72
N VAL D 70 -7.95 -0.20 10.29
CA VAL D 70 -7.05 0.44 11.25
C VAL D 70 -7.79 1.49 12.07
N LEU D 71 -8.67 2.26 11.42
CA LEU D 71 -9.49 3.22 12.14
C LEU D 71 -10.50 2.57 13.06
N ALA D 72 -11.04 1.41 12.66
CA ALA D 72 -11.99 0.70 13.52
C ALA D 72 -11.31 0.15 14.77
N ILE D 73 -10.04 -0.26 14.64
CA ILE D 73 -9.30 -0.71 15.80
C ILE D 73 -8.93 0.46 16.69
N GLU D 74 -8.52 1.58 16.09
CA GLU D 74 -8.06 2.73 16.84
C GLU D 74 -9.17 3.41 17.62
N ARG D 75 -10.39 3.45 17.08
CA ARG D 75 -11.50 4.04 17.81
C ARG D 75 -11.89 3.18 19.02
N TYR D 76 -11.66 1.88 18.95
CA TYR D 76 -11.95 1.03 20.10
C TYR D 76 -10.87 1.14 21.15
N LEU D 77 -9.60 1.21 20.73
CA LEU D 77 -8.52 1.26 21.68
C LEU D 77 -8.42 2.61 22.38
N GLU D 78 -8.86 3.69 21.73
CA GLU D 78 -8.83 5.01 22.37
C GLU D 78 -9.79 5.08 23.53
N VAL D 79 -11.03 4.60 23.33
CA VAL D 79 -11.98 4.56 24.44
C VAL D 79 -11.62 3.48 25.45
N GLN D 80 -10.84 2.47 25.05
CA GLN D 80 -10.41 1.48 26.02
C GLN D 80 -9.34 2.02 26.95
N GLN D 81 -8.39 2.79 26.43
CA GLN D 81 -7.40 3.43 27.30
C GLN D 81 -8.05 4.50 28.17
N LEU D 82 -9.01 5.22 27.62
CA LEU D 82 -9.73 6.23 28.40
C LEU D 82 -10.54 5.60 29.52
N LEU D 83 -11.02 4.37 29.32
CA LEU D 83 -11.64 3.66 30.43
C LEU D 83 -10.58 3.12 31.40
N GLY D 84 -9.48 2.60 30.87
CA GLY D 84 -8.47 1.94 31.69
C GLY D 84 -7.72 2.86 32.62
N MET D 85 -7.72 4.16 32.35
CA MET D 85 -7.08 5.09 33.26
C MET D 85 -7.93 5.45 34.46
N TRP D 86 -9.19 5.04 34.50
CA TRP D 86 -10.09 5.45 35.56
C TRP D 86 -10.51 4.30 36.47
N GLY D 87 -9.68 3.26 36.58
CA GLY D 87 -9.93 2.20 37.51
C GLY D 87 -11.08 1.28 37.16
N CYS D 88 -11.56 1.33 35.91
CA CYS D 88 -12.64 0.44 35.49
C CYS D 88 -12.47 0.16 34.01
N SER D 89 -12.22 -1.11 33.70
CA SER D 89 -11.84 -1.53 32.35
C SER D 89 -12.79 -2.60 31.85
N GLY D 90 -14.09 -2.32 31.89
CA GLY D 90 -15.09 -3.29 31.52
C GLY D 90 -16.34 -3.13 32.35
N LYS D 91 -16.27 -2.31 33.38
CA LYS D 91 -17.47 -1.90 34.09
C LYS D 91 -18.25 -0.93 33.23
N LEU D 92 -19.56 -1.17 33.10
CA LEU D 92 -20.38 -0.27 32.30
C LEU D 92 -20.72 0.99 33.09
N ILE D 93 -21.45 0.84 34.18
CA ILE D 93 -21.77 1.98 35.05
C ILE D 93 -20.65 2.01 36.09
N CYS D 94 -19.54 2.61 35.70
CA CYS D 94 -18.40 2.74 36.59
C CYS D 94 -18.61 3.94 37.50
N CYS D 95 -18.49 3.72 38.81
CA CYS D 95 -18.81 4.72 39.82
C CYS D 95 -17.52 5.20 40.47
N THR D 96 -17.20 6.48 40.31
CA THR D 96 -15.92 7.02 40.73
C THR D 96 -16.08 8.00 41.88
N ASN D 97 -14.99 8.16 42.63
CA ASN D 97 -14.98 8.99 43.83
C ASN D 97 -14.35 10.35 43.52
N VAL D 98 -15.09 11.14 42.75
CA VAL D 98 -14.73 12.51 42.44
C VAL D 98 -15.92 13.39 42.79
N PRO D 99 -15.73 14.45 43.59
CA PRO D 99 -16.85 15.33 43.91
C PRO D 99 -17.30 16.12 42.70
N TRP D 100 -18.60 16.43 42.67
CA TRP D 100 -19.20 17.13 41.54
C TRP D 100 -19.00 18.63 41.73
N ASN D 101 -18.11 19.21 40.92
CA ASN D 101 -17.94 20.66 40.91
C ASN D 101 -19.14 21.30 40.23
N SER D 102 -19.84 22.17 40.95
CA SER D 102 -21.07 22.76 40.45
C SER D 102 -20.85 23.97 39.56
N SER D 103 -19.60 24.30 39.22
CA SER D 103 -19.35 25.29 38.19
C SER D 103 -19.49 24.72 36.80
N TRP D 104 -19.58 23.40 36.67
CA TRP D 104 -19.81 22.76 35.39
C TRP D 104 -21.30 22.68 35.06
N SER D 105 -22.12 22.30 36.03
CA SER D 105 -23.56 22.34 35.88
C SER D 105 -24.18 22.70 37.21
N ASN D 106 -25.38 23.24 37.17
CA ASN D 106 -26.06 23.69 38.37
C ASN D 106 -27.40 23.00 38.59
N LYS D 107 -27.83 22.15 37.67
CA LYS D 107 -29.10 21.47 37.83
C LYS D 107 -28.94 20.24 38.72
N THR D 108 -30.03 19.88 39.39
CA THR D 108 -29.99 18.78 40.37
C THR D 108 -30.05 17.44 39.63
N TYR D 109 -30.13 16.35 40.40
CA TYR D 109 -30.19 15.03 39.79
C TYR D 109 -31.54 14.77 39.14
N ASN D 110 -32.63 15.15 39.82
CA ASN D 110 -33.97 14.92 39.27
C ASN D 110 -34.26 15.83 38.09
N GLU D 111 -33.57 16.96 37.98
CA GLU D 111 -33.78 17.84 36.84
C GLU D 111 -33.02 17.35 35.62
N ILE D 112 -31.82 16.81 35.82
CA ILE D 112 -31.02 16.33 34.70
C ILE D 112 -31.55 15.00 34.18
N TRP D 113 -31.70 14.03 35.09
CA TRP D 113 -31.86 12.65 34.65
C TRP D 113 -33.26 12.33 34.15
N ASP D 114 -34.25 13.19 34.39
CA ASP D 114 -35.61 12.92 33.95
C ASP D 114 -36.14 13.94 32.95
N ASN D 115 -35.40 15.01 32.66
CA ASN D 115 -35.88 16.08 31.79
C ASN D 115 -34.80 16.49 30.80
N MET D 116 -34.07 15.52 30.26
CA MET D 116 -33.02 15.77 29.29
C MET D 116 -32.73 14.49 28.54
N THR D 117 -32.34 14.62 27.28
CA THR D 117 -31.83 13.49 26.53
C THR D 117 -30.31 13.48 26.57
N TRP D 118 -29.73 12.36 26.17
CA TRP D 118 -28.29 12.18 26.32
C TRP D 118 -27.51 13.02 25.31
N MET D 119 -28.13 13.35 24.18
CA MET D 119 -27.46 14.23 23.23
C MET D 119 -27.45 15.67 23.72
N GLN D 120 -28.48 16.08 24.47
CA GLN D 120 -28.53 17.44 24.98
C GLN D 120 -27.58 17.67 26.14
N TRP D 121 -27.15 16.61 26.82
CA TRP D 121 -26.24 16.78 27.94
C TRP D 121 -24.85 17.20 27.47
N ASP D 122 -24.46 16.78 26.27
CA ASP D 122 -23.14 17.08 25.74
C ASP D 122 -22.97 18.54 25.36
N ARG D 123 -24.03 19.35 25.38
CA ARG D 123 -23.87 20.77 25.21
C ARG D 123 -23.42 21.44 26.51
N GLU D 124 -24.04 21.06 27.63
CA GLU D 124 -23.68 21.69 28.90
C GLU D 124 -22.33 21.21 29.39
N ILE D 125 -22.04 19.92 29.25
CA ILE D 125 -20.77 19.39 29.72
C ILE D 125 -19.65 19.57 28.69
N GLY D 126 -19.98 20.10 27.51
CA GLY D 126 -19.09 20.09 26.37
C GLY D 126 -17.87 20.97 26.44
N ASN D 127 -17.71 21.79 27.49
CA ASN D 127 -16.53 22.61 27.61
C ASN D 127 -15.72 22.33 28.86
N TYR D 128 -16.11 21.34 29.67
CA TYR D 128 -15.33 20.94 30.82
C TYR D 128 -14.88 19.49 30.72
N THR D 129 -14.61 19.01 29.51
CA THR D 129 -14.35 17.58 29.32
C THR D 129 -12.96 17.20 29.79
N ASP D 130 -11.93 17.92 29.31
CA ASP D 130 -10.55 17.56 29.62
C ASP D 130 -10.18 17.80 31.07
N THR D 131 -10.73 18.84 31.69
CA THR D 131 -10.48 19.07 33.11
C THR D 131 -11.18 18.06 34.00
N ILE D 132 -12.19 17.35 33.50
CA ILE D 132 -12.75 16.22 34.23
C ILE D 132 -11.95 14.95 33.98
N TYR D 133 -11.43 14.80 32.76
CA TYR D 133 -10.65 13.61 32.41
C TYR D 133 -9.36 13.53 33.20
N LYS D 134 -8.60 14.63 33.26
CA LYS D 134 -7.36 14.63 34.01
C LYS D 134 -7.60 14.54 35.51
N LEU D 135 -8.71 15.13 35.98
CA LEU D 135 -9.08 15.01 37.38
C LEU D 135 -9.43 13.58 37.76
N LEU D 136 -10.14 12.87 36.87
CA LEU D 136 -10.45 11.47 37.10
C LEU D 136 -9.19 10.61 37.11
N GLU D 137 -8.23 10.94 36.25
CA GLU D 137 -6.99 10.17 36.17
C GLU D 137 -6.17 10.32 37.45
N VAL D 138 -6.00 11.54 37.94
CA VAL D 138 -5.22 11.72 39.15
C VAL D 138 -5.97 11.25 40.39
N SER D 139 -7.30 11.33 40.40
CA SER D 139 -8.05 10.81 41.54
C SER D 139 -8.11 9.30 41.55
N GLN D 140 -7.86 8.66 40.41
CA GLN D 140 -7.67 7.22 40.41
C GLN D 140 -6.24 6.83 40.77
N PHE D 141 -5.28 7.68 40.43
CA PHE D 141 -3.88 7.42 40.79
C PHE D 141 -3.68 7.48 42.30
N GLN D 142 -4.43 8.36 42.98
CA GLN D 142 -4.35 8.44 44.44
C GLN D 142 -4.85 7.18 45.12
N GLN D 143 -5.79 6.45 44.50
CA GLN D 143 -6.27 5.20 45.08
C GLN D 143 -5.19 4.12 45.06
N GLU D 144 -4.34 4.12 44.03
CA GLU D 144 -3.27 3.14 43.99
C GLU D 144 -2.13 3.50 44.92
N ILE D 145 -1.86 4.80 45.09
CA ILE D 145 -0.76 5.21 45.96
C ILE D 145 -1.13 5.02 47.43
N ASN D 146 -2.36 5.39 47.81
CA ASN D 146 -2.68 5.51 49.23
C ASN D 146 -2.89 4.16 49.90
N GLU D 147 -3.92 3.42 49.47
CA GLU D 147 -4.43 2.34 50.31
C GLU D 147 -3.73 1.01 50.10
N LYS D 148 -3.20 0.76 48.90
CA LYS D 148 -2.76 -0.60 48.57
C LYS D 148 -1.45 -0.96 49.25
N ASP D 149 -0.37 -0.27 48.91
CA ASP D 149 0.95 -0.62 49.39
C ASP D 149 1.66 0.52 50.10
N ASN D 150 1.52 1.74 49.59
CA ASN D 150 2.24 2.88 50.14
C ASN D 150 1.31 3.77 50.96
N LEU E 2 10.53 -8.42 49.06
CA LEU E 2 10.41 -9.76 49.59
C LEU E 2 9.60 -10.64 48.65
N TRP E 3 8.69 -10.01 47.91
CA TRP E 3 7.92 -10.68 46.86
C TRP E 3 8.00 -9.85 45.59
N VAL E 4 7.94 -10.54 44.46
CA VAL E 4 7.98 -9.89 43.16
C VAL E 4 6.71 -9.10 42.95
N THR E 5 6.85 -7.84 42.57
CA THR E 5 5.72 -7.06 42.09
C THR E 5 6.11 -6.37 40.80
N VAL E 6 5.10 -5.99 40.03
CA VAL E 6 5.31 -5.34 38.74
C VAL E 6 4.88 -3.90 38.85
N TYR E 7 5.29 -3.10 37.87
CA TYR E 7 4.97 -1.69 37.84
C TYR E 7 4.71 -1.28 36.39
N TYR E 8 3.55 -0.70 36.14
CA TYR E 8 3.24 -0.17 34.82
C TYR E 8 3.70 1.28 34.75
N GLY E 9 4.38 1.64 33.67
CA GLY E 9 4.84 2.99 33.51
C GLY E 9 6.04 3.34 34.37
N VAL E 10 7.18 2.76 34.06
CA VAL E 10 8.43 3.12 34.72
C VAL E 10 9.35 3.77 33.70
N PRO E 11 10.20 4.71 34.09
CA PRO E 11 11.10 5.35 33.10
C PRO E 11 12.27 4.47 32.67
N VAL E 12 12.01 3.59 31.71
CA VAL E 12 13.02 2.68 31.17
C VAL E 12 12.90 2.73 29.65
N TRP E 13 13.99 3.09 28.98
CA TRP E 13 14.02 3.12 27.53
C TRP E 13 15.11 2.20 27.00
N ARG E 14 15.13 2.06 25.68
CA ARG E 14 16.15 1.28 24.99
C ARG E 14 16.27 1.81 23.58
N GLU E 15 17.51 1.92 23.10
CA GLU E 15 17.74 2.45 21.76
C GLU E 15 17.26 1.46 20.70
N ALA E 16 16.59 1.97 19.67
CA ALA E 16 15.96 1.11 18.70
C ALA E 16 15.93 1.80 17.34
N LYS E 17 15.31 1.14 16.37
CA LYS E 17 15.15 1.66 15.02
C LYS E 17 13.69 1.52 14.63
N THR E 18 13.07 2.62 14.22
CA THR E 18 11.65 2.63 13.91
C THR E 18 11.37 3.56 12.74
N THR E 19 10.09 3.74 12.43
CA THR E 19 9.63 4.45 11.26
C THR E 19 8.91 5.72 11.66
N LEU E 20 9.48 6.87 11.31
CA LEU E 20 8.94 8.16 11.70
C LEU E 20 7.99 8.67 10.63
N PHE E 21 7.37 9.83 10.86
CA PHE E 21 6.47 10.39 9.87
C PHE E 21 6.52 11.91 9.89
N CYS E 22 5.87 12.52 8.91
CA CYS E 22 5.89 13.95 8.66
C CYS E 22 4.91 14.70 9.54
N ALA E 23 5.19 15.99 9.72
CA ALA E 23 4.28 16.93 10.38
C ALA E 23 4.62 18.33 9.90
N SER E 24 3.75 18.91 9.07
CA SER E 24 3.97 20.25 8.57
C SER E 24 3.15 21.25 9.35
N ASP E 25 3.42 22.54 9.12
CA ASP E 25 2.75 23.61 9.85
C ASP E 25 1.53 24.13 9.07
N ALA E 26 0.67 23.18 8.69
CA ALA E 26 -0.53 23.38 7.87
C ALA E 26 -0.25 24.13 6.56
N GLU E 32 -3.29 26.71 -3.20
CA GLU E 32 -2.56 25.58 -2.64
C GLU E 32 -1.87 24.78 -3.73
N VAL E 33 -0.69 25.24 -4.13
CA VAL E 33 0.06 24.57 -5.18
C VAL E 33 0.72 23.31 -4.60
N HIS E 34 0.99 22.34 -5.48
CA HIS E 34 1.66 21.13 -5.06
C HIS E 34 3.12 21.41 -4.71
N ASN E 35 3.67 20.57 -3.85
CA ASN E 35 5.04 20.73 -3.39
C ASN E 35 5.69 19.36 -3.24
N VAL E 36 6.98 19.30 -3.54
CA VAL E 36 7.68 18.03 -3.51
C VAL E 36 7.97 17.58 -2.08
N TRP E 37 8.22 18.52 -1.16
CA TRP E 37 8.56 18.12 0.20
C TRP E 37 7.33 17.73 1.00
N ALA E 38 6.46 18.69 1.28
CA ALA E 38 5.21 18.42 1.94
C ALA E 38 4.13 18.45 0.86
N THR E 39 3.55 17.29 0.59
CA THR E 39 2.59 17.14 -0.51
C THR E 39 1.18 17.56 -0.13
N HIS E 40 1.05 18.39 0.92
CA HIS E 40 -0.21 18.69 1.62
C HIS E 40 -0.89 17.42 2.13
N ALA E 41 -0.08 16.39 2.42
CA ALA E 41 -0.53 15.17 3.08
C ALA E 41 0.46 14.93 4.22
N CYS E 42 0.22 15.64 5.32
CA CYS E 42 1.01 15.54 6.53
C CYS E 42 0.10 15.95 7.67
N VAL E 43 0.38 15.43 8.86
CA VAL E 43 -0.45 15.76 10.01
C VAL E 43 -0.11 17.19 10.44
N PRO E 44 -1.08 17.94 10.95
CA PRO E 44 -0.75 19.27 11.47
C PRO E 44 0.00 19.17 12.78
N THR E 45 0.95 20.09 12.98
CA THR E 45 1.80 20.07 14.14
C THR E 45 1.05 20.52 15.39
N ASP E 46 1.68 20.31 16.52
CA ASP E 46 1.23 20.93 17.76
C ASP E 46 1.51 22.43 17.69
N PRO E 47 0.52 23.28 18.02
CA PRO E 47 0.82 24.70 18.15
C PRO E 47 1.77 25.02 19.30
N ASN E 48 1.79 24.18 20.33
CA ASN E 48 2.77 24.30 21.41
C ASN E 48 3.27 22.91 21.75
N PRO E 49 4.46 22.54 21.29
CA PRO E 49 4.97 21.19 21.55
C PRO E 49 5.36 21.02 23.02
N GLN E 50 5.08 19.84 23.54
CA GLN E 50 5.33 19.53 24.95
C GLN E 50 6.66 18.80 25.06
N GLU E 51 7.67 19.50 25.58
CA GLU E 51 8.97 18.91 25.83
C GLU E 51 9.12 18.66 27.32
N LEU E 52 9.52 17.45 27.68
CA LEU E 52 9.66 17.05 29.08
C LEU E 52 11.14 17.04 29.40
N VAL E 53 11.58 18.00 30.20
CA VAL E 53 12.99 18.08 30.58
C VAL E 53 13.28 17.01 31.62
N LEU E 54 14.35 16.26 31.41
CA LEU E 54 14.79 15.27 32.38
C LEU E 54 15.79 15.91 33.33
N GLU E 55 15.97 15.26 34.47
CA GLU E 55 16.82 15.82 35.52
C GLU E 55 17.84 14.78 35.93
N ASN E 56 19.12 15.17 35.89
CA ASN E 56 20.24 14.45 36.53
C ASN E 56 20.42 13.06 35.91
N VAL E 57 20.60 13.07 34.60
CA VAL E 57 20.78 11.85 33.82
C VAL E 57 21.73 12.15 32.66
N THR E 58 22.71 11.26 32.45
CA THR E 58 23.68 11.40 31.37
C THR E 58 23.49 10.24 30.40
N GLU E 59 23.06 10.54 29.18
CA GLU E 59 22.89 9.55 28.13
C GLU E 59 23.84 9.88 26.98
N ASN E 60 24.64 8.90 26.57
CA ASN E 60 25.59 9.08 25.49
C ASN E 60 24.99 8.55 24.20
N PHE E 61 25.08 9.35 23.13
CA PHE E 61 24.58 8.95 21.84
C PHE E 61 25.51 9.43 20.75
N ASN E 62 25.60 8.65 19.69
CA ASN E 62 26.46 8.97 18.56
C ASN E 62 25.70 9.78 17.53
N MET E 63 26.42 10.67 16.85
CA MET E 63 25.84 11.45 15.77
C MET E 63 25.93 10.70 14.45
N TRP E 64 27.10 10.17 14.12
CA TRP E 64 27.31 9.52 12.84
C TRP E 64 26.66 8.15 12.76
N LYS E 65 26.37 7.52 13.89
CA LYS E 65 25.69 6.22 13.90
C LYS E 65 24.19 6.36 14.05
N ASN E 66 23.62 7.48 13.60
CA ASN E 66 22.19 7.71 13.71
C ASN E 66 21.42 6.89 12.68
N ASP E 67 20.12 6.83 12.87
CA ASP E 67 19.24 6.17 11.90
C ASP E 67 18.29 7.14 11.21
N MET E 68 17.99 8.28 11.82
CA MET E 68 17.13 9.26 11.17
C MET E 68 17.77 9.88 9.95
N VAL E 69 19.10 9.99 9.93
CA VAL E 69 19.78 10.50 8.75
C VAL E 69 19.81 9.50 7.61
N ASP E 70 19.49 8.24 7.87
CA ASP E 70 19.29 7.28 6.80
C ASP E 70 17.82 7.10 6.44
N GLN E 71 16.92 7.45 7.34
CA GLN E 71 15.51 7.55 7.02
C GLN E 71 15.15 8.91 6.44
N MET E 72 16.12 9.81 6.31
CA MET E 72 15.90 11.08 5.63
C MET E 72 16.45 11.09 4.22
N HIS E 73 17.54 10.35 3.96
CA HIS E 73 18.05 10.26 2.61
C HIS E 73 17.25 9.29 1.76
N GLU E 74 16.44 8.43 2.36
CA GLU E 74 15.70 7.46 1.58
C GLU E 74 14.36 8.03 1.11
N ASP E 75 13.61 8.63 2.02
CA ASP E 75 12.26 9.09 1.67
C ASP E 75 12.28 10.34 0.81
N ILE E 76 13.33 11.14 0.88
CA ILE E 76 13.46 12.28 -0.03
C ILE E 76 13.68 11.79 -1.46
N ILE E 77 14.50 10.75 -1.61
CA ILE E 77 14.66 10.08 -2.90
C ILE E 77 13.33 9.53 -3.39
N SER E 78 12.55 8.91 -2.49
CA SER E 78 11.22 8.45 -2.85
C SER E 78 10.26 9.60 -3.13
N LEU E 79 10.48 10.76 -2.53
CA LEU E 79 9.62 11.91 -2.78
C LEU E 79 9.82 12.47 -4.17
N TRP E 80 11.08 12.64 -4.58
CA TRP E 80 11.35 13.05 -5.95
C TRP E 80 10.97 11.98 -6.96
N ASP E 81 11.08 10.71 -6.58
CA ASP E 81 10.60 9.63 -7.45
C ASP E 81 9.09 9.70 -7.62
N GLN E 82 8.36 10.05 -6.56
CA GLN E 82 6.91 10.16 -6.66
C GLN E 82 6.49 11.39 -7.44
N SER E 83 7.25 12.49 -7.31
CA SER E 83 6.82 13.72 -7.95
C SER E 83 7.21 13.79 -9.42
N LEU E 84 8.37 13.24 -9.79
CA LEU E 84 8.79 13.30 -11.18
C LEU E 84 8.21 12.19 -12.04
N LYS E 85 7.32 11.36 -11.48
CA LYS E 85 6.69 10.31 -12.28
C LYS E 85 5.72 10.86 -13.32
N PRO E 86 4.61 11.57 -12.96
CA PRO E 86 3.54 11.71 -13.94
C PRO E 86 3.73 12.83 -14.96
N CYS E 87 4.93 13.38 -15.12
CA CYS E 87 5.15 14.35 -16.19
C CYS E 87 6.15 13.79 -17.21
N VAL E 88 6.34 14.55 -18.27
CA VAL E 88 6.85 14.05 -19.53
C VAL E 88 8.36 13.80 -19.44
N LYS E 89 8.81 12.68 -20.01
CA LYS E 89 10.22 12.40 -20.17
C LYS E 89 10.72 12.96 -21.49
N LEU E 90 11.97 13.45 -21.48
CA LEU E 90 12.57 13.99 -22.69
C LEU E 90 13.36 12.92 -23.44
N THR E 91 12.74 11.77 -23.68
CA THR E 91 13.38 10.74 -24.48
C THR E 91 13.48 11.12 -25.96
N PRO E 92 12.39 11.56 -26.69
CA PRO E 92 12.59 11.81 -28.12
C PRO E 92 13.16 13.19 -28.41
N LEU E 93 13.70 13.86 -27.40
CA LEU E 93 14.24 15.19 -27.61
C LEU E 93 15.61 15.14 -28.27
N CYS E 94 16.55 14.39 -27.70
CA CYS E 94 17.96 14.55 -28.05
C CYS E 94 18.23 13.87 -29.39
N VAL E 95 18.53 14.69 -30.39
CA VAL E 95 18.90 14.26 -31.74
C VAL E 95 20.20 14.98 -32.04
N THR E 96 20.68 14.89 -33.27
CA THR E 96 21.88 15.63 -33.64
C THR E 96 21.52 17.11 -33.70
N LEU E 97 21.89 17.83 -32.65
CA LEU E 97 21.62 19.26 -32.57
C LEU E 97 22.61 20.02 -33.44
N ASN E 98 22.23 21.25 -33.79
CA ASN E 98 23.01 22.09 -34.69
C ASN E 98 23.09 23.47 -34.05
N CYS E 99 24.11 23.69 -33.24
CA CYS E 99 24.18 24.86 -32.36
C CYS E 99 25.39 25.68 -32.74
N SER E 100 25.26 27.00 -32.74
CA SER E 100 26.40 27.86 -33.03
C SER E 100 26.83 28.70 -31.84
N ASP E 101 25.98 29.63 -31.39
CA ASP E 101 26.21 30.58 -30.30
C ASP E 101 24.97 31.46 -30.19
N ALA E 102 24.87 32.19 -29.09
CA ALA E 102 23.92 33.29 -29.00
C ALA E 102 24.63 34.59 -29.34
N LYS E 103 23.87 35.54 -29.87
CA LYS E 103 24.42 36.81 -30.33
C LYS E 103 23.81 37.99 -29.60
N VAL E 104 23.55 37.83 -28.31
CA VAL E 104 22.97 38.89 -27.51
C VAL E 104 24.06 39.76 -26.89
N GLU E 113 29.40 32.50 -26.08
CA GLU E 113 29.99 31.18 -25.86
C GLU E 113 29.31 30.49 -24.68
N GLU E 114 28.71 31.27 -23.79
CA GLU E 114 28.09 30.69 -22.60
C GLU E 114 26.75 30.04 -22.95
N ILE E 115 26.01 30.61 -23.89
CA ILE E 115 24.70 30.09 -24.27
C ILE E 115 24.68 29.85 -25.77
N LYS E 116 24.35 28.63 -26.16
CA LYS E 116 24.32 28.23 -27.56
C LYS E 116 22.89 28.24 -28.08
N ASN E 117 22.74 28.59 -29.37
CA ASN E 117 21.45 28.63 -30.05
C ASN E 117 21.30 27.34 -30.84
N CYS E 118 20.61 26.37 -30.26
CA CYS E 118 20.47 25.05 -30.84
C CYS E 118 19.21 24.99 -31.69
N SER E 119 19.26 24.24 -32.79
CA SER E 119 18.12 24.08 -33.68
C SER E 119 18.06 22.62 -34.13
N PHE E 120 16.92 21.97 -33.87
CA PHE E 120 16.82 20.52 -33.99
C PHE E 120 15.49 20.19 -34.67
N ASN E 121 15.26 18.90 -34.92
CA ASN E 121 14.04 18.41 -35.56
C ASN E 121 13.20 17.67 -34.53
N ALA E 122 12.21 18.34 -33.98
CA ALA E 122 11.26 17.65 -33.12
C ALA E 122 10.06 17.20 -33.94
N THR E 123 9.40 16.15 -33.46
CA THR E 123 8.16 15.71 -34.08
C THR E 123 7.01 16.57 -33.59
N THR E 124 6.04 16.78 -34.47
CA THR E 124 4.87 17.56 -34.12
C THR E 124 3.86 16.67 -33.42
N GLU E 125 2.61 17.13 -33.31
CA GLU E 125 1.59 16.42 -32.54
C GLU E 125 1.22 15.08 -33.17
N LEU E 126 1.45 14.92 -34.46
CA LEU E 126 1.26 13.65 -35.15
C LEU E 126 2.61 13.21 -35.71
N ARG E 127 2.91 11.93 -35.58
CA ARG E 127 4.27 11.44 -35.87
C ARG E 127 4.48 11.18 -37.37
N ASP E 128 4.21 12.19 -38.18
CA ASP E 128 4.48 12.08 -39.61
C ASP E 128 5.14 13.32 -40.18
N LYS E 129 5.10 14.45 -39.48
CA LYS E 129 5.74 15.67 -39.94
C LYS E 129 6.80 16.09 -38.91
N LYS E 130 7.78 16.84 -39.39
CA LYS E 130 8.87 17.29 -38.53
C LYS E 130 9.15 18.76 -38.78
N ARG E 131 8.88 19.59 -37.79
CA ARG E 131 9.24 20.99 -37.82
C ARG E 131 10.63 21.15 -37.23
N ARG E 132 11.41 22.07 -37.78
CA ARG E 132 12.68 22.40 -37.12
C ARG E 132 12.38 23.49 -36.09
N GLU E 133 12.73 23.20 -34.85
CA GLU E 133 12.46 24.11 -33.76
C GLU E 133 13.77 24.47 -33.07
N TYR E 134 13.87 25.72 -32.64
CA TYR E 134 15.08 26.22 -32.03
C TYR E 134 14.87 26.48 -30.55
N ALA E 135 15.94 26.28 -29.79
CA ALA E 135 15.95 26.56 -28.36
C ALA E 135 17.32 27.11 -28.00
N LEU E 136 17.49 27.48 -26.75
CA LEU E 136 18.77 27.99 -26.26
C LEU E 136 19.21 27.16 -25.06
N PHE E 137 20.42 26.65 -25.13
CA PHE E 137 20.96 25.80 -24.06
C PHE E 137 22.26 26.41 -23.57
N TYR E 138 22.72 25.91 -22.43
CA TYR E 138 23.98 26.36 -21.86
C TYR E 138 25.13 25.49 -22.35
N ARG E 139 26.33 26.08 -22.34
CA ARG E 139 27.52 25.34 -22.77
C ARG E 139 27.86 24.22 -21.79
N LEU E 140 27.46 24.36 -20.54
CA LEU E 140 27.60 23.31 -19.54
C LEU E 140 26.52 22.24 -19.65
N ASP E 141 25.76 22.20 -20.75
CA ASP E 141 24.66 21.28 -20.86
C ASP E 141 24.63 20.46 -22.14
N ILE E 142 25.49 20.76 -23.11
CA ILE E 142 25.56 19.97 -24.34
C ILE E 142 26.98 19.50 -24.51
N VAL E 143 27.15 18.37 -25.18
CA VAL E 143 28.47 17.84 -25.47
C VAL E 143 28.63 17.69 -26.98
N PRO E 144 29.80 17.99 -27.53
CA PRO E 144 30.00 17.89 -28.97
C PRO E 144 30.20 16.43 -29.39
N LEU E 145 30.24 16.24 -30.71
CA LEU E 145 30.38 14.92 -31.29
C LEU E 145 31.59 14.78 -32.21
N SER E 146 32.19 15.87 -32.65
CA SER E 146 33.36 15.81 -33.51
C SER E 146 34.63 16.14 -32.73
N ASN E 151 35.66 23.30 -33.96
CA ASN E 151 35.10 21.97 -34.17
C ASN E 151 34.31 21.92 -35.47
N ASN E 152 33.14 21.28 -35.41
CA ASN E 152 32.22 21.27 -36.53
C ASN E 152 30.79 21.60 -36.13
N SER E 153 30.54 21.84 -34.84
CA SER E 153 29.27 22.32 -34.27
C SER E 153 28.11 21.34 -34.56
N GLU E 154 28.22 20.16 -33.96
CA GLU E 154 27.11 19.21 -33.87
C GLU E 154 27.09 18.65 -32.47
N TYR E 155 26.16 19.12 -31.65
CA TYR E 155 26.11 18.75 -30.24
C TYR E 155 24.97 17.79 -29.98
N ARG E 156 24.95 17.26 -28.77
CA ARG E 156 23.84 16.48 -28.26
C ARG E 156 23.66 16.80 -26.80
N LEU E 157 22.55 16.35 -26.22
CA LEU E 157 22.31 16.56 -24.80
C LEU E 157 23.30 15.73 -23.97
N ILE E 158 23.51 16.17 -22.73
CA ILE E 158 24.73 15.82 -21.99
C ILE E 158 24.73 14.35 -21.59
N ASN E 159 23.61 13.83 -21.12
CA ASN E 159 23.62 12.46 -20.62
C ASN E 159 22.41 11.68 -21.11
N CYS E 160 22.06 11.81 -22.37
CA CYS E 160 21.13 10.83 -22.94
C CYS E 160 21.88 9.71 -23.64
N ASN E 161 22.87 9.17 -22.94
CA ASN E 161 23.50 7.91 -23.30
C ASN E 161 23.63 6.96 -22.12
N THR E 162 23.61 7.46 -20.90
CA THR E 162 23.65 6.64 -19.71
C THR E 162 22.32 6.58 -18.97
N SER E 163 21.54 7.66 -19.03
CA SER E 163 20.33 7.77 -18.23
C SER E 163 19.21 8.32 -19.07
N VAL E 164 18.03 7.74 -18.92
CA VAL E 164 16.82 8.35 -19.46
C VAL E 164 16.55 9.63 -18.68
N ILE E 165 16.17 10.68 -19.39
CA ILE E 165 16.07 12.01 -18.80
C ILE E 165 14.61 12.45 -18.82
N THR E 166 14.11 12.83 -17.65
CA THR E 166 12.78 13.40 -17.53
C THR E 166 12.89 14.86 -17.17
N GLN E 167 11.79 15.57 -17.32
CA GLN E 167 11.72 16.96 -16.91
C GLN E 167 10.84 17.08 -15.69
N ILE E 168 11.01 18.19 -14.99
CA ILE E 168 10.21 18.49 -13.83
C ILE E 168 8.83 18.93 -14.30
N CYS E 169 7.79 18.42 -13.64
CA CYS E 169 6.44 18.92 -13.85
C CYS E 169 6.41 20.40 -13.46
N PRO E 170 6.03 21.30 -14.36
CA PRO E 170 6.31 22.73 -14.17
C PRO E 170 5.45 23.41 -13.11
N LYS E 171 4.41 22.75 -12.62
CA LYS E 171 3.55 23.37 -11.62
C LYS E 171 4.15 23.32 -10.23
N VAL E 172 4.89 22.25 -9.91
CA VAL E 172 5.37 22.06 -8.55
C VAL E 172 6.55 22.98 -8.27
N THR E 173 6.82 23.19 -6.99
CA THR E 173 7.89 24.07 -6.52
C THR E 173 8.90 23.27 -5.70
N PHE E 174 10.02 23.91 -5.40
CA PHE E 174 11.08 23.29 -4.62
C PHE E 174 11.40 24.04 -3.35
N ASP E 175 10.57 25.00 -2.96
CA ASP E 175 10.89 25.86 -1.84
C ASP E 175 10.79 25.07 -0.54
N PRO E 176 11.88 24.93 0.21
CA PRO E 176 11.85 24.04 1.38
C PRO E 176 11.07 24.61 2.55
N ILE E 177 9.87 24.08 2.77
CA ILE E 177 9.13 24.42 3.98
C ILE E 177 9.56 23.41 5.04
N PRO E 178 9.64 23.79 6.30
CA PRO E 178 10.19 22.87 7.30
C PRO E 178 9.23 21.75 7.65
N ILE E 179 9.77 20.54 7.72
CA ILE E 179 8.99 19.37 8.12
C ILE E 179 9.47 18.91 9.49
N HIS E 180 8.54 18.36 10.26
CA HIS E 180 8.83 17.81 11.57
C HIS E 180 8.72 16.29 11.49
N TYR E 181 9.61 15.60 12.18
CA TYR E 181 9.65 14.14 12.20
C TYR E 181 9.11 13.64 13.51
N CYS E 182 7.91 13.05 13.50
CA CYS E 182 7.30 12.52 14.71
C CYS E 182 7.48 11.01 14.79
N ALA E 183 7.95 10.56 15.95
CA ALA E 183 8.03 9.15 16.27
C ALA E 183 6.62 8.59 16.48
N PRO E 184 6.42 7.29 16.30
CA PRO E 184 5.11 6.69 16.58
C PRO E 184 4.77 6.75 18.05
N ALA E 185 3.49 6.54 18.33
CA ALA E 185 2.99 6.56 19.70
C ALA E 185 3.52 5.33 20.44
N GLY E 186 4.18 5.58 21.57
CA GLY E 186 4.90 4.54 22.27
C GLY E 186 6.41 4.60 22.09
N TYR E 187 6.91 5.63 21.44
CA TYR E 187 8.35 5.85 21.30
C TYR E 187 8.66 7.25 21.79
N ALA E 188 9.95 7.53 21.94
CA ALA E 188 10.38 8.84 22.42
C ALA E 188 11.56 9.30 21.59
N ILE E 189 11.70 10.61 21.46
CA ILE E 189 12.85 11.21 20.79
C ILE E 189 13.58 12.05 21.81
N LEU E 190 14.78 11.63 22.18
CA LEU E 190 15.58 12.43 23.09
C LEU E 190 16.13 13.64 22.34
N LYS E 191 16.50 14.66 23.10
CA LYS E 191 17.04 15.88 22.50
C LYS E 191 17.99 16.51 23.51
N CYS E 192 19.25 16.62 23.13
CA CYS E 192 20.24 17.22 24.02
C CYS E 192 20.07 18.73 24.04
N ASN E 193 20.17 19.31 25.22
CA ASN E 193 20.04 20.75 25.37
C ASN E 193 21.34 21.42 25.79
N ASN E 194 22.45 20.69 25.74
CA ASN E 194 23.74 21.28 26.08
C ASN E 194 24.20 22.20 24.96
N LYS E 195 24.88 23.28 25.34
CA LYS E 195 25.24 24.31 24.36
C LYS E 195 26.49 23.93 23.58
N THR E 196 27.54 23.49 24.28
CA THR E 196 28.84 23.25 23.66
C THR E 196 29.02 21.79 23.31
N PHE E 197 27.97 21.15 22.84
CA PHE E 197 27.94 19.70 22.64
C PHE E 197 28.80 19.32 21.43
N ASN E 198 29.98 18.82 21.71
CA ASN E 198 30.72 17.99 20.76
C ASN E 198 29.87 16.80 20.36
N GLY E 199 29.99 16.39 19.09
CA GLY E 199 28.97 15.58 18.44
C GLY E 199 28.74 14.19 19.00
N THR E 200 29.73 13.61 19.66
CA THR E 200 29.61 12.25 20.20
C THR E 200 30.07 12.24 21.63
N GLY E 201 29.21 11.79 22.53
CA GLY E 201 29.54 11.70 23.93
C GLY E 201 28.32 11.86 24.82
N PRO E 202 28.53 11.82 26.14
CA PRO E 202 27.40 11.97 27.06
C PRO E 202 27.14 13.44 27.38
N CYS E 203 25.91 13.87 27.19
CA CYS E 203 25.49 15.21 27.58
C CYS E 203 24.43 15.11 28.68
N ASN E 204 24.47 16.05 29.62
CA ASN E 204 23.78 15.90 30.89
C ASN E 204 22.57 16.81 31.04
N ASN E 205 22.05 17.35 29.94
CA ASN E 205 20.82 18.14 29.98
C ASN E 205 19.93 17.63 28.86
N VAL E 206 19.18 16.58 29.13
CA VAL E 206 18.42 15.87 28.11
C VAL E 206 16.95 16.17 28.30
N SER E 207 16.24 16.35 27.20
CA SER E 207 14.79 16.54 27.25
C SER E 207 14.15 15.73 26.14
N THR E 208 13.05 15.06 26.48
CA THR E 208 12.30 14.30 25.50
C THR E 208 11.33 15.23 24.78
N VAL E 209 11.09 14.93 23.51
CA VAL E 209 10.12 15.67 22.72
C VAL E 209 9.47 14.67 21.76
N GLN E 210 8.17 14.85 21.53
CA GLN E 210 7.46 13.96 20.62
C GLN E 210 7.98 14.11 19.19
N CYS E 211 8.12 15.34 18.73
CA CYS E 211 8.78 15.59 17.46
C CYS E 211 9.58 16.87 17.43
N THR E 212 10.64 16.82 16.62
CA THR E 212 11.71 17.80 16.54
C THR E 212 11.20 19.11 15.96
N HIS E 213 12.10 20.09 15.94
CA HIS E 213 11.79 21.41 15.43
C HIS E 213 11.72 21.40 13.90
N GLY E 214 11.52 22.57 13.33
CA GLY E 214 11.35 22.69 11.90
C GLY E 214 12.65 22.44 11.17
N ILE E 215 12.69 21.42 10.32
CA ILE E 215 13.87 21.06 9.56
C ILE E 215 13.62 21.40 8.10
N LYS E 216 14.28 22.43 7.60
CA LYS E 216 14.19 22.75 6.19
C LYS E 216 15.03 21.73 5.41
N PRO E 217 14.44 21.01 4.47
CA PRO E 217 15.22 20.03 3.70
C PRO E 217 16.02 20.68 2.58
N VAL E 218 17.01 21.48 2.98
CA VAL E 218 17.80 22.24 2.03
C VAL E 218 18.80 21.31 1.35
N VAL E 219 19.14 21.63 0.10
CA VAL E 219 20.06 20.84 -0.69
C VAL E 219 21.25 21.72 -1.06
N SER E 220 22.40 21.45 -0.46
CA SER E 220 23.64 22.11 -0.83
C SER E 220 24.78 21.15 -0.61
N THR E 221 25.94 21.47 -1.17
CA THR E 221 27.07 20.56 -1.09
C THR E 221 28.36 21.19 -0.63
N GLN E 222 28.46 22.51 -0.56
CA GLN E 222 29.70 23.14 -0.17
C GLN E 222 29.57 23.96 1.10
N LEU E 223 28.59 24.86 1.14
CA LEU E 223 28.33 25.69 2.30
C LEU E 223 26.88 25.46 2.70
N LEU E 224 26.64 25.24 3.99
CA LEU E 224 25.30 24.95 4.45
C LEU E 224 24.45 26.22 4.45
N LEU E 225 23.18 26.07 4.10
CA LEU E 225 22.30 27.21 3.93
C LEU E 225 21.04 27.04 4.77
N ASN E 226 20.56 28.15 5.34
CA ASN E 226 19.29 28.26 6.04
C ASN E 226 19.19 27.32 7.24
N GLY E 227 20.31 27.00 7.85
CA GLY E 227 20.30 26.10 8.99
C GLY E 227 20.20 26.85 10.30
N SER E 228 19.95 26.09 11.35
CA SER E 228 19.91 26.65 12.70
C SER E 228 21.32 26.87 13.21
N LEU E 229 21.54 28.05 13.79
CA LEU E 229 22.85 28.43 14.30
C LEU E 229 23.17 27.64 15.57
N ALA E 230 24.43 27.67 15.96
CA ALA E 230 24.81 27.09 17.24
C ALA E 230 24.44 28.03 18.37
N GLU E 231 24.67 27.57 19.60
CA GLU E 231 24.48 28.38 20.78
C GLU E 231 25.84 28.78 21.33
N GLU E 232 26.11 30.08 21.30
CA GLU E 232 27.16 30.79 22.04
C GLU E 232 28.59 30.35 21.78
N GLU E 233 28.82 29.39 20.88
CA GLU E 233 30.17 28.93 20.53
C GLU E 233 30.20 28.52 19.08
N ILE E 234 31.40 28.21 18.61
CA ILE E 234 31.61 27.57 17.31
C ILE E 234 31.89 26.10 17.56
N ILE E 235 31.09 25.23 16.97
CA ILE E 235 31.19 23.80 17.18
C ILE E 235 31.91 23.18 15.99
N ILE E 236 32.84 22.27 16.27
CA ILE E 236 33.57 21.56 15.23
C ILE E 236 33.22 20.09 15.29
N ARG E 237 32.21 19.68 14.55
CA ARG E 237 31.75 18.31 14.62
C ARG E 237 32.50 17.45 13.60
N SER E 238 32.98 16.30 14.06
CA SER E 238 33.67 15.36 13.20
C SER E 238 33.43 13.96 13.73
N GLU E 239 34.06 12.97 13.10
CA GLU E 239 34.05 11.61 13.60
C GLU E 239 35.42 11.15 14.07
N ASN E 240 36.43 11.29 13.21
CA ASN E 240 37.81 11.02 13.57
C ASN E 240 38.62 12.22 13.11
N LEU E 241 39.14 13.00 14.06
CA LEU E 241 39.90 14.18 13.68
C LEU E 241 41.32 13.84 13.25
N THR E 242 41.78 12.61 13.46
CA THR E 242 43.04 12.15 12.92
C THR E 242 42.85 11.34 11.64
N ASP E 243 41.87 11.71 10.83
CA ASP E 243 41.52 11.02 9.60
C ASP E 243 41.69 11.98 8.42
N ASN E 244 41.65 11.42 7.22
CA ASN E 244 41.76 12.22 6.00
C ASN E 244 40.53 12.16 5.12
N VAL E 245 39.77 11.07 5.12
CA VAL E 245 38.59 10.98 4.29
C VAL E 245 37.33 11.40 5.05
N LYS E 246 37.34 11.36 6.38
CA LYS E 246 36.19 11.77 7.14
C LYS E 246 36.07 13.29 7.16
N THR E 247 34.90 13.80 6.77
CA THR E 247 34.69 15.23 6.62
C THR E 247 34.62 15.92 7.97
N ILE E 248 34.64 17.24 7.93
CA ILE E 248 34.59 18.07 9.13
C ILE E 248 33.43 19.03 8.94
N ILE E 249 32.36 18.86 9.70
CA ILE E 249 31.26 19.81 9.70
C ILE E 249 31.60 20.91 10.70
N VAL E 250 31.59 22.15 10.24
CA VAL E 250 31.89 23.29 11.09
C VAL E 250 30.60 24.07 11.26
N HIS E 251 29.91 23.84 12.37
CA HIS E 251 28.74 24.63 12.70
C HIS E 251 29.14 26.05 13.09
N LEU E 252 28.19 26.97 12.99
CA LEU E 252 28.47 28.38 13.19
C LEU E 252 27.48 28.99 14.18
N ASN E 253 27.87 30.13 14.72
CA ASN E 253 26.99 30.95 15.54
C ASN E 253 26.91 32.38 15.06
N GLU E 254 27.63 32.74 14.00
CA GLU E 254 27.53 34.05 13.36
C GLU E 254 27.01 33.83 11.95
N SER E 255 25.75 34.20 11.72
CA SER E 255 25.15 34.02 10.41
C SER E 255 25.72 35.02 9.42
N VAL E 256 26.29 34.52 8.33
CA VAL E 256 26.82 35.35 7.26
C VAL E 256 25.83 35.33 6.11
N GLU E 257 25.39 36.50 5.67
CA GLU E 257 24.36 36.58 4.66
C GLU E 257 24.95 36.45 3.27
N ILE E 258 24.31 35.63 2.44
CA ILE E 258 24.68 35.47 1.05
C ILE E 258 23.54 36.00 0.19
N THR E 259 23.88 36.51 -0.99
CA THR E 259 22.89 37.09 -1.90
C THR E 259 23.23 36.60 -3.30
N CYS E 260 22.39 35.75 -3.87
CA CYS E 260 22.66 35.16 -5.16
C CYS E 260 21.54 35.48 -6.12
N THR E 261 21.92 35.88 -7.34
CA THR E 261 20.95 36.40 -8.29
C THR E 261 21.49 36.24 -9.70
N ARG E 262 20.57 36.33 -10.67
CA ARG E 262 20.95 36.50 -12.07
C ARG E 262 20.10 37.63 -12.64
N PRO E 263 20.71 38.66 -13.21
CA PRO E 263 19.94 39.82 -13.67
C PRO E 263 19.44 39.74 -15.10
N ASN E 264 19.41 38.57 -15.71
CA ASN E 264 18.89 38.44 -17.07
C ASN E 264 17.40 38.14 -17.03
N ASN E 265 16.68 38.70 -17.98
CA ASN E 265 15.23 38.54 -18.08
C ASN E 265 14.95 37.44 -19.10
N MET E 266 14.92 36.21 -18.64
CA MET E 266 14.72 35.07 -19.53
C MET E 266 13.27 34.97 -19.96
N THR E 267 13.07 34.50 -21.19
CA THR E 267 11.75 34.32 -21.77
C THR E 267 11.57 32.85 -22.09
N ARG E 268 10.68 32.18 -21.36
CA ARG E 268 10.41 30.78 -21.65
C ARG E 268 9.58 30.67 -22.94
N LYS E 269 9.53 29.45 -23.47
CA LYS E 269 8.86 29.21 -24.73
C LYS E 269 8.43 27.75 -24.78
N SER E 270 7.16 27.51 -25.12
CA SER E 270 6.64 26.16 -25.16
C SER E 270 6.92 25.53 -26.52
N VAL E 271 7.43 24.32 -26.51
CA VAL E 271 7.60 23.54 -27.73
C VAL E 271 6.98 22.17 -27.50
N ARG E 272 6.42 21.61 -28.56
CA ARG E 272 5.73 20.32 -28.50
C ARG E 272 6.59 19.27 -29.19
N ILE E 273 6.86 18.17 -28.49
CA ILE E 273 7.68 17.11 -29.05
C ILE E 273 6.88 15.85 -29.35
N GLY E 274 5.80 15.59 -28.64
CA GLY E 274 5.01 14.41 -28.88
C GLY E 274 3.53 14.70 -28.75
N PRO E 275 2.70 13.70 -29.07
CA PRO E 275 1.25 13.87 -28.89
C PRO E 275 0.87 13.97 -27.42
N GLY E 276 0.44 15.15 -27.02
CA GLY E 276 0.22 15.42 -25.61
C GLY E 276 1.48 15.60 -24.80
N GLN E 277 2.63 15.75 -25.46
CA GLN E 277 3.92 15.86 -24.78
C GLN E 277 4.60 17.16 -25.22
N THR E 278 4.67 18.11 -24.30
CA THR E 278 5.33 19.39 -24.54
C THR E 278 6.29 19.69 -23.40
N PHE E 279 7.22 20.59 -23.66
CA PHE E 279 8.08 21.09 -22.60
C PHE E 279 8.46 22.52 -22.91
N TYR E 280 9.18 23.13 -21.97
CA TYR E 280 9.52 24.53 -22.02
C TYR E 280 11.02 24.70 -22.17
N ALA E 281 11.44 25.64 -23.00
CA ALA E 281 12.85 25.89 -23.22
C ALA E 281 13.05 27.40 -23.33
N LEU E 282 14.31 27.81 -23.25
CA LEU E 282 14.64 29.22 -23.24
C LEU E 282 14.48 29.81 -24.64
N GLY E 283 13.72 30.89 -24.74
CA GLY E 283 13.60 31.62 -26.00
C GLY E 283 14.74 32.61 -26.11
N ASP E 284 14.42 33.87 -26.35
CA ASP E 284 15.45 34.89 -26.47
C ASP E 284 15.65 35.60 -25.14
N ILE E 285 16.81 36.24 -25.01
CA ILE E 285 17.22 36.88 -23.77
C ILE E 285 17.06 38.39 -23.93
N ILE E 286 16.43 39.02 -22.94
CA ILE E 286 16.12 40.44 -23.02
C ILE E 286 17.35 41.25 -22.64
N GLY E 287 17.75 42.15 -23.52
CA GLY E 287 18.80 43.09 -23.21
C GLY E 287 20.19 42.47 -23.23
N ASP E 288 21.13 43.22 -22.67
CA ASP E 288 22.51 42.76 -22.62
C ASP E 288 22.68 41.65 -21.59
N ILE E 289 23.47 40.66 -21.95
CA ILE E 289 23.68 39.50 -21.09
C ILE E 289 24.62 39.89 -19.95
N ARG E 290 24.30 39.42 -18.75
CA ARG E 290 25.12 39.68 -17.57
C ARG E 290 25.32 38.39 -16.82
N GLN E 291 26.40 38.34 -16.03
CA GLN E 291 26.74 37.12 -15.33
C GLN E 291 25.79 36.87 -14.17
N PRO E 292 25.55 35.61 -13.81
CA PRO E 292 24.93 35.31 -12.53
C PRO E 292 25.99 35.22 -11.45
N HIS E 293 25.86 36.00 -10.40
CA HIS E 293 26.89 36.06 -9.38
C HIS E 293 26.27 35.98 -7.99
N CYS E 294 27.12 35.65 -7.02
CA CYS E 294 26.78 35.67 -5.61
C CYS E 294 27.63 36.70 -4.88
N ASN E 295 27.16 37.12 -3.71
CA ASN E 295 27.84 38.17 -2.97
C ASN E 295 28.00 37.77 -1.51
N ILE E 296 29.15 38.12 -0.94
CA ILE E 296 29.48 37.87 0.45
C ILE E 296 30.22 39.09 0.97
N SER E 297 29.76 39.64 2.09
CA SER E 297 30.45 40.76 2.70
C SER E 297 31.80 40.32 3.25
N GLU E 298 32.82 41.14 2.99
CA GLU E 298 34.19 40.73 3.24
C GLU E 298 34.53 40.73 4.73
N ILE E 299 34.13 41.78 5.45
CA ILE E 299 34.44 41.84 6.88
C ILE E 299 33.59 40.88 7.68
N LYS E 300 32.45 40.45 7.16
CA LYS E 300 31.67 39.41 7.82
C LYS E 300 32.17 38.02 7.48
N TRP E 301 33.17 37.90 6.61
CA TRP E 301 33.74 36.61 6.24
C TRP E 301 35.15 36.40 6.73
N GLU E 302 35.98 37.45 6.75
CA GLU E 302 37.34 37.32 7.24
C GLU E 302 37.37 36.98 8.74
N LYS E 303 36.51 37.63 9.52
CA LYS E 303 36.41 37.31 10.94
C LYS E 303 35.82 35.93 11.17
N THR E 304 34.94 35.47 10.27
CA THR E 304 34.37 34.14 10.42
C THR E 304 35.41 33.06 10.16
N LEU E 305 36.25 33.25 9.15
CA LEU E 305 37.34 32.30 8.94
C LEU E 305 38.37 32.35 10.04
N GLN E 306 38.62 33.53 10.62
CA GLN E 306 39.59 33.61 11.71
C GLN E 306 39.07 32.91 12.96
N ARG E 307 37.79 33.08 13.28
CA ARG E 307 37.21 32.42 14.44
C ARG E 307 37.10 30.92 14.24
N VAL E 308 36.96 30.45 13.01
CA VAL E 308 37.00 29.01 12.77
C VAL E 308 38.44 28.52 12.86
N SER E 309 39.40 29.33 12.43
CA SER E 309 40.80 28.92 12.43
C SER E 309 41.34 28.73 13.83
N GLU E 310 40.94 29.57 14.77
CA GLU E 310 41.37 29.37 16.15
C GLU E 310 40.72 28.15 16.78
N LYS E 311 39.47 27.85 16.44
CA LYS E 311 38.82 26.65 16.93
C LYS E 311 39.27 25.39 16.21
N LEU E 312 40.08 25.50 15.17
CA LEU E 312 40.72 24.35 14.55
C LEU E 312 42.18 24.18 14.89
N ARG E 313 42.85 25.24 15.35
CA ARG E 313 44.27 25.12 15.68
C ARG E 313 44.48 24.26 16.92
N GLU E 314 43.60 24.38 17.91
CA GLU E 314 43.77 23.67 19.16
C GLU E 314 43.51 22.17 19.05
N HIS E 315 42.85 21.72 17.99
CA HIS E 315 42.64 20.29 17.79
C HIS E 315 43.72 19.66 16.92
N PHE E 316 44.69 20.45 16.46
CA PHE E 316 45.82 19.91 15.70
C PHE E 316 47.17 20.43 16.17
N ASN E 317 47.21 21.56 16.88
CA ASN E 317 48.42 22.16 17.45
C ASN E 317 49.48 22.44 16.37
N LYS E 318 49.01 22.90 15.21
CA LYS E 318 49.89 23.39 14.15
C LYS E 318 49.11 24.46 13.40
N THR E 319 49.80 25.21 12.56
CA THR E 319 49.11 26.25 11.80
C THR E 319 48.26 25.64 10.71
N ILE E 320 47.13 26.29 10.41
CA ILE E 320 46.27 25.81 9.34
C ILE E 320 46.22 26.88 8.25
N ILE E 321 46.03 26.41 7.03
CA ILE E 321 45.99 27.26 5.84
C ILE E 321 44.90 26.68 4.94
N PHE E 322 43.90 27.49 4.62
CA PHE E 322 42.88 27.04 3.70
C PHE E 322 43.42 27.04 2.27
N ASN E 323 42.87 26.17 1.44
CA ASN E 323 43.31 26.08 0.06
C ASN E 323 42.10 25.85 -0.83
N GLN E 324 42.37 25.85 -2.14
CA GLN E 324 41.34 25.68 -3.16
C GLN E 324 40.74 24.29 -3.10
N SER E 325 39.68 24.08 -3.86
CA SER E 325 39.12 22.75 -3.96
C SER E 325 39.99 21.89 -4.89
N SER E 326 39.61 20.62 -5.03
CA SER E 326 40.43 19.70 -5.81
C SER E 326 40.28 19.96 -7.30
N GLY E 327 39.07 19.81 -7.83
CA GLY E 327 38.80 20.02 -9.23
C GLY E 327 38.07 18.84 -9.81
N GLY E 328 38.04 18.78 -11.13
CA GLY E 328 37.39 17.69 -11.84
C GLY E 328 36.00 18.10 -12.32
N ASP E 329 35.00 17.30 -12.00
CA ASP E 329 33.63 17.61 -12.36
C ASP E 329 33.13 18.82 -11.56
N LEU E 330 32.08 19.45 -12.08
CA LEU E 330 31.58 20.70 -11.50
C LEU E 330 30.45 20.46 -10.52
N GLU E 331 30.49 19.36 -9.78
CA GLU E 331 29.62 19.17 -8.63
C GLU E 331 30.41 19.02 -7.34
N ILE E 332 31.74 19.02 -7.40
CA ILE E 332 32.59 18.86 -6.24
C ILE E 332 33.39 20.13 -5.96
N THR E 333 33.96 20.74 -6.99
CA THR E 333 34.74 21.96 -6.84
C THR E 333 33.90 23.22 -6.95
N THR E 334 32.62 23.14 -6.59
CA THR E 334 31.71 24.26 -6.72
C THR E 334 30.89 24.41 -5.44
N HIS E 335 30.01 25.40 -5.44
CA HIS E 335 29.02 25.59 -4.39
C HIS E 335 27.67 25.43 -5.05
N SER E 336 27.17 24.20 -5.10
CA SER E 336 25.90 23.91 -5.75
C SER E 336 24.76 24.11 -4.77
N PHE E 337 23.72 24.80 -5.23
CA PHE E 337 22.54 25.01 -4.41
C PHE E 337 21.37 25.34 -5.32
N ASN E 338 20.19 25.40 -4.71
CA ASN E 338 18.95 25.68 -5.39
C ASN E 338 18.45 27.05 -4.96
N CYS E 339 17.84 27.78 -5.90
CA CYS E 339 17.38 29.14 -5.61
C CYS E 339 16.20 29.44 -6.50
N GLY E 340 15.01 29.48 -5.90
CA GLY E 340 13.80 29.90 -6.58
C GLY E 340 13.35 29.04 -7.73
N GLY E 341 13.81 27.80 -7.81
CA GLY E 341 13.55 26.97 -8.95
C GLY E 341 14.65 26.93 -9.98
N GLU E 342 15.85 27.38 -9.64
CA GLU E 342 16.98 27.32 -10.55
C GLU E 342 18.20 26.80 -9.80
N PHE E 343 19.03 26.03 -10.48
CA PHE E 343 20.13 25.31 -9.86
C PHE E 343 21.45 25.99 -10.24
N PHE E 344 22.16 26.49 -9.24
CA PHE E 344 23.37 27.26 -9.46
C PHE E 344 24.60 26.38 -9.23
N TYR E 345 25.74 26.84 -9.75
CA TYR E 345 27.03 26.17 -9.56
C TYR E 345 28.08 27.27 -9.53
N CYS E 346 28.42 27.73 -8.32
CA CYS E 346 29.28 28.89 -8.18
C CYS E 346 30.73 28.47 -7.90
N ASN E 347 31.65 29.39 -8.16
CA ASN E 347 33.08 29.05 -8.18
C ASN E 347 33.64 28.86 -6.77
N THR E 348 33.20 29.70 -5.81
CA THR E 348 33.44 29.62 -4.35
C THR E 348 34.91 29.45 -3.94
N SER E 349 35.86 29.70 -4.83
CA SER E 349 37.25 29.46 -4.50
C SER E 349 38.14 30.56 -5.05
N ASP E 350 37.72 31.81 -4.89
CA ASP E 350 38.47 32.92 -5.44
C ASP E 350 39.07 33.81 -4.37
N LEU E 351 38.25 34.33 -3.47
CA LEU E 351 38.72 35.18 -2.39
C LEU E 351 38.24 34.63 -1.04
N PHE E 352 37.98 33.33 -0.99
CA PHE E 352 37.61 32.64 0.23
C PHE E 352 38.69 31.72 0.74
N PHE E 353 39.30 30.94 -0.14
CA PHE E 353 40.11 29.79 0.23
C PHE E 353 41.49 29.88 -0.40
N ASN E 354 42.14 31.03 -0.25
CA ASN E 354 43.55 31.17 -0.56
C ASN E 354 44.25 31.99 0.52
N LYS E 355 43.73 31.95 1.75
CA LYS E 355 44.15 32.85 2.81
C LYS E 355 44.63 32.06 4.02
N THR E 356 45.67 32.58 4.67
CA THR E 356 46.20 32.06 5.91
C THR E 356 45.76 32.94 7.07
N PHE E 357 46.28 32.66 8.27
CA PHE E 357 45.89 33.40 9.47
C PHE E 357 47.12 33.65 10.32
N ASN E 358 47.46 34.93 10.52
CA ASN E 358 48.60 35.28 11.35
C ASN E 358 48.24 35.17 12.83
N GLU E 359 49.25 35.39 13.67
CA GLU E 359 49.17 35.38 15.14
C GLU E 359 48.59 34.08 15.71
N THR E 368 36.56 48.54 5.76
CA THR E 368 36.00 48.94 4.48
C THR E 368 34.84 48.03 4.08
N ASN E 369 33.69 48.63 3.79
CA ASN E 369 32.50 47.88 3.38
C ASN E 369 32.65 47.51 1.91
N SER E 370 33.43 46.46 1.67
CA SER E 370 33.63 45.94 0.33
C SER E 370 32.58 44.84 0.07
N THR E 371 32.75 44.11 -1.02
CA THR E 371 31.87 43.00 -1.35
C THR E 371 32.62 42.02 -2.24
N ILE E 372 32.69 40.76 -1.80
CA ILE E 372 33.25 39.69 -2.62
C ILE E 372 32.17 39.20 -3.58
N THR E 373 32.51 39.14 -4.87
CA THR E 373 31.59 38.65 -5.90
C THR E 373 32.08 37.32 -6.41
N LEU E 374 31.25 36.31 -6.32
CA LEU E 374 31.66 35.02 -6.86
C LEU E 374 31.07 34.83 -8.24
N PRO E 375 31.87 34.46 -9.24
CA PRO E 375 31.28 34.04 -10.51
C PRO E 375 30.56 32.71 -10.35
N CYS E 376 29.46 32.56 -11.07
CA CYS E 376 28.59 31.42 -10.89
C CYS E 376 27.96 31.06 -12.22
N ARG E 377 27.89 29.76 -12.52
CA ARG E 377 27.31 29.29 -13.77
C ARG E 377 26.09 28.44 -13.47
N ILE E 378 25.14 28.44 -14.40
CA ILE E 378 23.86 27.76 -14.22
C ILE E 378 23.80 26.56 -15.13
N LYS E 379 23.24 25.47 -14.63
CA LYS E 379 22.98 24.28 -15.42
C LYS E 379 21.49 24.01 -15.46
N GLN E 380 21.02 23.45 -16.58
CA GLN E 380 19.63 23.05 -16.70
C GLN E 380 19.44 21.60 -16.29
N ILE E 381 20.16 20.69 -16.95
CA ILE E 381 20.09 19.28 -16.62
C ILE E 381 21.01 19.00 -15.45
N ILE E 382 20.46 18.41 -14.40
CA ILE E 382 21.24 18.14 -13.20
C ILE E 382 21.10 16.66 -12.85
N ASN E 383 22.19 16.09 -12.37
CA ASN E 383 22.21 14.72 -11.86
C ASN E 383 22.34 14.84 -10.35
N MET E 384 21.20 14.97 -9.68
CA MET E 384 21.21 15.12 -8.24
C MET E 384 21.51 13.78 -7.59
N TRP E 385 22.12 13.85 -6.40
CA TRP E 385 22.51 12.70 -5.56
C TRP E 385 23.48 11.76 -6.27
N GLN E 386 24.25 12.31 -7.22
CA GLN E 386 25.39 11.73 -7.96
C GLN E 386 25.22 10.27 -8.39
N GLU E 387 24.02 9.88 -8.75
CA GLU E 387 23.73 8.51 -9.14
C GLU E 387 23.43 8.44 -10.64
N VAL E 388 23.26 7.22 -11.12
CA VAL E 388 22.89 6.98 -12.52
C VAL E 388 21.48 6.43 -12.53
N GLY E 389 20.80 6.61 -13.68
CA GLY E 389 19.42 6.19 -13.82
C GLY E 389 18.41 7.27 -13.54
N ARG E 390 18.80 8.36 -12.90
CA ARG E 390 17.92 9.48 -12.60
C ARG E 390 18.62 10.77 -13.02
N ALA E 391 17.94 11.57 -13.84
CA ALA E 391 18.49 12.85 -14.28
C ALA E 391 17.34 13.77 -14.64
N MET E 392 17.02 14.70 -13.76
CA MET E 392 15.90 15.60 -13.99
C MET E 392 16.37 16.80 -14.81
N TYR E 393 15.40 17.47 -15.44
CA TYR E 393 15.64 18.65 -16.25
C TYR E 393 14.84 19.82 -15.67
N ALA E 394 15.50 20.93 -15.44
CA ALA E 394 14.80 22.05 -14.85
C ALA E 394 14.30 22.98 -15.93
N PRO E 395 13.02 23.34 -15.93
CA PRO E 395 12.54 24.33 -16.89
C PRO E 395 13.03 25.70 -16.53
N PRO E 396 13.18 26.60 -17.50
CA PRO E 396 13.64 27.95 -17.18
C PRO E 396 12.56 28.77 -16.49
N ILE E 397 13.01 29.83 -15.84
CA ILE E 397 12.14 30.70 -15.05
C ILE E 397 12.13 32.08 -15.68
N ALA E 398 10.94 32.58 -15.98
CA ALA E 398 10.79 33.86 -16.66
C ALA E 398 11.14 35.00 -15.72
N GLY E 399 12.02 35.88 -16.18
CA GLY E 399 12.43 37.02 -15.38
C GLY E 399 13.57 36.69 -14.44
N ASN E 400 14.05 37.72 -13.75
CA ASN E 400 15.16 37.57 -12.84
C ASN E 400 14.72 36.93 -11.53
N ILE E 401 15.70 36.44 -10.78
CA ILE E 401 15.49 35.86 -9.46
C ILE E 401 16.57 36.41 -8.54
N THR E 402 16.26 36.42 -7.24
CA THR E 402 17.19 36.92 -6.23
C THR E 402 16.84 36.24 -4.92
N CYS E 403 17.80 35.54 -4.32
CA CYS E 403 17.56 34.87 -3.05
C CYS E 403 18.66 35.22 -2.07
N LYS E 404 18.25 35.64 -0.87
CA LYS E 404 19.15 36.02 0.20
C LYS E 404 19.06 34.97 1.30
N SER E 405 20.21 34.46 1.72
CA SER E 405 20.21 33.33 2.65
C SER E 405 21.26 33.46 3.74
N ASN E 406 21.29 32.47 4.64
CA ASN E 406 22.18 32.49 5.79
C ASN E 406 23.13 31.31 5.70
N ILE E 407 24.43 31.57 5.80
CA ILE E 407 25.44 30.52 5.78
C ILE E 407 25.72 30.16 7.23
N THR E 408 25.09 29.10 7.72
CA THR E 408 25.34 28.57 9.06
C THR E 408 25.90 27.17 8.86
N GLY E 409 27.20 27.09 8.63
CA GLY E 409 27.81 25.78 8.47
C GLY E 409 28.72 25.65 7.27
N LEU E 410 29.83 24.95 7.44
CA LEU E 410 30.77 24.68 6.36
C LEU E 410 30.93 23.18 6.20
N LEU E 411 31.75 22.78 5.25
CA LEU E 411 32.04 21.37 4.99
C LEU E 411 33.49 21.29 4.53
N LEU E 412 34.38 20.99 5.46
CA LEU E 412 35.80 20.93 5.14
C LEU E 412 36.28 19.48 5.07
N THR E 413 37.49 19.31 4.55
CA THR E 413 38.09 17.98 4.41
C THR E 413 39.59 18.15 4.51
N ARG E 414 40.24 17.32 5.32
CA ARG E 414 41.68 17.39 5.46
C ARG E 414 42.37 16.93 4.17
N ASP E 415 43.61 17.38 4.00
CA ASP E 415 44.33 17.17 2.75
C ASP E 415 44.84 15.74 2.61
N GLY E 416 45.48 15.20 3.64
CA GLY E 416 46.13 13.91 3.54
C GLY E 416 47.65 14.00 3.55
N GLY E 417 48.20 14.90 4.35
CA GLY E 417 49.64 15.06 4.44
C GLY E 417 50.23 14.51 5.72
N GLY E 418 50.68 15.39 6.60
CA GLY E 418 51.28 14.98 7.86
C GLY E 418 52.78 15.23 7.93
N THR E 422 54.07 20.70 10.87
CA THR E 422 54.37 21.44 9.65
C THR E 422 53.31 22.52 9.47
N LYS E 423 52.20 22.14 8.84
CA LYS E 423 51.03 22.99 8.68
C LYS E 423 49.84 22.08 8.38
N GLU E 424 48.74 22.68 7.96
CA GLU E 424 47.55 21.91 7.63
C GLU E 424 46.82 22.57 6.47
N THR E 425 46.21 21.75 5.63
CA THR E 425 45.51 22.23 4.43
C THR E 425 44.13 21.60 4.40
N PHE E 426 43.11 22.44 4.27
CA PHE E 426 41.72 22.01 4.30
C PHE E 426 41.06 22.30 2.97
N ARG E 427 40.78 21.24 2.20
CA ARG E 427 40.00 21.35 0.99
C ARG E 427 38.53 21.51 1.36
N PRO E 428 37.89 22.60 1.00
CA PRO E 428 36.45 22.70 1.21
C PRO E 428 35.70 21.86 0.18
N GLY E 429 35.10 20.77 0.63
CA GLY E 429 34.44 19.86 -0.29
C GLY E 429 33.52 18.89 0.42
N GLY E 430 32.31 18.72 -0.11
CA GLY E 430 31.34 17.87 0.54
C GLY E 430 31.64 16.39 0.35
N GLY E 431 31.37 15.61 1.40
CA GLY E 431 31.59 14.18 1.34
C GLY E 431 30.39 13.43 0.82
N ASN E 432 29.20 13.88 1.18
CA ASN E 432 27.96 13.24 0.77
C ASN E 432 26.85 14.29 0.84
N MET E 433 25.61 13.82 0.79
CA MET E 433 24.47 14.67 1.10
C MET E 433 23.81 14.31 2.41
N ARG E 434 24.16 13.17 3.01
CA ARG E 434 23.68 12.86 4.35
C ARG E 434 24.31 13.77 5.39
N ASP E 435 25.52 14.26 5.13
CA ASP E 435 26.16 15.21 6.00
C ASP E 435 25.44 16.55 6.00
N ASN E 436 24.70 16.85 4.94
CA ASN E 436 23.87 18.04 4.94
C ASN E 436 22.67 17.91 5.87
N TRP E 437 22.21 16.69 6.14
CA TRP E 437 21.18 16.49 7.15
C TRP E 437 21.76 16.28 8.53
N ARG E 438 23.04 15.96 8.64
CA ARG E 438 23.64 15.69 9.95
C ARG E 438 24.02 16.95 10.71
N SER E 439 23.53 18.12 10.30
CA SER E 439 23.64 19.31 11.12
C SER E 439 22.34 19.64 11.83
N GLU E 440 21.20 19.35 11.23
CA GLU E 440 19.92 19.55 11.88
C GLU E 440 19.48 18.35 12.70
N LEU E 441 20.18 17.23 12.60
CA LEU E 441 19.87 16.03 13.38
C LEU E 441 21.06 15.60 14.22
N TYR E 442 21.85 16.56 14.68
CA TYR E 442 23.03 16.23 15.47
C TYR E 442 22.72 16.02 16.94
N LYS E 443 21.46 16.19 17.35
CA LYS E 443 21.15 16.11 18.76
C LYS E 443 19.85 15.35 19.00
N TYR E 444 19.56 14.36 18.18
CA TYR E 444 18.32 13.60 18.33
C TYR E 444 18.62 12.11 18.21
N LYS E 445 17.99 11.33 19.08
CA LYS E 445 18.06 9.87 19.03
C LYS E 445 16.71 9.31 19.41
N VAL E 446 16.21 8.38 18.63
CA VAL E 446 14.91 7.78 18.91
C VAL E 446 15.09 6.55 19.78
N VAL E 447 14.26 6.44 20.82
CA VAL E 447 14.30 5.31 21.73
C VAL E 447 12.90 4.74 21.89
N GLU E 448 12.84 3.52 22.39
CA GLU E 448 11.59 2.82 22.65
C GLU E 448 11.47 2.63 24.15
N VAL E 449 10.38 3.12 24.72
CA VAL E 449 10.15 2.96 26.15
C VAL E 449 9.71 1.53 26.45
N LYS E 450 10.15 1.02 27.59
CA LYS E 450 9.74 -0.29 28.10
C LYS E 450 9.11 -0.06 29.47
N PRO E 451 7.82 0.24 29.52
CA PRO E 451 7.21 0.71 30.76
C PRO E 451 6.91 -0.36 31.80
N LEU E 452 7.41 -1.59 31.63
CA LEU E 452 7.21 -2.65 32.61
C LEU E 452 8.43 -2.76 33.50
N GLY E 453 8.22 -2.57 34.80
CA GLY E 453 9.29 -2.71 35.78
C GLY E 453 8.96 -3.82 36.75
N ILE E 454 10.00 -4.39 37.35
CA ILE E 454 9.87 -5.52 38.26
C ILE E 454 10.73 -5.23 39.48
N ALA E 455 10.13 -5.23 40.67
CA ALA E 455 10.86 -4.91 41.87
C ALA E 455 10.37 -5.78 43.02
N PRO E 456 11.24 -6.10 43.98
CA PRO E 456 10.76 -6.76 45.20
C PRO E 456 10.23 -5.76 46.21
N THR E 457 9.18 -6.17 46.92
CA THR E 457 8.57 -5.32 47.93
C THR E 457 7.99 -6.21 49.03
N GLU E 458 7.27 -5.60 49.97
CA GLU E 458 6.76 -6.33 51.13
C GLU E 458 5.45 -7.06 50.82
N CYS E 459 4.63 -6.53 49.94
CA CYS E 459 3.29 -7.07 49.74
C CYS E 459 3.32 -8.41 49.03
N ASN E 460 2.30 -9.22 49.30
CA ASN E 460 2.02 -10.40 48.50
C ASN E 460 0.52 -10.45 48.23
N ARG E 461 0.14 -11.16 47.17
CA ARG E 461 -1.25 -11.27 46.78
C ARG E 461 -1.97 -12.16 47.79
N THR E 462 -2.61 -11.56 48.77
CA THR E 462 -3.29 -12.32 49.81
C THR E 462 -4.61 -12.85 49.30
N VAL F 3 -5.90 9.92 20.77
CA VAL F 3 -4.88 10.91 21.09
C VAL F 3 -4.08 10.43 22.29
N GLY F 4 -4.79 9.91 23.29
CA GLY F 4 -4.15 9.42 24.49
C GLY F 4 -3.73 7.98 24.38
N LEU F 5 -2.99 7.66 23.32
CA LEU F 5 -2.47 6.32 23.08
C LEU F 5 -0.96 6.23 23.21
N GLY F 6 -0.25 7.34 23.09
CA GLY F 6 1.19 7.35 23.32
C GLY F 6 1.65 8.55 24.12
N ALA F 7 0.72 9.46 24.40
CA ALA F 7 1.03 10.61 25.24
C ALA F 7 1.32 10.17 26.67
N VAL F 8 0.64 9.12 27.12
CA VAL F 8 0.92 8.57 28.44
C VAL F 8 2.25 7.83 28.44
N PHE F 9 2.63 7.25 27.29
CA PHE F 9 3.93 6.60 27.19
C PHE F 9 5.05 7.61 27.30
N LEU F 10 4.89 8.78 26.69
CA LEU F 10 5.85 9.86 26.88
C LEU F 10 5.78 10.45 28.27
N GLY F 11 4.59 10.46 28.88
CA GLY F 11 4.42 10.99 30.21
C GLY F 11 4.99 10.12 31.31
N PHE F 12 5.28 8.85 31.02
CA PHE F 12 5.91 7.99 32.01
C PHE F 12 7.35 8.38 32.30
N LEU F 13 7.99 9.12 31.40
CA LEU F 13 9.41 9.42 31.50
C LEU F 13 9.71 10.61 32.42
N GLY F 14 8.76 11.06 33.22
CA GLY F 14 9.04 12.10 34.19
C GLY F 14 9.91 11.56 35.30
N ALA F 15 10.97 12.30 35.63
CA ALA F 15 11.97 11.96 36.65
C ALA F 15 12.62 10.60 36.37
N ALA F 16 13.25 10.51 35.21
CA ALA F 16 13.93 9.28 34.81
C ALA F 16 15.30 9.13 35.42
N GLY F 17 15.72 10.04 36.29
CA GLY F 17 17.01 9.93 36.94
C GLY F 17 16.86 9.92 38.45
N SER F 18 15.62 9.99 38.91
CA SER F 18 15.38 10.00 40.34
C SER F 18 15.50 8.60 40.91
N THR F 19 15.44 8.51 42.23
CA THR F 19 15.49 7.22 42.91
C THR F 19 14.21 6.44 42.67
N MET F 20 14.29 5.12 42.89
CA MET F 20 13.15 4.25 42.64
C MET F 20 12.03 4.49 43.65
N GLY F 21 12.38 4.92 44.85
CA GLY F 21 11.39 5.27 45.86
C GLY F 21 10.82 6.66 45.72
N ALA F 22 11.22 7.39 44.68
CA ALA F 22 10.67 8.71 44.41
C ALA F 22 9.82 8.77 43.15
N ALA F 23 9.97 7.80 42.24
CA ALA F 23 9.18 7.82 41.01
C ALA F 23 7.72 7.50 41.30
N SER F 24 7.43 6.79 42.39
CA SER F 24 6.06 6.61 42.84
C SER F 24 5.57 7.77 43.67
N ASN F 25 6.44 8.72 44.03
CA ASN F 25 6.07 9.89 44.81
C ASN F 25 6.10 11.17 43.99
N THR F 26 7.17 11.39 43.23
CA THR F 26 7.35 12.62 42.45
C THR F 26 6.69 12.55 41.08
N LEU F 27 5.72 11.65 40.88
CA LEU F 27 4.90 11.71 39.68
C LEU F 27 3.69 12.60 39.87
N THR F 28 3.14 12.65 41.08
CA THR F 28 2.01 13.52 41.36
C THR F 28 2.41 14.99 41.42
N VAL F 29 3.69 15.29 41.64
CA VAL F 29 4.13 16.68 41.64
C VAL F 29 4.21 17.23 40.22
N GLN F 30 4.36 16.38 39.21
CA GLN F 30 4.43 16.83 37.83
C GLN F 30 3.16 16.56 37.04
N ALA F 31 2.27 15.70 37.54
CA ALA F 31 1.02 15.41 36.86
C ALA F 31 -0.10 16.36 37.26
N ARG F 32 0.22 17.49 37.89
CA ARG F 32 -0.81 18.44 38.28
C ARG F 32 -1.37 19.18 37.06
N GLN F 33 -0.53 19.51 36.09
CA GLN F 33 -0.96 20.24 34.91
C GLN F 33 -0.17 19.82 33.68
N LEU F 58 -3.02 7.75 -1.80
CA LEU F 58 -1.83 6.99 -1.47
C LEU F 58 -0.58 7.82 -1.78
N GLY F 59 0.00 8.42 -0.75
CA GLY F 59 1.28 9.08 -0.87
C GLY F 59 2.39 8.26 -0.22
N VAL F 60 3.57 8.89 -0.14
CA VAL F 60 4.65 8.30 0.64
C VAL F 60 4.33 8.40 2.13
N TRP F 61 3.94 9.59 2.58
CA TRP F 61 3.53 9.78 3.96
C TRP F 61 2.24 9.04 4.29
N GLY F 62 1.39 8.79 3.29
CA GLY F 62 0.23 7.95 3.50
C GLY F 62 0.55 6.52 3.84
N PHE F 63 1.74 6.05 3.45
CA PHE F 63 2.22 4.74 3.87
C PHE F 63 3.06 4.79 5.13
N LYS F 64 3.78 5.88 5.35
CA LYS F 64 4.56 6.02 6.58
C LYS F 64 3.64 6.15 7.79
N GLN F 65 2.51 6.84 7.64
CA GLN F 65 1.59 6.99 8.76
C GLN F 65 0.88 5.69 9.07
N LEU F 66 0.58 4.88 8.06
CA LEU F 66 -0.03 3.58 8.29
C LEU F 66 0.94 2.62 8.97
N GLN F 67 2.19 2.61 8.50
CA GLN F 67 3.23 1.80 9.15
C GLN F 67 3.52 2.27 10.56
N ALA F 68 3.33 3.56 10.85
CA ALA F 68 3.49 4.05 12.21
C ALA F 68 2.32 3.66 13.09
N ARG F 69 1.09 3.72 12.57
CA ARG F 69 -0.08 3.47 13.40
C ARG F 69 -0.21 2.00 13.77
N VAL F 70 0.19 1.10 12.88
CA VAL F 70 0.14 -0.33 13.21
C VAL F 70 1.15 -0.65 14.31
N LEU F 71 2.34 -0.06 14.25
CA LEU F 71 3.32 -0.25 15.31
C LEU F 71 2.89 0.39 16.62
N ALA F 72 2.19 1.52 16.57
CA ALA F 72 1.72 2.15 17.79
C ALA F 72 0.64 1.31 18.47
N ILE F 73 -0.18 0.63 17.67
CA ILE F 73 -1.19 -0.25 18.24
C ILE F 73 -0.53 -1.51 18.81
N GLU F 74 0.45 -2.05 18.08
CA GLU F 74 1.08 -3.30 18.48
C GLU F 74 1.92 -3.16 19.75
N ARG F 75 2.57 -2.02 19.95
CA ARG F 75 3.33 -1.81 21.17
C ARG F 75 2.42 -1.69 22.39
N TYR F 76 1.20 -1.21 22.20
CA TYR F 76 0.27 -1.14 23.32
C TYR F 76 -0.35 -2.50 23.61
N LEU F 77 -0.66 -3.27 22.57
CA LEU F 77 -1.30 -4.56 22.79
C LEU F 77 -0.33 -5.60 23.33
N GLU F 78 0.97 -5.47 23.03
CA GLU F 78 1.94 -6.41 23.56
C GLU F 78 2.08 -6.28 25.07
N VAL F 79 2.19 -5.04 25.56
CA VAL F 79 2.24 -4.83 27.00
C VAL F 79 0.88 -5.08 27.65
N GLN F 80 -0.21 -4.99 26.89
CA GLN F 80 -1.51 -5.30 27.46
C GLN F 80 -1.69 -6.79 27.68
N GLN F 81 -1.25 -7.62 26.72
CA GLN F 81 -1.31 -9.06 26.93
C GLN F 81 -0.33 -9.50 28.01
N LEU F 82 0.83 -8.86 28.09
CA LEU F 82 1.79 -9.17 29.14
C LEU F 82 1.26 -8.80 30.51
N LEU F 83 0.42 -7.77 30.60
CA LEU F 83 -0.26 -7.51 31.86
C LEU F 83 -1.40 -8.49 32.09
N GLY F 84 -2.16 -8.81 31.05
CA GLY F 84 -3.34 -9.64 31.19
C GLY F 84 -3.08 -11.07 31.57
N MET F 85 -1.86 -11.56 31.35
CA MET F 85 -1.53 -12.91 31.77
C MET F 85 -1.19 -13.01 33.25
N TRP F 86 -1.07 -11.90 33.97
CA TRP F 86 -0.63 -11.92 35.36
C TRP F 86 -1.72 -11.50 36.33
N GLY F 87 -2.99 -11.68 35.95
CA GLY F 87 -4.08 -11.42 36.88
C GLY F 87 -4.34 -9.97 37.19
N CYS F 88 -3.79 -9.05 36.40
CA CYS F 88 -4.03 -7.64 36.62
C CYS F 88 -3.97 -6.91 35.28
N SER F 89 -5.10 -6.36 34.86
CA SER F 89 -5.26 -5.81 33.53
C SER F 89 -5.69 -4.36 33.61
N GLY F 90 -4.95 -3.55 34.35
CA GLY F 90 -5.31 -2.16 34.57
C GLY F 90 -4.91 -1.70 35.95
N LYS F 91 -4.48 -2.64 36.78
CA LYS F 91 -3.83 -2.28 38.04
C LYS F 91 -2.45 -1.74 37.74
N LEU F 92 -2.11 -0.60 38.33
CA LEU F 92 -0.78 -0.03 38.11
C LEU F 92 0.25 -0.74 38.97
N ILE F 93 0.12 -0.64 40.30
CA ILE F 93 1.02 -1.36 41.20
C ILE F 93 0.34 -2.70 41.48
N CYS F 94 0.53 -3.63 40.55
CA CYS F 94 -0.04 -4.95 40.68
C CYS F 94 0.87 -5.79 41.58
N CYS F 95 0.27 -6.41 42.60
CA CYS F 95 1.02 -7.11 43.63
C CYS F 95 0.77 -8.60 43.50
N THR F 96 1.82 -9.36 43.19
CA THR F 96 1.68 -10.77 42.87
C THR F 96 2.30 -11.67 43.92
N ASN F 97 1.82 -12.90 43.97
CA ASN F 97 2.22 -13.88 44.98
C ASN F 97 3.26 -14.84 44.40
N VAL F 98 4.45 -14.29 44.15
CA VAL F 98 5.61 -15.06 43.71
C VAL F 98 6.75 -14.77 44.66
N PRO F 99 7.39 -15.78 45.24
CA PRO F 99 8.53 -15.51 46.12
C PRO F 99 9.73 -14.98 45.36
N TRP F 100 10.51 -14.14 46.04
CA TRP F 100 11.65 -13.50 45.42
C TRP F 100 12.85 -14.44 45.48
N ASN F 101 13.23 -14.99 44.33
CA ASN F 101 14.44 -15.80 44.25
C ASN F 101 15.66 -14.89 44.33
N SER F 102 16.51 -15.12 45.31
CA SER F 102 17.65 -14.24 45.57
C SER F 102 18.86 -14.56 44.71
N SER F 103 18.75 -15.48 43.76
CA SER F 103 19.80 -15.65 42.77
C SER F 103 19.71 -14.62 41.66
N TRP F 104 18.61 -13.87 41.59
CA TRP F 104 18.48 -12.79 40.63
C TRP F 104 19.08 -11.49 41.15
N SER F 105 18.82 -11.16 42.41
CA SER F 105 19.45 -10.03 43.07
C SER F 105 19.66 -10.38 44.54
N ASN F 106 20.63 -9.71 45.15
CA ASN F 106 20.97 -9.99 46.54
C ASN F 106 20.84 -8.77 47.44
N LYS F 107 20.50 -7.61 46.89
CA LYS F 107 20.35 -6.42 47.71
C LYS F 107 18.97 -6.39 48.35
N THR F 108 18.89 -5.73 49.50
CA THR F 108 17.66 -5.69 50.28
C THR F 108 16.69 -4.67 49.69
N TYR F 109 15.56 -4.45 50.37
CA TYR F 109 14.58 -3.50 49.88
C TYR F 109 15.06 -2.07 50.06
N ASN F 110 15.64 -1.75 51.22
CA ASN F 110 16.11 -0.40 51.49
C ASN F 110 17.34 -0.04 50.66
N GLU F 111 18.09 -1.04 50.20
CA GLU F 111 19.25 -0.76 49.37
C GLU F 111 18.83 -0.51 47.92
N ILE F 112 17.84 -1.25 47.43
CA ILE F 112 17.40 -1.09 46.05
C ILE F 112 16.56 0.17 45.89
N TRP F 113 15.53 0.32 46.72
CA TRP F 113 14.49 1.30 46.44
C TRP F 113 14.90 2.73 46.76
N ASP F 114 15.98 2.94 47.51
CA ASP F 114 16.39 4.28 47.88
C ASP F 114 17.76 4.68 47.34
N ASN F 115 18.49 3.75 46.69
CA ASN F 115 19.84 4.01 46.24
C ASN F 115 20.04 3.48 44.83
N MET F 116 19.05 3.66 43.97
CA MET F 116 19.11 3.21 42.58
C MET F 116 18.05 3.96 41.79
N THR F 117 18.35 4.20 40.51
CA THR F 117 17.35 4.72 39.60
C THR F 117 16.74 3.57 38.81
N TRP F 118 15.63 3.87 38.14
CA TRP F 118 14.86 2.81 37.49
C TRP F 118 15.56 2.31 36.23
N MET F 119 16.39 3.14 35.62
CA MET F 119 17.16 2.68 34.47
C MET F 119 18.30 1.75 34.89
N GLN F 120 18.86 1.98 36.07
CA GLN F 120 19.95 1.14 36.54
C GLN F 120 19.47 -0.23 37.01
N TRP F 121 18.20 -0.37 37.34
CA TRP F 121 17.69 -1.66 37.79
C TRP F 121 17.65 -2.67 36.65
N ASP F 122 17.43 -2.19 35.42
CA ASP F 122 17.31 -3.07 34.27
C ASP F 122 18.64 -3.71 33.87
N ARG F 123 19.76 -3.30 34.47
CA ARG F 123 20.99 -4.01 34.25
C ARG F 123 21.07 -5.27 35.10
N GLU F 124 20.68 -5.17 36.38
CA GLU F 124 20.76 -6.33 37.26
C GLU F 124 19.67 -7.34 36.94
N ILE F 125 18.46 -6.88 36.65
CA ILE F 125 17.37 -7.81 36.35
C ILE F 125 17.36 -8.23 34.89
N GLY F 126 18.27 -7.69 34.07
CA GLY F 126 18.21 -7.79 32.63
C GLY F 126 18.49 -9.16 32.04
N ASN F 127 18.87 -10.15 32.84
CA ASN F 127 19.11 -11.48 32.32
C ASN F 127 18.21 -12.54 32.93
N TYR F 128 17.28 -12.16 33.80
CA TYR F 128 16.31 -13.11 34.36
C TYR F 128 14.88 -12.69 34.00
N THR F 129 14.68 -12.09 32.84
CA THR F 129 13.37 -11.53 32.52
C THR F 129 12.36 -12.62 32.16
N ASP F 130 12.72 -13.49 31.22
CA ASP F 130 11.77 -14.49 30.72
C ASP F 130 11.46 -15.57 31.74
N THR F 131 12.43 -15.94 32.57
CA THR F 131 12.17 -16.90 33.63
C THR F 131 11.31 -16.33 34.75
N ILE F 132 11.21 -15.01 34.86
CA ILE F 132 10.25 -14.40 35.77
C ILE F 132 8.88 -14.28 35.12
N TYR F 133 8.87 -14.02 33.81
CA TYR F 133 7.60 -13.86 33.09
C TYR F 133 6.81 -15.17 33.05
N LYS F 134 7.48 -16.27 32.70
CA LYS F 134 6.79 -17.57 32.66
C LYS F 134 6.41 -18.05 34.05
N LEU F 135 7.23 -17.73 35.05
CA LEU F 135 6.90 -18.06 36.44
C LEU F 135 5.69 -17.29 36.93
N LEU F 136 5.57 -16.02 36.55
CA LEU F 136 4.40 -15.24 36.91
C LEU F 136 3.15 -15.76 36.21
N GLU F 137 3.29 -16.23 34.98
CA GLU F 137 2.15 -16.75 34.24
C GLU F 137 1.61 -18.03 34.86
N VAL F 138 2.50 -18.97 35.20
CA VAL F 138 2.03 -20.21 35.79
C VAL F 138 1.58 -20.02 37.24
N SER F 139 2.17 -19.07 37.97
CA SER F 139 1.71 -18.81 39.33
C SER F 139 0.40 -18.04 39.35
N GLN F 140 0.04 -17.39 38.25
CA GLN F 140 -1.31 -16.86 38.13
C GLN F 140 -2.30 -17.90 37.66
N PHE F 141 -1.85 -18.87 36.86
CA PHE F 141 -2.72 -19.95 36.41
C PHE F 141 -3.13 -20.84 37.57
N GLN F 142 -2.25 -21.02 38.56
CA GLN F 142 -2.58 -21.80 39.74
C GLN F 142 -3.69 -21.16 40.57
N GLN F 143 -3.79 -19.83 40.55
CA GLN F 143 -4.86 -19.16 41.28
C GLN F 143 -6.22 -19.42 40.67
N GLU F 144 -6.30 -19.58 39.35
CA GLU F 144 -7.57 -19.89 38.73
C GLU F 144 -7.94 -21.36 38.90
N ILE F 145 -6.94 -22.24 38.91
CA ILE F 145 -7.24 -23.67 39.05
C ILE F 145 -7.66 -23.99 40.48
N ASN F 146 -6.95 -23.44 41.46
CA ASN F 146 -7.08 -23.93 42.84
C ASN F 146 -8.36 -23.45 43.50
N GLU F 147 -8.50 -22.14 43.69
CA GLU F 147 -9.47 -21.64 44.66
C GLU F 147 -10.87 -21.44 44.09
N LYS F 148 -10.99 -21.15 42.79
CA LYS F 148 -12.26 -20.68 42.26
C LYS F 148 -13.27 -21.81 42.12
N ASP F 149 -13.00 -22.76 41.27
CA ASP F 149 -13.96 -23.82 40.95
C ASP F 149 -13.42 -25.21 41.16
N ASN F 150 -12.15 -25.45 40.83
CA ASN F 150 -11.58 -26.77 40.91
C ASN F 150 -10.64 -26.90 42.11
#